data_5QXL
# 
_entry.id   5QXL 
# 
_audit_conform.dict_name       mmcif_pdbx.dic 
_audit_conform.dict_version    5.387 
_audit_conform.dict_location   http://mmcif.pdb.org/dictionaries/ascii/mmcif_pdbx.dic 
# 
loop_
_database_2.database_id 
_database_2.database_code 
_database_2.pdbx_database_accession 
_database_2.pdbx_DOI 
PDB   5QXL         pdb_00005qxl 10.2210/pdb5qxl/pdb 
WWPDB D_1001402442 ?            ?                   
# 
loop_
_pdbx_audit_revision_history.ordinal 
_pdbx_audit_revision_history.data_content_type 
_pdbx_audit_revision_history.major_revision 
_pdbx_audit_revision_history.minor_revision 
_pdbx_audit_revision_history.revision_date 
1 'Structure model' 1 0 2020-04-08 
2 'Structure model' 1 1 2024-03-06 
# 
_pdbx_audit_revision_details.ordinal             1 
_pdbx_audit_revision_details.revision_ordinal    1 
_pdbx_audit_revision_details.data_content_type   'Structure model' 
_pdbx_audit_revision_details.provider            repository 
_pdbx_audit_revision_details.type                'Initial release' 
_pdbx_audit_revision_details.description         ? 
_pdbx_audit_revision_details.details             ? 
# 
loop_
_pdbx_audit_revision_group.ordinal 
_pdbx_audit_revision_group.revision_ordinal 
_pdbx_audit_revision_group.data_content_type 
_pdbx_audit_revision_group.group 
1 2 'Structure model' 'Data collection'     
2 2 'Structure model' 'Database references' 
# 
loop_
_pdbx_audit_revision_category.ordinal 
_pdbx_audit_revision_category.revision_ordinal 
_pdbx_audit_revision_category.data_content_type 
_pdbx_audit_revision_category.category 
1 2 'Structure model' chem_comp_atom 
2 2 'Structure model' chem_comp_bond 
3 2 'Structure model' database_2     
# 
loop_
_pdbx_audit_revision_item.ordinal 
_pdbx_audit_revision_item.revision_ordinal 
_pdbx_audit_revision_item.data_content_type 
_pdbx_audit_revision_item.item 
1 2 'Structure model' '_database_2.pdbx_DOI'                
2 2 'Structure model' '_database_2.pdbx_database_accession' 
# 
_pdbx_database_status.entry_id                        5QXL 
_pdbx_database_status.status_code                     REL 
_pdbx_database_status.status_code_sf                  REL 
_pdbx_database_status.status_code_mr                  ? 
_pdbx_database_status.status_code_cs                  ? 
_pdbx_database_status.recvd_initial_deposition_date   2020-02-11 
_pdbx_database_status.deposit_site                    RCSB 
_pdbx_database_status.process_site                    RCSB 
_pdbx_database_status.SG_entry                        ? 
_pdbx_database_status.pdb_format_compatible           Y 
_pdbx_database_status.methods_development_category    ? 
_pdbx_database_status.status_code_nmr_data            ? 
# 
loop_
_audit_author.name 
_audit_author.pdbx_ordinal 
'Snee, M.'         1 
'Talon, R.'        2 
'Fowley, D.'       3 
'Collins, P.'      4 
'Nelson, A.'       5 
'Arrowsmith, C.H.' 6 
'Bountra, C.'      7 
'Edwards, A.'      8 
'Von-Delft, F.'    9 
# 
_citation.id                        primary 
_citation.title                     'PanDDA analysis group deposition - Bromodomain of human ATAD2 fragment screening' 
_citation.journal_abbrev            'To Be Published' 
_citation.journal_volume            ? 
_citation.page_first                ? 
_citation.page_last                 ? 
_citation.year                      ? 
_citation.journal_id_ASTM           ? 
_citation.country                   ? 
_citation.journal_id_ISSN           ? 
_citation.journal_id_CSD            0353 
_citation.book_publisher            ? 
_citation.pdbx_database_id_PubMed   ? 
_citation.pdbx_database_id_DOI      ? 
# 
loop_
_citation_author.citation_id 
_citation_author.name 
_citation_author.identifier_ORCID 
_citation_author.ordinal 
primary 'Snee, M.'         ? 1 
primary 'Talon, R.'        ? 2 
primary 'Fowley, D.'       ? 3 
primary 'Collins, P.'      ? 4 
primary 'Nelson, A.'       ? 5 
primary 'Arrowsmith, C.H.' ? 6 
primary 'Bountra, C.'      ? 7 
primary 'Edwards, A.'      ? 8 
primary 'Von-Delft, F.'    ? 9 
# 
loop_
_entity.id 
_entity.type 
_entity.src_method 
_entity.pdbx_description 
_entity.formula_weight 
_entity.pdbx_number_of_molecules 
_entity.pdbx_ec 
_entity.pdbx_mutation 
_entity.pdbx_fragment 
_entity.details 
1 polymer     man 'ATPase family AAA domain-containing protein 2'                                                              
15512.562 1   3.6.1.3 ? ? ? 
2 non-polymer syn 'cyclobutyl[(2S,3aS,6aS)-6a-(2-hydroxyethyl)-2-(hydroxymethyl)hexahydro-5H-furo[2,3-c]pyrrol-5-yl]methanone' 
269.337   1   ?       ? ? ? 
3 non-polymer syn 'SULFATE ION'                                                                                                
96.063    2   ?       ? ? ? 
4 non-polymer syn 1,2-ETHANEDIOL                                                                                               
62.068    3   ?       ? ? ? 
5 water       nat water                                                                                                        
18.015    224 ?       ? ? ? 
# 
_entity_name_com.entity_id   1 
_entity_name_com.name        'AAA nuclear coregulator cancer-associated protein,ANCCA' 
# 
_entity_poly.entity_id                      1 
_entity_poly.type                           'polypeptide(L)' 
_entity_poly.nstd_linkage                   no 
_entity_poly.nstd_monomer                   no 
_entity_poly.pdbx_seq_one_letter_code       
;SMQEEDTFRELRIFLRNVTHRLAIDKRFRVFTKPVDPDEVPDYRTVIKEPMDLSSVISKIDLHKYLTVKDYLRDIDLICS
NALEYNPDRDPGDRLIRHRACALRDTAYAIIKEELDEDFEQLCEEIQESR
;
_entity_poly.pdbx_seq_one_letter_code_can   
;SMQEEDTFRELRIFLRNVTHRLAIDKRFRVFTKPVDPDEVPDYRTVIKEPMDLSSVISKIDLHKYLTVKDYLRDIDLICS
NALEYNPDRDPGDRLIRHRACALRDTAYAIIKEELDEDFEQLCEEIQESR
;
_entity_poly.pdbx_strand_id                 A 
_entity_poly.pdbx_target_identifier         ? 
# 
loop_
_pdbx_entity_nonpoly.entity_id 
_pdbx_entity_nonpoly.name 
_pdbx_entity_nonpoly.comp_id 
2 'cyclobutyl[(2S,3aS,6aS)-6a-(2-hydroxyethyl)-2-(hydroxymethyl)hexahydro-5H-furo[2,3-c]pyrrol-5-yl]methanone' RGD 
3 'SULFATE ION'                                                                                                SO4 
4 1,2-ETHANEDIOL                                                                                               EDO 
5 water                                                                                                        HOH 
# 
loop_
_entity_poly_seq.entity_id 
_entity_poly_seq.num 
_entity_poly_seq.mon_id 
_entity_poly_seq.hetero 
1 1   SER n 
1 2   MET n 
1 3   GLN n 
1 4   GLU n 
1 5   GLU n 
1 6   ASP n 
1 7   THR n 
1 8   PHE n 
1 9   ARG n 
1 10  GLU n 
1 11  LEU n 
1 12  ARG n 
1 13  ILE n 
1 14  PHE n 
1 15  LEU n 
1 16  ARG n 
1 17  ASN n 
1 18  VAL n 
1 19  THR n 
1 20  HIS n 
1 21  ARG n 
1 22  LEU n 
1 23  ALA n 
1 24  ILE n 
1 25  ASP n 
1 26  LYS n 
1 27  ARG n 
1 28  PHE n 
1 29  ARG n 
1 30  VAL n 
1 31  PHE n 
1 32  THR n 
1 33  LYS n 
1 34  PRO n 
1 35  VAL n 
1 36  ASP n 
1 37  PRO n 
1 38  ASP n 
1 39  GLU n 
1 40  VAL n 
1 41  PRO n 
1 42  ASP n 
1 43  TYR n 
1 44  ARG n 
1 45  THR n 
1 46  VAL n 
1 47  ILE n 
1 48  LYS n 
1 49  GLU n 
1 50  PRO n 
1 51  MET n 
1 52  ASP n 
1 53  LEU n 
1 54  SER n 
1 55  SER n 
1 56  VAL n 
1 57  ILE n 
1 58  SER n 
1 59  LYS n 
1 60  ILE n 
1 61  ASP n 
1 62  LEU n 
1 63  HIS n 
1 64  LYS n 
1 65  TYR n 
1 66  LEU n 
1 67  THR n 
1 68  VAL n 
1 69  LYS n 
1 70  ASP n 
1 71  TYR n 
1 72  LEU n 
1 73  ARG n 
1 74  ASP n 
1 75  ILE n 
1 76  ASP n 
1 77  LEU n 
1 78  ILE n 
1 79  CYS n 
1 80  SER n 
1 81  ASN n 
1 82  ALA n 
1 83  LEU n 
1 84  GLU n 
1 85  TYR n 
1 86  ASN n 
1 87  PRO n 
1 88  ASP n 
1 89  ARG n 
1 90  ASP n 
1 91  PRO n 
1 92  GLY n 
1 93  ASP n 
1 94  ARG n 
1 95  LEU n 
1 96  ILE n 
1 97  ARG n 
1 98  HIS n 
1 99  ARG n 
1 100 ALA n 
1 101 CYS n 
1 102 ALA n 
1 103 LEU n 
1 104 ARG n 
1 105 ASP n 
1 106 THR n 
1 107 ALA n 
1 108 TYR n 
1 109 ALA n 
1 110 ILE n 
1 111 ILE n 
1 112 LYS n 
1 113 GLU n 
1 114 GLU n 
1 115 LEU n 
1 116 ASP n 
1 117 GLU n 
1 118 ASP n 
1 119 PHE n 
1 120 GLU n 
1 121 GLN n 
1 122 LEU n 
1 123 CYS n 
1 124 GLU n 
1 125 GLU n 
1 126 ILE n 
1 127 GLN n 
1 128 GLU n 
1 129 SER n 
1 130 ARG n 
# 
_entity_src_gen.entity_id                          1 
_entity_src_gen.pdbx_src_id                        1 
_entity_src_gen.pdbx_alt_source_flag               sample 
_entity_src_gen.pdbx_seq_type                      'Biological sequence' 
_entity_src_gen.pdbx_beg_seq_num                   1 
_entity_src_gen.pdbx_end_seq_num                   130 
_entity_src_gen.gene_src_common_name               Human 
_entity_src_gen.gene_src_genus                     ? 
_entity_src_gen.pdbx_gene_src_gene                 'ATAD2, L16, PRO2000' 
_entity_src_gen.gene_src_species                   ? 
_entity_src_gen.gene_src_strain                    ? 
_entity_src_gen.gene_src_tissue                    ? 
_entity_src_gen.gene_src_tissue_fraction           ? 
_entity_src_gen.gene_src_details                   ? 
_entity_src_gen.pdbx_gene_src_fragment             ? 
_entity_src_gen.pdbx_gene_src_scientific_name      'Homo sapiens' 
_entity_src_gen.pdbx_gene_src_ncbi_taxonomy_id     9606 
_entity_src_gen.pdbx_gene_src_variant              ? 
_entity_src_gen.pdbx_gene_src_cell_line            ? 
_entity_src_gen.pdbx_gene_src_atcc                 ? 
_entity_src_gen.pdbx_gene_src_organ                ? 
_entity_src_gen.pdbx_gene_src_organelle            ? 
_entity_src_gen.pdbx_gene_src_cell                 ? 
_entity_src_gen.pdbx_gene_src_cellular_location    ? 
_entity_src_gen.host_org_common_name               ? 
_entity_src_gen.pdbx_host_org_scientific_name      'Escherichia coli' 
_entity_src_gen.pdbx_host_org_ncbi_taxonomy_id     562 
_entity_src_gen.host_org_genus                     ? 
_entity_src_gen.pdbx_host_org_gene                 ? 
_entity_src_gen.pdbx_host_org_organ                ? 
_entity_src_gen.host_org_species                   ? 
_entity_src_gen.pdbx_host_org_tissue               ? 
_entity_src_gen.pdbx_host_org_tissue_fraction      ? 
_entity_src_gen.pdbx_host_org_strain               ? 
_entity_src_gen.pdbx_host_org_variant              ? 
_entity_src_gen.pdbx_host_org_cell_line            ? 
_entity_src_gen.pdbx_host_org_atcc                 ? 
_entity_src_gen.pdbx_host_org_culture_collection   ? 
_entity_src_gen.pdbx_host_org_cell                 ? 
_entity_src_gen.pdbx_host_org_organelle            ? 
_entity_src_gen.pdbx_host_org_cellular_location    ? 
_entity_src_gen.pdbx_host_org_vector_type          ? 
_entity_src_gen.pdbx_host_org_vector               ? 
_entity_src_gen.host_org_details                   ? 
_entity_src_gen.expression_system_id               ? 
_entity_src_gen.plasmid_name                       ? 
_entity_src_gen.plasmid_details                    ? 
_entity_src_gen.pdbx_description                   ? 
# 
loop_
_chem_comp.id 
_chem_comp.type 
_chem_comp.mon_nstd_flag 
_chem_comp.name 
_chem_comp.pdbx_synonyms 
_chem_comp.formula 
_chem_comp.formula_weight 
ALA 'L-peptide linking' y ALANINE ?                 'C3 H7 N O2'     89.093  
ARG 'L-peptide linking' y ARGININE ?                 'C6 H15 N4 O2 1' 175.209 
ASN 'L-peptide linking' y ASPARAGINE ?                 'C4 H8 N2 O3'    132.118 
ASP 'L-peptide linking' y 'ASPARTIC ACID' ?                 'C4 H7 N O4'     133.103 
CYS 'L-peptide linking' y CYSTEINE ?                 'C3 H7 N O2 S'   121.158 
EDO non-polymer         . 1,2-ETHANEDIOL 'ETHYLENE GLYCOL' 'C2 H6 O2'       62.068  
GLN 'L-peptide linking' y GLUTAMINE ?                 'C5 H10 N2 O3'   146.144 
GLU 'L-peptide linking' y 'GLUTAMIC ACID' ?                 'C5 H9 N O4'     147.129 
GLY 'peptide linking'   y GLYCINE ?                 'C2 H5 N O2'     75.067  
HIS 'L-peptide linking' y HISTIDINE ?                 'C6 H10 N3 O2 1' 156.162 
HOH non-polymer         . WATER ?                 'H2 O'           18.015  
ILE 'L-peptide linking' y ISOLEUCINE ?                 'C6 H13 N O2'    131.173 
LEU 'L-peptide linking' y LEUCINE ?                 'C6 H13 N O2'    131.173 
LYS 'L-peptide linking' y LYSINE ?                 'C6 H15 N2 O2 1' 147.195 
MET 'L-peptide linking' y METHIONINE ?                 'C5 H11 N O2 S'  149.211 
PHE 'L-peptide linking' y PHENYLALANINE ?                 'C9 H11 N O2'    165.189 
PRO 'L-peptide linking' y PROLINE ?                 'C5 H9 N O2'     115.130 
RGD non-polymer         . 
'cyclobutyl[(2S,3aS,6aS)-6a-(2-hydroxyethyl)-2-(hydroxymethyl)hexahydro-5H-furo[2,3-c]pyrrol-5-yl]methanone' ?                 
'C14 H23 N O4'   269.337 
SER 'L-peptide linking' y SERINE ?                 'C3 H7 N O3'     105.093 
SO4 non-polymer         . 'SULFATE ION' ?                 'O4 S -2'        96.063  
THR 'L-peptide linking' y THREONINE ?                 'C4 H9 N O3'     119.119 
TYR 'L-peptide linking' y TYROSINE ?                 'C9 H11 N O3'    181.189 
VAL 'L-peptide linking' y VALINE ?                 'C5 H11 N O2'    117.146 
# 
loop_
_pdbx_poly_seq_scheme.asym_id 
_pdbx_poly_seq_scheme.entity_id 
_pdbx_poly_seq_scheme.seq_id 
_pdbx_poly_seq_scheme.mon_id 
_pdbx_poly_seq_scheme.ndb_seq_num 
_pdbx_poly_seq_scheme.pdb_seq_num 
_pdbx_poly_seq_scheme.auth_seq_num 
_pdbx_poly_seq_scheme.pdb_mon_id 
_pdbx_poly_seq_scheme.auth_mon_id 
_pdbx_poly_seq_scheme.pdb_strand_id 
_pdbx_poly_seq_scheme.pdb_ins_code 
_pdbx_poly_seq_scheme.hetero 
A 1 1   SER 1   979  979  SER SER A . n 
A 1 2   MET 2   980  980  MET MET A . n 
A 1 3   GLN 3   981  981  GLN GLN A . n 
A 1 4   GLU 4   982  982  GLU GLU A . n 
A 1 5   GLU 5   983  983  GLU GLU A . n 
A 1 6   ASP 6   984  984  ASP ASP A . n 
A 1 7   THR 7   985  985  THR THR A . n 
A 1 8   PHE 8   986  986  PHE PHE A . n 
A 1 9   ARG 9   987  987  ARG ARG A . n 
A 1 10  GLU 10  988  988  GLU GLU A . n 
A 1 11  LEU 11  989  989  LEU LEU A . n 
A 1 12  ARG 12  990  990  ARG ARG A . n 
A 1 13  ILE 13  991  991  ILE ILE A . n 
A 1 14  PHE 14  992  992  PHE PHE A . n 
A 1 15  LEU 15  993  993  LEU LEU A . n 
A 1 16  ARG 16  994  994  ARG ARG A . n 
A 1 17  ASN 17  995  995  ASN ASN A . n 
A 1 18  VAL 18  996  996  VAL VAL A . n 
A 1 19  THR 19  997  997  THR THR A . n 
A 1 20  HIS 20  998  998  HIS HIS A . n 
A 1 21  ARG 21  999  999  ARG ARG A . n 
A 1 22  LEU 22  1000 1000 LEU LEU A . n 
A 1 23  ALA 23  1001 1001 ALA ALA A . n 
A 1 24  ILE 24  1002 1002 ILE ILE A . n 
A 1 25  ASP 25  1003 1003 ASP ASP A . n 
A 1 26  LYS 26  1004 1004 LYS LYS A . n 
A 1 27  ARG 27  1005 1005 ARG ARG A . n 
A 1 28  PHE 28  1006 1006 PHE PHE A . n 
A 1 29  ARG 29  1007 1007 ARG ARG A . n 
A 1 30  VAL 30  1008 1008 VAL VAL A . n 
A 1 31  PHE 31  1009 1009 PHE PHE A . n 
A 1 32  THR 32  1010 1010 THR THR A . n 
A 1 33  LYS 33  1011 1011 LYS LYS A . n 
A 1 34  PRO 34  1012 1012 PRO PRO A . n 
A 1 35  VAL 35  1013 1013 VAL VAL A . n 
A 1 36  ASP 36  1014 1014 ASP ASP A . n 
A 1 37  PRO 37  1015 1015 PRO PRO A . n 
A 1 38  ASP 38  1016 1016 ASP ASP A . n 
A 1 39  GLU 39  1017 1017 GLU GLU A . n 
A 1 40  VAL 40  1018 1018 VAL VAL A . n 
A 1 41  PRO 41  1019 1019 PRO PRO A . n 
A 1 42  ASP 42  1020 1020 ASP ASP A . n 
A 1 43  TYR 43  1021 1021 TYR TYR A . n 
A 1 44  ARG 44  1022 1022 ARG ARG A . n 
A 1 45  THR 45  1023 1023 THR THR A . n 
A 1 46  VAL 46  1024 1024 VAL VAL A . n 
A 1 47  ILE 47  1025 1025 ILE ILE A . n 
A 1 48  LYS 48  1026 1026 LYS LYS A . n 
A 1 49  GLU 49  1027 1027 GLU GLU A . n 
A 1 50  PRO 50  1028 1028 PRO PRO A . n 
A 1 51  MET 51  1029 1029 MET MET A . n 
A 1 52  ASP 52  1030 1030 ASP ASP A . n 
A 1 53  LEU 53  1031 1031 LEU LEU A . n 
A 1 54  SER 54  1032 1032 SER SER A . n 
A 1 55  SER 55  1033 1033 SER SER A . n 
A 1 56  VAL 56  1034 1034 VAL VAL A . n 
A 1 57  ILE 57  1035 1035 ILE ILE A . n 
A 1 58  SER 58  1036 1036 SER SER A . n 
A 1 59  LYS 59  1037 1037 LYS LYS A . n 
A 1 60  ILE 60  1038 1038 ILE ILE A . n 
A 1 61  ASP 61  1039 1039 ASP ASP A . n 
A 1 62  LEU 62  1040 1040 LEU LEU A . n 
A 1 63  HIS 63  1041 1041 HIS HIS A . n 
A 1 64  LYS 64  1042 1042 LYS LYS A . n 
A 1 65  TYR 65  1043 1043 TYR TYR A . n 
A 1 66  LEU 66  1044 1044 LEU LEU A . n 
A 1 67  THR 67  1045 1045 THR THR A . n 
A 1 68  VAL 68  1046 1046 VAL VAL A . n 
A 1 69  LYS 69  1047 1047 LYS LYS A . n 
A 1 70  ASP 70  1048 1048 ASP ASP A . n 
A 1 71  TYR 71  1049 1049 TYR TYR A . n 
A 1 72  LEU 72  1050 1050 LEU LEU A . n 
A 1 73  ARG 73  1051 1051 ARG ARG A . n 
A 1 74  ASP 74  1052 1052 ASP ASP A . n 
A 1 75  ILE 75  1053 1053 ILE ILE A . n 
A 1 76  ASP 76  1054 1054 ASP ASP A . n 
A 1 77  LEU 77  1055 1055 LEU LEU A . n 
A 1 78  ILE 78  1056 1056 ILE ILE A . n 
A 1 79  CYS 79  1057 1057 CYS CYS A . n 
A 1 80  SER 80  1058 1058 SER SER A . n 
A 1 81  ASN 81  1059 1059 ASN ASN A . n 
A 1 82  ALA 82  1060 1060 ALA ALA A . n 
A 1 83  LEU 83  1061 1061 LEU LEU A . n 
A 1 84  GLU 84  1062 1062 GLU GLU A . n 
A 1 85  TYR 85  1063 1063 TYR TYR A . n 
A 1 86  ASN 86  1064 1064 ASN ASN A . n 
A 1 87  PRO 87  1065 1065 PRO PRO A . n 
A 1 88  ASP 88  1066 1066 ASP ASP A . n 
A 1 89  ARG 89  1067 1067 ARG ARG A . n 
A 1 90  ASP 90  1068 1068 ASP ASP A . n 
A 1 91  PRO 91  1069 1069 PRO PRO A . n 
A 1 92  GLY 92  1070 1070 GLY GLY A . n 
A 1 93  ASP 93  1071 1071 ASP ASP A . n 
A 1 94  ARG 94  1072 1072 ARG ARG A . n 
A 1 95  LEU 95  1073 1073 LEU LEU A . n 
A 1 96  ILE 96  1074 1074 ILE ILE A . n 
A 1 97  ARG 97  1075 1075 ARG ARG A . n 
A 1 98  HIS 98  1076 1076 HIS HIS A . n 
A 1 99  ARG 99  1077 1077 ARG ARG A . n 
A 1 100 ALA 100 1078 1078 ALA ALA A . n 
A 1 101 CYS 101 1079 1079 CYS CYS A . n 
A 1 102 ALA 102 1080 1080 ALA ALA A . n 
A 1 103 LEU 103 1081 1081 LEU LEU A . n 
A 1 104 ARG 104 1082 1082 ARG ARG A . n 
A 1 105 ASP 105 1083 1083 ASP ASP A . n 
A 1 106 THR 106 1084 1084 THR THR A . n 
A 1 107 ALA 107 1085 1085 ALA ALA A . n 
A 1 108 TYR 108 1086 1086 TYR TYR A . n 
A 1 109 ALA 109 1087 1087 ALA ALA A . n 
A 1 110 ILE 110 1088 1088 ILE ILE A . n 
A 1 111 ILE 111 1089 1089 ILE ILE A . n 
A 1 112 LYS 112 1090 1090 LYS LYS A . n 
A 1 113 GLU 113 1091 1091 GLU GLU A . n 
A 1 114 GLU 114 1092 1092 GLU GLU A . n 
A 1 115 LEU 115 1093 1093 LEU LEU A . n 
A 1 116 ASP 116 1094 1094 ASP ASP A . n 
A 1 117 GLU 117 1095 1095 GLU GLU A . n 
A 1 118 ASP 118 1096 1096 ASP ASP A . n 
A 1 119 PHE 119 1097 1097 PHE PHE A . n 
A 1 120 GLU 120 1098 1098 GLU GLU A . n 
A 1 121 GLN 121 1099 1099 GLN GLN A . n 
A 1 122 LEU 122 1100 1100 LEU LEU A . n 
A 1 123 CYS 123 1101 1101 CYS CYS A . n 
A 1 124 GLU 124 1102 1102 GLU GLU A . n 
A 1 125 GLU 125 1103 1103 GLU GLU A . n 
A 1 126 ILE 126 1104 1104 ILE ILE A . n 
A 1 127 GLN 127 1105 1105 GLN GLN A . n 
A 1 128 GLU 128 1106 1106 GLU GLU A . n 
A 1 129 SER 129 1107 1107 SER SER A . n 
A 1 130 ARG 130 1108 1108 ARG ARG A . n 
# 
loop_
_pdbx_nonpoly_scheme.asym_id 
_pdbx_nonpoly_scheme.entity_id 
_pdbx_nonpoly_scheme.mon_id 
_pdbx_nonpoly_scheme.ndb_seq_num 
_pdbx_nonpoly_scheme.pdb_seq_num 
_pdbx_nonpoly_scheme.auth_seq_num 
_pdbx_nonpoly_scheme.pdb_mon_id 
_pdbx_nonpoly_scheme.auth_mon_id 
_pdbx_nonpoly_scheme.pdb_strand_id 
_pdbx_nonpoly_scheme.pdb_ins_code 
B 2 RGD 1   1201 1201 RGD LIG A . 
C 3 SO4 1   1202 1    SO4 SO4 A . 
D 3 SO4 1   1203 2    SO4 SO4 A . 
E 4 EDO 1   1204 3    EDO EDO A . 
F 4 EDO 1   1205 5    EDO EDO A . 
G 4 EDO 1   1206 6    EDO EDO A . 
H 5 HOH 1   1301 256  HOH HOH A . 
H 5 HOH 2   1302 158  HOH HOH A . 
H 5 HOH 3   1303 32   HOH HOH A . 
H 5 HOH 4   1304 258  HOH HOH A . 
H 5 HOH 5   1305 134  HOH HOH A . 
H 5 HOH 6   1306 184  HOH HOH A . 
H 5 HOH 7   1307 79   HOH HOH A . 
H 5 HOH 8   1308 59   HOH HOH A . 
H 5 HOH 9   1309 200  HOH HOH A . 
H 5 HOH 10  1310 68   HOH HOH A . 
H 5 HOH 11  1311 128  HOH HOH A . 
H 5 HOH 12  1312 144  HOH HOH A . 
H 5 HOH 13  1313 106  HOH HOH A . 
H 5 HOH 14  1314 161  HOH HOH A . 
H 5 HOH 15  1315 27   HOH HOH A . 
H 5 HOH 16  1316 107  HOH HOH A . 
H 5 HOH 17  1317 118  HOH HOH A . 
H 5 HOH 18  1318 87   HOH HOH A . 
H 5 HOH 19  1319 129  HOH HOH A . 
H 5 HOH 20  1320 191  HOH HOH A . 
H 5 HOH 21  1321 172  HOH HOH A . 
H 5 HOH 22  1322 194  HOH HOH A . 
H 5 HOH 23  1323 50   HOH HOH A . 
H 5 HOH 24  1324 98   HOH HOH A . 
H 5 HOH 25  1325 113  HOH HOH A . 
H 5 HOH 26  1326 109  HOH HOH A . 
H 5 HOH 27  1327 16   HOH HOH A . 
H 5 HOH 28  1328 201  HOH HOH A . 
H 5 HOH 29  1329 28   HOH HOH A . 
H 5 HOH 30  1330 34   HOH HOH A . 
H 5 HOH 31  1331 23   HOH HOH A . 
H 5 HOH 32  1332 25   HOH HOH A . 
H 5 HOH 33  1333 13   HOH HOH A . 
H 5 HOH 34  1334 77   HOH HOH A . 
H 5 HOH 35  1335 163  HOH HOH A . 
H 5 HOH 36  1336 5    HOH HOH A . 
H 5 HOH 37  1337 111  HOH HOH A . 
H 5 HOH 38  1338 189  HOH HOH A . 
H 5 HOH 39  1339 31   HOH HOH A . 
H 5 HOH 40  1340 206  HOH HOH A . 
H 5 HOH 41  1341 120  HOH HOH A . 
H 5 HOH 42  1342 55   HOH HOH A . 
H 5 HOH 43  1343 165  HOH HOH A . 
H 5 HOH 44  1344 140  HOH HOH A . 
H 5 HOH 45  1345 124  HOH HOH A . 
H 5 HOH 46  1346 80   HOH HOH A . 
H 5 HOH 47  1347 20   HOH HOH A . 
H 5 HOH 48  1348 9    HOH HOH A . 
H 5 HOH 49  1349 2    HOH HOH A . 
H 5 HOH 50  1350 42   HOH HOH A . 
H 5 HOH 51  1351 19   HOH HOH A . 
H 5 HOH 52  1352 29   HOH HOH A . 
H 5 HOH 53  1353 47   HOH HOH A . 
H 5 HOH 54  1354 56   HOH HOH A . 
H 5 HOH 55  1355 75   HOH HOH A . 
H 5 HOH 56  1356 88   HOH HOH A . 
H 5 HOH 57  1357 171  HOH HOH A . 
H 5 HOH 58  1358 64   HOH HOH A . 
H 5 HOH 59  1359 22   HOH HOH A . 
H 5 HOH 60  1360 236  HOH HOH A . 
H 5 HOH 61  1361 14   HOH HOH A . 
H 5 HOH 62  1362 33   HOH HOH A . 
H 5 HOH 63  1363 17   HOH HOH A . 
H 5 HOH 64  1364 61   HOH HOH A . 
H 5 HOH 65  1365 21   HOH HOH A . 
H 5 HOH 66  1366 99   HOH HOH A . 
H 5 HOH 67  1367 48   HOH HOH A . 
H 5 HOH 68  1368 1    HOH HOH A . 
H 5 HOH 69  1369 197  HOH HOH A . 
H 5 HOH 70  1370 221  HOH HOH A . 
H 5 HOH 71  1371 24   HOH HOH A . 
H 5 HOH 72  1372 36   HOH HOH A . 
H 5 HOH 73  1373 7    HOH HOH A . 
H 5 HOH 74  1374 58   HOH HOH A . 
H 5 HOH 75  1375 139  HOH HOH A . 
H 5 HOH 76  1376 187  HOH HOH A . 
H 5 HOH 77  1377 142  HOH HOH A . 
H 5 HOH 78  1378 43   HOH HOH A . 
H 5 HOH 79  1379 131  HOH HOH A . 
H 5 HOH 80  1380 141  HOH HOH A . 
H 5 HOH 81  1381 160  HOH HOH A . 
H 5 HOH 82  1382 30   HOH HOH A . 
H 5 HOH 83  1383 104  HOH HOH A . 
H 5 HOH 84  1384 15   HOH HOH A . 
H 5 HOH 85  1385 175  HOH HOH A . 
H 5 HOH 86  1386 102  HOH HOH A . 
H 5 HOH 87  1387 203  HOH HOH A . 
H 5 HOH 88  1388 70   HOH HOH A . 
H 5 HOH 89  1389 46   HOH HOH A . 
H 5 HOH 90  1390 85   HOH HOH A . 
H 5 HOH 91  1391 45   HOH HOH A . 
H 5 HOH 92  1392 154  HOH HOH A . 
H 5 HOH 93  1393 40   HOH HOH A . 
H 5 HOH 94  1394 54   HOH HOH A . 
H 5 HOH 95  1395 12   HOH HOH A . 
H 5 HOH 96  1396 6    HOH HOH A . 
H 5 HOH 97  1397 62   HOH HOH A . 
H 5 HOH 98  1398 162  HOH HOH A . 
H 5 HOH 99  1399 147  HOH HOH A . 
H 5 HOH 100 1400 176  HOH HOH A . 
H 5 HOH 101 1401 4    HOH HOH A . 
H 5 HOH 102 1402 92   HOH HOH A . 
H 5 HOH 103 1403 76   HOH HOH A . 
H 5 HOH 104 1404 51   HOH HOH A . 
H 5 HOH 105 1405 247  HOH HOH A . 
H 5 HOH 106 1406 83   HOH HOH A . 
H 5 HOH 107 1407 216  HOH HOH A . 
H 5 HOH 108 1408 116  HOH HOH A . 
H 5 HOH 109 1409 89   HOH HOH A . 
H 5 HOH 110 1410 49   HOH HOH A . 
H 5 HOH 111 1411 100  HOH HOH A . 
H 5 HOH 112 1412 101  HOH HOH A . 
H 5 HOH 113 1413 52   HOH HOH A . 
H 5 HOH 114 1414 73   HOH HOH A . 
H 5 HOH 115 1415 132  HOH HOH A . 
H 5 HOH 116 1416 82   HOH HOH A . 
H 5 HOH 117 1417 3    HOH HOH A . 
H 5 HOH 118 1418 215  HOH HOH A . 
H 5 HOH 119 1419 94   HOH HOH A . 
H 5 HOH 120 1420 11   HOH HOH A . 
H 5 HOH 121 1421 190  HOH HOH A . 
H 5 HOH 122 1422 155  HOH HOH A . 
H 5 HOH 123 1423 18   HOH HOH A . 
H 5 HOH 124 1424 95   HOH HOH A . 
H 5 HOH 125 1425 78   HOH HOH A . 
H 5 HOH 126 1426 72   HOH HOH A . 
H 5 HOH 127 1427 67   HOH HOH A . 
H 5 HOH 128 1428 105  HOH HOH A . 
H 5 HOH 129 1429 53   HOH HOH A . 
H 5 HOH 130 1430 26   HOH HOH A . 
H 5 HOH 131 1431 130  HOH HOH A . 
H 5 HOH 132 1432 39   HOH HOH A . 
H 5 HOH 133 1433 207  HOH HOH A . 
H 5 HOH 134 1434 97   HOH HOH A . 
H 5 HOH 135 1435 123  HOH HOH A . 
H 5 HOH 136 1436 10   HOH HOH A . 
H 5 HOH 137 1437 209  HOH HOH A . 
H 5 HOH 138 1438 38   HOH HOH A . 
H 5 HOH 139 1439 179  HOH HOH A . 
H 5 HOH 140 1440 57   HOH HOH A . 
H 5 HOH 141 1441 90   HOH HOH A . 
H 5 HOH 142 1442 254  HOH HOH A . 
H 5 HOH 143 1443 240  HOH HOH A . 
H 5 HOH 144 1444 248  HOH HOH A . 
H 5 HOH 145 1445 246  HOH HOH A . 
H 5 HOH 146 1446 202  HOH HOH A . 
H 5 HOH 147 1447 234  HOH HOH A . 
H 5 HOH 148 1448 188  HOH HOH A . 
H 5 HOH 149 1449 196  HOH HOH A . 
H 5 HOH 150 1450 180  HOH HOH A . 
H 5 HOH 151 1451 178  HOH HOH A . 
H 5 HOH 152 1452 237  HOH HOH A . 
H 5 HOH 153 1453 145  HOH HOH A . 
H 5 HOH 154 1454 230  HOH HOH A . 
H 5 HOH 155 1455 96   HOH HOH A . 
H 5 HOH 156 1456 86   HOH HOH A . 
H 5 HOH 157 1457 66   HOH HOH A . 
H 5 HOH 158 1458 114  HOH HOH A . 
H 5 HOH 159 1459 93   HOH HOH A . 
H 5 HOH 160 1460 199  HOH HOH A . 
H 5 HOH 161 1461 122  HOH HOH A . 
H 5 HOH 162 1462 41   HOH HOH A . 
H 5 HOH 163 1463 69   HOH HOH A . 
H 5 HOH 164 1464 149  HOH HOH A . 
H 5 HOH 165 1465 186  HOH HOH A . 
H 5 HOH 166 1466 81   HOH HOH A . 
H 5 HOH 167 1467 164  HOH HOH A . 
H 5 HOH 168 1468 152  HOH HOH A . 
H 5 HOH 169 1469 167  HOH HOH A . 
H 5 HOH 170 1470 181  HOH HOH A . 
H 5 HOH 171 1471 91   HOH HOH A . 
H 5 HOH 172 1472 224  HOH HOH A . 
H 5 HOH 173 1473 220  HOH HOH A . 
H 5 HOH 174 1474 60   HOH HOH A . 
H 5 HOH 175 1475 110  HOH HOH A . 
H 5 HOH 176 1476 159  HOH HOH A . 
H 5 HOH 177 1477 217  HOH HOH A . 
H 5 HOH 178 1478 150  HOH HOH A . 
H 5 HOH 179 1479 135  HOH HOH A . 
H 5 HOH 180 1480 177  HOH HOH A . 
H 5 HOH 181 1481 225  HOH HOH A . 
H 5 HOH 182 1482 37   HOH HOH A . 
H 5 HOH 183 1483 115  HOH HOH A . 
H 5 HOH 184 1484 192  HOH HOH A . 
H 5 HOH 185 1485 127  HOH HOH A . 
H 5 HOH 186 1486 103  HOH HOH A . 
H 5 HOH 187 1487 151  HOH HOH A . 
H 5 HOH 188 1488 250  HOH HOH A . 
H 5 HOH 189 1489 112  HOH HOH A . 
H 5 HOH 190 1490 8    HOH HOH A . 
H 5 HOH 191 1491 210  HOH HOH A . 
H 5 HOH 192 1492 233  HOH HOH A . 
H 5 HOH 193 1493 119  HOH HOH A . 
H 5 HOH 194 1494 146  HOH HOH A . 
H 5 HOH 195 1495 157  HOH HOH A . 
H 5 HOH 196 1496 143  HOH HOH A . 
H 5 HOH 197 1497 125  HOH HOH A . 
H 5 HOH 198 1498 185  HOH HOH A . 
H 5 HOH 199 1499 44   HOH HOH A . 
H 5 HOH 200 1500 84   HOH HOH A . 
H 5 HOH 201 1501 174  HOH HOH A . 
H 5 HOH 202 1502 137  HOH HOH A . 
H 5 HOH 203 1503 117  HOH HOH A . 
H 5 HOH 204 1504 71   HOH HOH A . 
H 5 HOH 205 1505 183  HOH HOH A . 
H 5 HOH 206 1506 74   HOH HOH A . 
H 5 HOH 207 1507 148  HOH HOH A . 
H 5 HOH 208 1508 168  HOH HOH A . 
H 5 HOH 209 1509 211  HOH HOH A . 
H 5 HOH 210 1510 205  HOH HOH A . 
H 5 HOH 211 1511 251  HOH HOH A . 
H 5 HOH 212 1512 249  HOH HOH A . 
H 5 HOH 213 1513 35   HOH HOH A . 
H 5 HOH 214 1514 244  HOH HOH A . 
H 5 HOH 215 1515 63   HOH HOH A . 
H 5 HOH 216 1516 257  HOH HOH A . 
H 5 HOH 217 1517 245  HOH HOH A . 
H 5 HOH 218 1518 219  HOH HOH A . 
H 5 HOH 219 1519 255  HOH HOH A . 
H 5 HOH 220 1520 121  HOH HOH A . 
H 5 HOH 221 1521 213  HOH HOH A . 
H 5 HOH 222 1522 136  HOH HOH A . 
H 5 HOH 223 1523 214  HOH HOH A . 
H 5 HOH 224 1524 204  HOH HOH A . 
# 
loop_
_pdbx_unobs_or_zero_occ_atoms.id 
_pdbx_unobs_or_zero_occ_atoms.PDB_model_num 
_pdbx_unobs_or_zero_occ_atoms.polymer_flag 
_pdbx_unobs_or_zero_occ_atoms.occupancy_flag 
_pdbx_unobs_or_zero_occ_atoms.auth_asym_id 
_pdbx_unobs_or_zero_occ_atoms.auth_comp_id 
_pdbx_unobs_or_zero_occ_atoms.auth_seq_id 
_pdbx_unobs_or_zero_occ_atoms.PDB_ins_code 
_pdbx_unobs_or_zero_occ_atoms.auth_atom_id 
_pdbx_unobs_or_zero_occ_atoms.label_alt_id 
_pdbx_unobs_or_zero_occ_atoms.label_asym_id 
_pdbx_unobs_or_zero_occ_atoms.label_comp_id 
_pdbx_unobs_or_zero_occ_atoms.label_seq_id 
_pdbx_unobs_or_zero_occ_atoms.label_atom_id 
1 1 Y 1 A LYS 1004 ? CG ? A LYS 26 CG 
2 1 Y 1 A LYS 1004 ? CD ? A LYS 26 CD 
3 1 Y 1 A LYS 1004 ? CE ? A LYS 26 CE 
4 1 Y 1 A LYS 1004 ? NZ ? A LYS 26 NZ 
# 
loop_
_software.pdbx_ordinal 
_software.name 
_software.version 
_software.date 
_software.type 
_software.contact_author 
_software.contact_author_email 
_software.classification 
_software.location 
_software.language 
_software.citation_id 
1 REFMAC      5.8.0238 ?               program 'Garib N. Murshudov' garib@ysbl.york.ac.uk    refinement        
http://www.ccp4.ac.uk/dist/html/refmac5.html        Fortran_77 ? 
2 Aimless     0.5.23   02/02/16        program 'Phil Evans'         ?                        'data scaling'    
http://www.mrc-lmb.cam.ac.uk/harry/pre/aimless.html ?          ? 
3 PDB_EXTRACT 3.23     'SEP. 23, 2016' package PDB                  deposit@deposit.rcsb.org 'data extraction' 
http://sw-tools.pdb.org/apps/PDB_EXTRACT/           C++        ? 
4 XDS         .        ?               program ?                    ?                        'data reduction'  ? ?          ? 
5 REFMAC      .        ?               program ?                    ?                        phasing           ? ?          ? 
# 
_cell.entry_id           5QXL 
_cell.length_a           80.169 
_cell.length_b           80.169 
_cell.length_c           139.648 
_cell.angle_alpha        90.000 
_cell.angle_beta         90.000 
_cell.angle_gamma        120.000 
_cell.Z_PDB              12 
_cell.pdbx_unique_axis   ? 
# 
_symmetry.entry_id                         5QXL 
_symmetry.space_group_name_H-M             'P 65 2 2' 
_symmetry.pdbx_full_space_group_name_H-M   ? 
_symmetry.cell_setting                     ? 
_symmetry.Int_Tables_number                179 
# 
_exptl.crystals_number   1 
_exptl.entry_id          5QXL 
_exptl.method            'X-RAY DIFFRACTION' 
# 
_exptl_crystal.id                    1 
_exptl_crystal.pdbx_mosaicity        0.080 
_exptl_crystal.pdbx_mosaicity_esd    ? 
_exptl_crystal.density_Matthews      4.2 
_exptl_crystal.density_diffrn        ? 
_exptl_crystal.density_meas          ? 
_exptl_crystal.density_meas_temp     ? 
_exptl_crystal.density_percent_sol   70.7 
_exptl_crystal.size_max              ? 
_exptl_crystal.size_mid              ? 
_exptl_crystal.size_min              ? 
_exptl_crystal.size_rad              ? 
_exptl_crystal.description           ? 
# 
_exptl_crystal_grow.crystal_id      1 
_exptl_crystal_grow.method          'VAPOR DIFFUSION, SITTING DROP' 
_exptl_crystal_grow.pH              5.5 
_exptl_crystal_grow.temp            277 
_exptl_crystal_grow.pdbx_details    '1.6M Ammonium Sulfate, 0.1M bis-tris pH 5.5' 
_exptl_crystal_grow.temp_details    ? 
_exptl_crystal_grow.pdbx_pH_range   ? 
# 
_diffrn.id                     1 
_diffrn.ambient_temp           100 
_diffrn.crystal_id             1 
_diffrn.ambient_temp_details   ? 
# 
_diffrn_detector.detector               PIXEL 
_diffrn_detector.type                   'DECTRIS PILATUS 6M' 
_diffrn_detector.pdbx_collection_date   2016-04-23 
_diffrn_detector.diffrn_id              1 
_diffrn_detector.details                ? 
# 
_diffrn_radiation.diffrn_id                        1 
_diffrn_radiation.wavelength_id                    1 
_diffrn_radiation.pdbx_diffrn_protocol             'SINGLE WAVELENGTH' 
_diffrn_radiation.pdbx_monochromatic_or_laue_m_l   ? 
_diffrn_radiation.monochromator                    ? 
_diffrn_radiation.pdbx_scattering_type             x-ray 
# 
_diffrn_radiation_wavelength.id           1 
_diffrn_radiation_wavelength.wavelength   0.92819 
_diffrn_radiation_wavelength.wt           1.0 
# 
_diffrn_source.diffrn_id                   1 
_diffrn_source.source                      SYNCHROTRON 
_diffrn_source.type                        'DIAMOND BEAMLINE I04-1' 
_diffrn_source.pdbx_wavelength_list        0.92819 
_diffrn_source.pdbx_synchrotron_site       Diamond 
_diffrn_source.pdbx_synchrotron_beamline   I04-1 
_diffrn_source.pdbx_wavelength             ? 
# 
_reflns.entry_id                     5QXL 
_reflns.pdbx_diffrn_id               1 
_reflns.pdbx_ordinal                 1 
_reflns.observed_criterion_sigma_I   ? 
_reflns.observed_criterion_sigma_F   ? 
_reflns.d_resolution_low             27.930 
_reflns.d_resolution_high            1.570 
_reflns.number_obs                   38041 
_reflns.number_all                   ? 
_reflns.percent_possible_obs         99.800 
_reflns.pdbx_Rmerge_I_obs            0.076 
_reflns.pdbx_Rsym_value              ? 
_reflns.pdbx_netI_over_sigmaI        26.500 
_reflns.B_iso_Wilson_estimate        ? 
_reflns.pdbx_redundancy              19.100 
_reflns.pdbx_Rrim_I_all              0.078 
_reflns.pdbx_Rpim_I_all              0.018 
_reflns.pdbx_CC_half                 0.999 
_reflns.pdbx_netI_over_av_sigmaI     ? 
_reflns.pdbx_number_measured_all     726325 
_reflns.pdbx_scaling_rejects         0 
_reflns.pdbx_chi_squared             ? 
_reflns.Rmerge_F_all                 ? 
_reflns.Rmerge_F_obs                 ? 
_reflns.observed_criterion_F_max     ? 
_reflns.observed_criterion_F_min     ? 
_reflns.observed_criterion_I_max     ? 
_reflns.observed_criterion_I_min     ? 
_reflns.pdbx_d_res_high_opt          ? 
_reflns.pdbx_d_res_low_opt           ? 
_reflns.details                      ? 
# 
loop_
_reflns_shell.pdbx_diffrn_id 
_reflns_shell.pdbx_ordinal 
_reflns_shell.d_res_high 
_reflns_shell.d_res_low 
_reflns_shell.number_measured_obs 
_reflns_shell.number_measured_all 
_reflns_shell.number_unique_obs 
_reflns_shell.pdbx_rejects 
_reflns_shell.Rmerge_I_obs 
_reflns_shell.meanI_over_sigI_obs 
_reflns_shell.pdbx_Rsym_value 
_reflns_shell.pdbx_chi_squared 
_reflns_shell.pdbx_redundancy 
_reflns_shell.percent_possible_obs 
_reflns_shell.pdbx_netI_over_sigmaI_obs 
_reflns_shell.number_possible 
_reflns_shell.number_unique_all 
_reflns_shell.Rmerge_F_all 
_reflns_shell.Rmerge_F_obs 
_reflns_shell.Rmerge_I_all 
_reflns_shell.meanI_over_sigI_all 
_reflns_shell.percent_possible_all 
_reflns_shell.pdbx_Rrim_I_all 
_reflns_shell.pdbx_Rpim_I_all 
_reflns_shell.pdbx_CC_half 
1 1 1.570 1.610  ? 50441 ? ? 0.874 ? ? ? 18.700 ? 3.500  ? 2697 ? ? ? ? 97.700 0.899 0.204 0.874 
1 2 7.000 27.930 ? 9013  ? ? 0.028 ? ? ? 17.100 ? 84.000 ? 526  ? ? ? ? 98.600 0.029 0.007 0.999 
# 
_refine.entry_id                                 5QXL 
_refine.pdbx_refine_id                           'X-RAY DIFFRACTION' 
_refine.ls_d_res_high                            1.5700 
_refine.ls_d_res_low                             27.8400 
_refine.pdbx_ls_sigma_F                          0.000 
_refine.pdbx_data_cutoff_high_absF               ? 
_refine.pdbx_data_cutoff_low_absF                ? 
_refine.ls_percent_reflns_obs                    99.7700 
_refine.ls_number_reflns_obs                     36068 
_refine.ls_number_reflns_all                     ? 
_refine.pdbx_ls_cross_valid_method               THROUGHOUT 
_refine.ls_matrix_type                           ? 
_refine.pdbx_R_Free_selection_details            RANDOM 
_refine.details                                  
'HYDROGENS HAVE BEEN ADDED IN THE RIDING POSITIONS U VALUES      : REFINED INDIVIDUALLY' 
_refine.ls_R_factor_all                          ? 
_refine.ls_R_factor_obs                          0.1583 
_refine.ls_R_factor_R_work                       0.1575 
_refine.ls_wR_factor_R_work                      ? 
_refine.ls_R_factor_R_free                       0.1746 
_refine.ls_wR_factor_R_free                      ? 
_refine.ls_percent_reflns_R_free                 5.0000 
_refine.ls_number_reflns_R_free                  1907 
_refine.ls_number_reflns_R_work                  ? 
_refine.ls_R_factor_R_free_error                 ? 
_refine.B_iso_mean                               24.9210 
_refine.solvent_model_param_bsol                 ? 
_refine.solvent_model_param_ksol                 ? 
_refine.pdbx_isotropic_thermal_model             ? 
_refine.aniso_B[1][1]                            0.1300 
_refine.aniso_B[2][2]                            0.1300 
_refine.aniso_B[3][3]                            -0.4400 
_refine.aniso_B[1][2]                            0.0700 
_refine.aniso_B[1][3]                            0.0000 
_refine.aniso_B[2][3]                            -0.0000 
_refine.correlation_coeff_Fo_to_Fc               0.9710 
_refine.correlation_coeff_Fo_to_Fc_free          0.9660 
_refine.overall_SU_R_Cruickshank_DPI             ? 
_refine.pdbx_overall_SU_R_free_Cruickshank_DPI   ? 
_refine.pdbx_overall_SU_R_Blow_DPI               ? 
_refine.pdbx_overall_SU_R_free_Blow_DPI          ? 
_refine.overall_SU_R_free                        ? 
_refine.pdbx_overall_ESU_R                       0.0780 
_refine.pdbx_overall_ESU_R_Free                  0.0730 
_refine.overall_SU_ML                            0.0460 
_refine.overall_SU_B                             1.2860 
_refine.solvent_model_details                    MASK 
_refine.pdbx_solvent_vdw_probe_radii             1.2000 
_refine.pdbx_solvent_ion_probe_radii             0.8000 
_refine.pdbx_solvent_shrinkage_radii             0.8000 
_refine.ls_number_parameters                     ? 
_refine.ls_number_restraints                     ? 
_refine.pdbx_starting_model                      3DAI 
_refine.pdbx_method_to_determine_struct          'FOURIER SYNTHESIS' 
_refine.pdbx_stereochemistry_target_values       'MAXIMUM LIKELIHOOD' 
_refine.pdbx_stereochem_target_val_spec_case     ? 
_refine.overall_FOM_work_R_set                   ? 
_refine.B_iso_max                                92.820 
_refine.B_iso_min                                10.820 
_refine.pdbx_overall_phase_error                 ? 
_refine.occupancy_max                            ? 
_refine.occupancy_min                            ? 
_refine.pdbx_diffrn_id                           1 
_refine.pdbx_TLS_residual_ADP_flag               ? 
_refine.pdbx_ls_sigma_I                          ? 
_refine.pdbx_data_cutoff_high_rms_absF           ? 
_refine.ls_R_factor_R_free_error_details         ? 
# 
_refine_hist.cycle_id                         final 
_refine_hist.pdbx_refine_id                   'X-RAY DIFFRACTION' 
_refine_hist.d_res_high                       1.5700 
_refine_hist.d_res_low                        27.8400 
_refine_hist.pdbx_number_atoms_ligand         41 
_refine_hist.number_atoms_solvent             224 
_refine_hist.number_atoms_total               1349 
_refine_hist.pdbx_number_residues_total       130 
_refine_hist.pdbx_B_iso_mean_ligand           32.34 
_refine_hist.pdbx_B_iso_mean_solvent          39.42 
_refine_hist.pdbx_number_atoms_protein        1084 
_refine_hist.pdbx_number_atoms_nucleic_acid   0 
# 
loop_
_refine_ls_restr.pdbx_refine_id 
_refine_ls_restr.type 
_refine_ls_restr.number 
_refine_ls_restr.dev_ideal 
_refine_ls_restr.dev_ideal_target 
_refine_ls_restr.weight 
_refine_ls_restr.pdbx_restraint_function 
'X-RAY DIFFRACTION' r_bond_refined_d       3722 0.011  0.016  ? ? 
'X-RAY DIFFRACTION' r_bond_other_d         2080 0.001  0.017  ? ? 
'X-RAY DIFFRACTION' r_angle_refined_deg    3225 1.817  1.704  ? ? 
'X-RAY DIFFRACTION' r_angle_other_deg      4897 1.406  1.639  ? ? 
'X-RAY DIFFRACTION' r_dihedral_angle_1_deg 304  5.263  5.000  ? ? 
'X-RAY DIFFRACTION' r_dihedral_angle_2_deg 156  29.494 21.090 ? ? 
'X-RAY DIFFRACTION' r_dihedral_angle_3_deg 391  14.429 15.000 ? ? 
'X-RAY DIFFRACTION' r_dihedral_angle_4_deg 29   15.132 15.000 ? ? 
'X-RAY DIFFRACTION' r_chiral_restr         288  0.100  0.200  ? ? 
'X-RAY DIFFRACTION' r_gen_planes_refined   2817 0.009  0.020  ? ? 
'X-RAY DIFFRACTION' r_gen_planes_other     524  0.003  0.020  ? ? 
'X-RAY DIFFRACTION' r_mcbond_it            1712 1.426  2.336  ? ? 
'X-RAY DIFFRACTION' r_mcbond_other         1645 1.437  2.284  ? ? 
'X-RAY DIFFRACTION' r_mcangle_it           1412 2.785  3.190  ? ? 
# 
_refine_ls_shell.d_res_high                       1.5660 
_refine_ls_shell.d_res_low                        1.6070 
_refine_ls_shell.pdbx_total_number_of_bins_used   20 
_refine_ls_shell.percent_reflns_obs               98.0000 
_refine_ls_shell.number_reflns_R_work             2559 
_refine_ls_shell.R_factor_all                     ? 
_refine_ls_shell.R_factor_R_work                  0.2130 
_refine_ls_shell.R_factor_R_free                  0.2080 
_refine_ls_shell.percent_reflns_R_free            ? 
_refine_ls_shell.number_reflns_R_free             140 
_refine_ls_shell.R_factor_R_free_error            ? 
_refine_ls_shell.number_reflns_all                2699 
_refine_ls_shell.number_reflns_obs                ? 
_refine_ls_shell.pdbx_refine_id                   'X-RAY DIFFRACTION' 
# 
_struct.entry_id                  5QXL 
_struct.title                     'PanDDA analysis group deposition -- Crystal Structure of ATAD2 in complex with DF776' 
_struct.pdbx_model_details        ? 
_struct.pdbx_CASP_flag            ? 
_struct.pdbx_model_type_details   ? 
# 
_struct_keywords.entry_id        5QXL 
_struct_keywords.text            
'SGC - Diamond I04-1 fragment screening, PanDDA, XChemExplorer, HYDROLASE-HYDROLASE INHIBITOR complex' 
_struct_keywords.pdbx_keywords   'HYDROLASE/HYDROLASE INHIBITOR' 
# 
loop_
_struct_asym.id 
_struct_asym.pdbx_blank_PDB_chainid_flag 
_struct_asym.pdbx_modified 
_struct_asym.entity_id 
_struct_asym.details 
A N N 1 ? 
B N N 2 ? 
C N N 3 ? 
D N N 3 ? 
E N N 4 ? 
F N N 4 ? 
G N N 4 ? 
H N N 5 ? 
# 
_struct_ref.id                         1 
_struct_ref.db_name                    UNP 
_struct_ref.db_code                    ATAD2_HUMAN 
_struct_ref.pdbx_db_accession          Q6PL18 
_struct_ref.pdbx_db_isoform            ? 
_struct_ref.entity_id                  1 
_struct_ref.pdbx_seq_one_letter_code   
;QEEDTFRELRIFLRNVTHRLAIDKRFRVFTKPVDPDEVPDYVTVIKQPMDLSSVISKIDLHKYLTVKDYLRDIDLICSNA
LEYNPDRDPGDRLIRHRACALRDTAYAIIKEELDEDFEQLCEEIQESR
;
_struct_ref.pdbx_align_begin           981 
# 
_struct_ref_seq.align_id                      1 
_struct_ref_seq.ref_id                        1 
_struct_ref_seq.pdbx_PDB_id_code              5QXL 
_struct_ref_seq.pdbx_strand_id                A 
_struct_ref_seq.seq_align_beg                 3 
_struct_ref_seq.pdbx_seq_align_beg_ins_code   ? 
_struct_ref_seq.seq_align_end                 130 
_struct_ref_seq.pdbx_seq_align_end_ins_code   ? 
_struct_ref_seq.pdbx_db_accession             Q6PL18 
_struct_ref_seq.db_align_beg                  981 
_struct_ref_seq.pdbx_db_align_beg_ins_code    ? 
_struct_ref_seq.db_align_end                  1108 
_struct_ref_seq.pdbx_db_align_end_ins_code    ? 
_struct_ref_seq.pdbx_auth_seq_align_beg       981 
_struct_ref_seq.pdbx_auth_seq_align_end       1108 
# 
loop_
_struct_ref_seq_dif.align_id 
_struct_ref_seq_dif.pdbx_pdb_id_code 
_struct_ref_seq_dif.mon_id 
_struct_ref_seq_dif.pdbx_pdb_strand_id 
_struct_ref_seq_dif.seq_num 
_struct_ref_seq_dif.pdbx_pdb_ins_code 
_struct_ref_seq_dif.pdbx_seq_db_name 
_struct_ref_seq_dif.pdbx_seq_db_accession_code 
_struct_ref_seq_dif.db_mon_id 
_struct_ref_seq_dif.pdbx_seq_db_seq_num 
_struct_ref_seq_dif.details 
_struct_ref_seq_dif.pdbx_auth_seq_num 
_struct_ref_seq_dif.pdbx_ordinal 
1 5QXL SER A 1  ? UNP Q6PL18 ?   ?    'expression tag' 979  1 
1 5QXL MET A 2  ? UNP Q6PL18 ?   ?    'expression tag' 980  2 
1 5QXL ARG A 44 ? UNP Q6PL18 VAL 1022 conflict         1022 3 
1 5QXL GLU A 49 ? UNP Q6PL18 GLN 1027 conflict         1027 4 
# 
_pdbx_struct_assembly.id                   1 
_pdbx_struct_assembly.details              author_and_software_defined_assembly 
_pdbx_struct_assembly.method_details       PISA 
_pdbx_struct_assembly.oligomeric_details   monomeric 
_pdbx_struct_assembly.oligomeric_count     1 
# 
_pdbx_struct_assembly_gen.assembly_id       1 
_pdbx_struct_assembly_gen.oper_expression   1 
_pdbx_struct_assembly_gen.asym_id_list      A,B,C,D,E,F,G,H 
# 
_pdbx_struct_oper_list.id                   1 
_pdbx_struct_oper_list.type                 'identity operation' 
_pdbx_struct_oper_list.name                 1_555 
_pdbx_struct_oper_list.symmetry_operation   x,y,z 
_pdbx_struct_oper_list.matrix[1][1]         1.0000000000 
_pdbx_struct_oper_list.matrix[1][2]         0.0000000000 
_pdbx_struct_oper_list.matrix[1][3]         0.0000000000 
_pdbx_struct_oper_list.vector[1]            0.0000000000 
_pdbx_struct_oper_list.matrix[2][1]         0.0000000000 
_pdbx_struct_oper_list.matrix[2][2]         1.0000000000 
_pdbx_struct_oper_list.matrix[2][3]         0.0000000000 
_pdbx_struct_oper_list.vector[2]            0.0000000000 
_pdbx_struct_oper_list.matrix[3][1]         0.0000000000 
_pdbx_struct_oper_list.matrix[3][2]         0.0000000000 
_pdbx_struct_oper_list.matrix[3][3]         1.0000000000 
_pdbx_struct_oper_list.vector[3]            0.0000000000 
# 
loop_
_struct_conf.conf_type_id 
_struct_conf.id 
_struct_conf.pdbx_PDB_helix_id 
_struct_conf.beg_label_comp_id 
_struct_conf.beg_label_asym_id 
_struct_conf.beg_label_seq_id 
_struct_conf.pdbx_beg_PDB_ins_code 
_struct_conf.end_label_comp_id 
_struct_conf.end_label_asym_id 
_struct_conf.end_label_seq_id 
_struct_conf.pdbx_end_PDB_ins_code 
_struct_conf.beg_auth_comp_id 
_struct_conf.beg_auth_asym_id 
_struct_conf.beg_auth_seq_id 
_struct_conf.end_auth_comp_id 
_struct_conf.end_auth_asym_id 
_struct_conf.end_auth_seq_id 
_struct_conf.pdbx_PDB_helix_class 
_struct_conf.details 
_struct_conf.pdbx_PDB_helix_length 
HELX_P HELX_P1 AA1 SER A 1   ? ILE A 24  ? SER A 979  ILE A 1002 1 ? 24 
HELX_P HELX_P2 AA2 ASP A 25  ? THR A 32  ? ASP A 1003 THR A 1010 5 ? 8  
HELX_P HELX_P3 AA3 ASP A 42  ? ILE A 47  ? ASP A 1020 ILE A 1025 1 ? 6  
HELX_P HELX_P4 AA4 ASP A 52  ? LEU A 62  ? ASP A 1030 LEU A 1040 1 ? 11 
HELX_P HELX_P5 AA5 THR A 67  ? ASN A 86  ? THR A 1045 ASN A 1064 1 ? 20 
HELX_P HELX_P6 AA6 ASP A 90  ? LEU A 115 ? ASP A 1068 LEU A 1093 1 ? 26 
HELX_P HELX_P7 AA7 ASP A 116 ? SER A 129 ? ASP A 1094 SER A 1107 1 ? 14 
# 
_struct_conf_type.id          HELX_P 
_struct_conf_type.criteria    ? 
_struct_conf_type.reference   ? 
# 
loop_
_struct_site.id 
_struct_site.pdbx_evidence_code 
_struct_site.pdbx_auth_asym_id 
_struct_site.pdbx_auth_comp_id 
_struct_site.pdbx_auth_seq_id 
_struct_site.pdbx_auth_ins_code 
_struct_site.pdbx_num_residues 
_struct_site.details 
AC1 Software A RGD 1201 ? 5 'binding site for residue RGD A 1201' 
AC2 Software A SO4 1202 ? 9 'binding site for residue SO4 A 1202' 
AC3 Software A SO4 1203 ? 8 'binding site for residue SO4 A 1203' 
AC4 Software A EDO 1204 ? 5 'binding site for residue EDO A 1204' 
AC5 Software A EDO 1205 ? 3 'binding site for residue EDO A 1205' 
AC6 Software A EDO 1206 ? 3 'binding site for residue EDO A 1206' 
# 
loop_
_struct_site_gen.id 
_struct_site_gen.site_id 
_struct_site_gen.pdbx_num_res 
_struct_site_gen.label_comp_id 
_struct_site_gen.label_asym_id 
_struct_site_gen.label_seq_id 
_struct_site_gen.pdbx_auth_ins_code 
_struct_site_gen.auth_comp_id 
_struct_site_gen.auth_asym_id 
_struct_site_gen.auth_seq_id 
_struct_site_gen.label_atom_id 
_struct_site_gen.label_alt_id 
_struct_site_gen.symmetry 
_struct_site_gen.details 
1  AC1 5 VAL A 30  ? VAL A 1008 . ? 1_555  ? 
2  AC1 5 PHE A 31  ? PHE A 1009 . ? 1_555  ? 
3  AC1 5 TYR A 85  ? TYR A 1063 . ? 1_555  ? 
4  AC1 5 ASN A 86  ? ASN A 1064 . ? 1_555  ? 
5  AC1 5 HOH H .   ? HOH A 1336 . ? 1_555  ? 
6  AC2 9 ARG A 9   ? ARG A 987  . ? 6_654  ? 
7  AC2 9 ARG A 12  ? ARG A 990  . ? 6_654  ? 
8  AC2 9 ARG A 16  ? ARG A 994  . ? 6_654  ? 
9  AC2 9 ARG A 89  ? ARG A 1067 . ? 1_555  ? 
10 AC2 9 ARG A 94  ? ARG A 1072 . ? 1_555  ? 
11 AC2 9 HOH H .   ? HOH A 1301 . ? 1_555  ? 
12 AC2 9 HOH H .   ? HOH A 1340 . ? 1_555  ? 
13 AC2 9 HOH H .   ? HOH A 1431 . ? 1_555  ? 
14 AC2 9 HOH H .   ? HOH A 1435 . ? 6_654  ? 
15 AC3 8 LYS A 64  ? LYS A 1042 . ? 12_564 ? 
16 AC3 8 LYS A 64  ? LYS A 1042 . ? 1_555  ? 
17 AC3 8 HOH H .   ? HOH A 1330 . ? 1_555  ? 
18 AC3 8 HOH H .   ? HOH A 1330 . ? 12_564 ? 
19 AC3 8 HOH H .   ? HOH A 1377 . ? 1_555  ? 
20 AC3 8 HOH H .   ? HOH A 1377 . ? 12_564 ? 
21 AC3 8 HOH H .   ? HOH A 1415 . ? 1_555  ? 
22 AC3 8 HOH H .   ? HOH A 1415 . ? 12_564 ? 
23 AC4 5 GLU A 10  ? GLU A 988  . ? 1_555  ? 
24 AC4 5 ASP A 116 ? ASP A 1094 . ? 1_555  ? 
25 AC4 5 PHE A 119 ? PHE A 1097 . ? 1_555  ? 
26 AC4 5 HOH H .   ? HOH A 1349 . ? 1_555  ? 
27 AC4 5 HOH H .   ? HOH A 1405 . ? 1_555  ? 
28 AC5 3 GLU A 113 ? GLU A 1091 . ? 1_555  ? 
29 AC5 3 GLU A 114 ? GLU A 1092 . ? 1_555  ? 
30 AC5 3 ASP A 116 ? ASP A 1094 . ? 1_555  ? 
31 AC6 3 PRO A 50  ? PRO A 1028 . ? 12_564 ? 
32 AC6 3 HOH H .   ? HOH A 1331 . ? 1_555  ? 
33 AC6 3 HOH H .   ? HOH A 1403 . ? 1_555  ? 
# 
loop_
_pdbx_validate_close_contact.id 
_pdbx_validate_close_contact.PDB_model_num 
_pdbx_validate_close_contact.auth_atom_id_1 
_pdbx_validate_close_contact.auth_asym_id_1 
_pdbx_validate_close_contact.auth_comp_id_1 
_pdbx_validate_close_contact.auth_seq_id_1 
_pdbx_validate_close_contact.PDB_ins_code_1 
_pdbx_validate_close_contact.label_alt_id_1 
_pdbx_validate_close_contact.auth_atom_id_2 
_pdbx_validate_close_contact.auth_asym_id_2 
_pdbx_validate_close_contact.auth_comp_id_2 
_pdbx_validate_close_contact.auth_seq_id_2 
_pdbx_validate_close_contact.PDB_ins_code_2 
_pdbx_validate_close_contact.label_alt_id_2 
_pdbx_validate_close_contact.dist 
1 1 O   A HOH 1467 ? ? O A HOH 1514 ? ? 1.93 
2 1 O1  A SO4 1202 ? ? O A HOH 1301 ? ? 2.02 
3 1 O   A HOH 1433 ? ? O A HOH 1510 ? ? 2.04 
4 1 O   A HOH 1471 ? ? O A HOH 1485 ? ? 2.09 
5 1 OD1 A ASP 1020 ? ? O A HOH 1302 ? ? 2.14 
6 1 O   A HOH 1486 ? ? O A HOH 1504 ? ? 2.17 
# 
_pdbx_validate_rmsd_bond.id                        1 
_pdbx_validate_rmsd_bond.PDB_model_num             1 
_pdbx_validate_rmsd_bond.auth_atom_id_1            CD 
_pdbx_validate_rmsd_bond.auth_asym_id_1            A 
_pdbx_validate_rmsd_bond.auth_comp_id_1            GLU 
_pdbx_validate_rmsd_bond.auth_seq_id_1             1102 
_pdbx_validate_rmsd_bond.PDB_ins_code_1            ? 
_pdbx_validate_rmsd_bond.label_alt_id_1            ? 
_pdbx_validate_rmsd_bond.auth_atom_id_2            OE2 
_pdbx_validate_rmsd_bond.auth_asym_id_2            A 
_pdbx_validate_rmsd_bond.auth_comp_id_2            GLU 
_pdbx_validate_rmsd_bond.auth_seq_id_2             1102 
_pdbx_validate_rmsd_bond.PDB_ins_code_2            ? 
_pdbx_validate_rmsd_bond.label_alt_id_2            ? 
_pdbx_validate_rmsd_bond.bond_value                1.321 
_pdbx_validate_rmsd_bond.bond_target_value         1.252 
_pdbx_validate_rmsd_bond.bond_deviation            0.069 
_pdbx_validate_rmsd_bond.bond_standard_deviation   0.011 
_pdbx_validate_rmsd_bond.linker_flag               N 
# 
loop_
_pdbx_validate_rmsd_angle.id 
_pdbx_validate_rmsd_angle.PDB_model_num 
_pdbx_validate_rmsd_angle.auth_atom_id_1 
_pdbx_validate_rmsd_angle.auth_asym_id_1 
_pdbx_validate_rmsd_angle.auth_comp_id_1 
_pdbx_validate_rmsd_angle.auth_seq_id_1 
_pdbx_validate_rmsd_angle.PDB_ins_code_1 
_pdbx_validate_rmsd_angle.label_alt_id_1 
_pdbx_validate_rmsd_angle.auth_atom_id_2 
_pdbx_validate_rmsd_angle.auth_asym_id_2 
_pdbx_validate_rmsd_angle.auth_comp_id_2 
_pdbx_validate_rmsd_angle.auth_seq_id_2 
_pdbx_validate_rmsd_angle.PDB_ins_code_2 
_pdbx_validate_rmsd_angle.label_alt_id_2 
_pdbx_validate_rmsd_angle.auth_atom_id_3 
_pdbx_validate_rmsd_angle.auth_asym_id_3 
_pdbx_validate_rmsd_angle.auth_comp_id_3 
_pdbx_validate_rmsd_angle.auth_seq_id_3 
_pdbx_validate_rmsd_angle.PDB_ins_code_3 
_pdbx_validate_rmsd_angle.label_alt_id_3 
_pdbx_validate_rmsd_angle.angle_value 
_pdbx_validate_rmsd_angle.angle_target_value 
_pdbx_validate_rmsd_angle.angle_deviation 
_pdbx_validate_rmsd_angle.angle_standard_deviation 
_pdbx_validate_rmsd_angle.linker_flag 
1 1 NE A ARG 987  ? B CZ A ARG 987  ? B NH1 A ARG 987  ? B 115.87 120.30 -4.43 0.50 N 
2 1 NE A ARG 987  ? B CZ A ARG 987  ? B NH2 A ARG 987  ? B 124.42 120.30 4.12  0.50 N 
3 1 NE A ARG 994  ? ? CZ A ARG 994  ? ? NH1 A ARG 994  ? ? 123.38 120.30 3.08  0.50 N 
4 1 NE A ARG 1067 ? ? CZ A ARG 1067 ? ? NH2 A ARG 1067 ? ? 115.31 120.30 -4.99 0.50 N 
# 
loop_
_pdbx_struct_special_symmetry.id 
_pdbx_struct_special_symmetry.PDB_model_num 
_pdbx_struct_special_symmetry.auth_asym_id 
_pdbx_struct_special_symmetry.auth_comp_id 
_pdbx_struct_special_symmetry.auth_seq_id 
_pdbx_struct_special_symmetry.PDB_ins_code 
_pdbx_struct_special_symmetry.label_asym_id 
_pdbx_struct_special_symmetry.label_comp_id 
_pdbx_struct_special_symmetry.label_seq_id 
1 1 A SO4 1203 ? D SO4 . 
2 1 A HOH 1358 ? H HOH . 
# 
_phasing.method   MR 
# 
_pdbx_entry_details.entry_id                 5QXL 
_pdbx_entry_details.has_ligand_of_interest   Y 
_pdbx_entry_details.compound_details         ? 
_pdbx_entry_details.source_details           ? 
_pdbx_entry_details.nonpolymer_details       ? 
_pdbx_entry_details.sequence_details         ? 
# 
loop_
_pdbx_distant_solvent_atoms.id 
_pdbx_distant_solvent_atoms.PDB_model_num 
_pdbx_distant_solvent_atoms.auth_atom_id 
_pdbx_distant_solvent_atoms.label_alt_id 
_pdbx_distant_solvent_atoms.auth_asym_id 
_pdbx_distant_solvent_atoms.auth_comp_id 
_pdbx_distant_solvent_atoms.auth_seq_id 
_pdbx_distant_solvent_atoms.PDB_ins_code 
_pdbx_distant_solvent_atoms.neighbor_macromolecule_distance 
_pdbx_distant_solvent_atoms.neighbor_ligand_distance 
1 1 O ? A HOH 1523 ? 5.85 . 
2 1 O ? A HOH 1524 ? 6.42 . 
# 
loop_
_chem_comp_atom.comp_id 
_chem_comp_atom.atom_id 
_chem_comp_atom.type_symbol 
_chem_comp_atom.pdbx_aromatic_flag 
_chem_comp_atom.pdbx_stereo_config 
_chem_comp_atom.pdbx_ordinal 
ALA N    N N N 1   
ALA CA   C N S 2   
ALA C    C N N 3   
ALA O    O N N 4   
ALA CB   C N N 5   
ALA OXT  O N N 6   
ALA H    H N N 7   
ALA H2   H N N 8   
ALA HA   H N N 9   
ALA HB1  H N N 10  
ALA HB2  H N N 11  
ALA HB3  H N N 12  
ALA HXT  H N N 13  
ARG N    N N N 14  
ARG CA   C N S 15  
ARG C    C N N 16  
ARG O    O N N 17  
ARG CB   C N N 18  
ARG CG   C N N 19  
ARG CD   C N N 20  
ARG NE   N N N 21  
ARG CZ   C N N 22  
ARG NH1  N N N 23  
ARG NH2  N N N 24  
ARG OXT  O N N 25  
ARG H    H N N 26  
ARG H2   H N N 27  
ARG HA   H N N 28  
ARG HB2  H N N 29  
ARG HB3  H N N 30  
ARG HG2  H N N 31  
ARG HG3  H N N 32  
ARG HD2  H N N 33  
ARG HD3  H N N 34  
ARG HE   H N N 35  
ARG HH11 H N N 36  
ARG HH12 H N N 37  
ARG HH21 H N N 38  
ARG HH22 H N N 39  
ARG HXT  H N N 40  
ASN N    N N N 41  
ASN CA   C N S 42  
ASN C    C N N 43  
ASN O    O N N 44  
ASN CB   C N N 45  
ASN CG   C N N 46  
ASN OD1  O N N 47  
ASN ND2  N N N 48  
ASN OXT  O N N 49  
ASN H    H N N 50  
ASN H2   H N N 51  
ASN HA   H N N 52  
ASN HB2  H N N 53  
ASN HB3  H N N 54  
ASN HD21 H N N 55  
ASN HD22 H N N 56  
ASN HXT  H N N 57  
ASP N    N N N 58  
ASP CA   C N S 59  
ASP C    C N N 60  
ASP O    O N N 61  
ASP CB   C N N 62  
ASP CG   C N N 63  
ASP OD1  O N N 64  
ASP OD2  O N N 65  
ASP OXT  O N N 66  
ASP H    H N N 67  
ASP H2   H N N 68  
ASP HA   H N N 69  
ASP HB2  H N N 70  
ASP HB3  H N N 71  
ASP HD2  H N N 72  
ASP HXT  H N N 73  
CYS N    N N N 74  
CYS CA   C N R 75  
CYS C    C N N 76  
CYS O    O N N 77  
CYS CB   C N N 78  
CYS SG   S N N 79  
CYS OXT  O N N 80  
CYS H    H N N 81  
CYS H2   H N N 82  
CYS HA   H N N 83  
CYS HB2  H N N 84  
CYS HB3  H N N 85  
CYS HG   H N N 86  
CYS HXT  H N N 87  
EDO C1   C N N 88  
EDO O1   O N N 89  
EDO C2   C N N 90  
EDO O2   O N N 91  
EDO H11  H N N 92  
EDO H12  H N N 93  
EDO HO1  H N N 94  
EDO H21  H N N 95  
EDO H22  H N N 96  
EDO HO2  H N N 97  
GLN N    N N N 98  
GLN CA   C N S 99  
GLN C    C N N 100 
GLN O    O N N 101 
GLN CB   C N N 102 
GLN CG   C N N 103 
GLN CD   C N N 104 
GLN OE1  O N N 105 
GLN NE2  N N N 106 
GLN OXT  O N N 107 
GLN H    H N N 108 
GLN H2   H N N 109 
GLN HA   H N N 110 
GLN HB2  H N N 111 
GLN HB3  H N N 112 
GLN HG2  H N N 113 
GLN HG3  H N N 114 
GLN HE21 H N N 115 
GLN HE22 H N N 116 
GLN HXT  H N N 117 
GLU N    N N N 118 
GLU CA   C N S 119 
GLU C    C N N 120 
GLU O    O N N 121 
GLU CB   C N N 122 
GLU CG   C N N 123 
GLU CD   C N N 124 
GLU OE1  O N N 125 
GLU OE2  O N N 126 
GLU OXT  O N N 127 
GLU H    H N N 128 
GLU H2   H N N 129 
GLU HA   H N N 130 
GLU HB2  H N N 131 
GLU HB3  H N N 132 
GLU HG2  H N N 133 
GLU HG3  H N N 134 
GLU HE2  H N N 135 
GLU HXT  H N N 136 
GLY N    N N N 137 
GLY CA   C N N 138 
GLY C    C N N 139 
GLY O    O N N 140 
GLY OXT  O N N 141 
GLY H    H N N 142 
GLY H2   H N N 143 
GLY HA2  H N N 144 
GLY HA3  H N N 145 
GLY HXT  H N N 146 
HIS N    N N N 147 
HIS CA   C N S 148 
HIS C    C N N 149 
HIS O    O N N 150 
HIS CB   C N N 151 
HIS CG   C Y N 152 
HIS ND1  N Y N 153 
HIS CD2  C Y N 154 
HIS CE1  C Y N 155 
HIS NE2  N Y N 156 
HIS OXT  O N N 157 
HIS H    H N N 158 
HIS H2   H N N 159 
HIS HA   H N N 160 
HIS HB2  H N N 161 
HIS HB3  H N N 162 
HIS HD1  H N N 163 
HIS HD2  H N N 164 
HIS HE1  H N N 165 
HIS HE2  H N N 166 
HIS HXT  H N N 167 
HOH O    O N N 168 
HOH H1   H N N 169 
HOH H2   H N N 170 
ILE N    N N N 171 
ILE CA   C N S 172 
ILE C    C N N 173 
ILE O    O N N 174 
ILE CB   C N S 175 
ILE CG1  C N N 176 
ILE CG2  C N N 177 
ILE CD1  C N N 178 
ILE OXT  O N N 179 
ILE H    H N N 180 
ILE H2   H N N 181 
ILE HA   H N N 182 
ILE HB   H N N 183 
ILE HG12 H N N 184 
ILE HG13 H N N 185 
ILE HG21 H N N 186 
ILE HG22 H N N 187 
ILE HG23 H N N 188 
ILE HD11 H N N 189 
ILE HD12 H N N 190 
ILE HD13 H N N 191 
ILE HXT  H N N 192 
LEU N    N N N 193 
LEU CA   C N S 194 
LEU C    C N N 195 
LEU O    O N N 196 
LEU CB   C N N 197 
LEU CG   C N N 198 
LEU CD1  C N N 199 
LEU CD2  C N N 200 
LEU OXT  O N N 201 
LEU H    H N N 202 
LEU H2   H N N 203 
LEU HA   H N N 204 
LEU HB2  H N N 205 
LEU HB3  H N N 206 
LEU HG   H N N 207 
LEU HD11 H N N 208 
LEU HD12 H N N 209 
LEU HD13 H N N 210 
LEU HD21 H N N 211 
LEU HD22 H N N 212 
LEU HD23 H N N 213 
LEU HXT  H N N 214 
LYS N    N N N 215 
LYS CA   C N S 216 
LYS C    C N N 217 
LYS O    O N N 218 
LYS CB   C N N 219 
LYS CG   C N N 220 
LYS CD   C N N 221 
LYS CE   C N N 222 
LYS NZ   N N N 223 
LYS OXT  O N N 224 
LYS H    H N N 225 
LYS H2   H N N 226 
LYS HA   H N N 227 
LYS HB2  H N N 228 
LYS HB3  H N N 229 
LYS HG2  H N N 230 
LYS HG3  H N N 231 
LYS HD2  H N N 232 
LYS HD3  H N N 233 
LYS HE2  H N N 234 
LYS HE3  H N N 235 
LYS HZ1  H N N 236 
LYS HZ2  H N N 237 
LYS HZ3  H N N 238 
LYS HXT  H N N 239 
MET N    N N N 240 
MET CA   C N S 241 
MET C    C N N 242 
MET O    O N N 243 
MET CB   C N N 244 
MET CG   C N N 245 
MET SD   S N N 246 
MET CE   C N N 247 
MET OXT  O N N 248 
MET H    H N N 249 
MET H2   H N N 250 
MET HA   H N N 251 
MET HB2  H N N 252 
MET HB3  H N N 253 
MET HG2  H N N 254 
MET HG3  H N N 255 
MET HE1  H N N 256 
MET HE2  H N N 257 
MET HE3  H N N 258 
MET HXT  H N N 259 
PHE N    N N N 260 
PHE CA   C N S 261 
PHE C    C N N 262 
PHE O    O N N 263 
PHE CB   C N N 264 
PHE CG   C Y N 265 
PHE CD1  C Y N 266 
PHE CD2  C Y N 267 
PHE CE1  C Y N 268 
PHE CE2  C Y N 269 
PHE CZ   C Y N 270 
PHE OXT  O N N 271 
PHE H    H N N 272 
PHE H2   H N N 273 
PHE HA   H N N 274 
PHE HB2  H N N 275 
PHE HB3  H N N 276 
PHE HD1  H N N 277 
PHE HD2  H N N 278 
PHE HE1  H N N 279 
PHE HE2  H N N 280 
PHE HZ   H N N 281 
PHE HXT  H N N 282 
PRO N    N N N 283 
PRO CA   C N S 284 
PRO C    C N N 285 
PRO O    O N N 286 
PRO CB   C N N 287 
PRO CG   C N N 288 
PRO CD   C N N 289 
PRO OXT  O N N 290 
PRO H    H N N 291 
PRO HA   H N N 292 
PRO HB2  H N N 293 
PRO HB3  H N N 294 
PRO HG2  H N N 295 
PRO HG3  H N N 296 
PRO HD2  H N N 297 
PRO HD3  H N N 298 
PRO HXT  H N N 299 
RGD C10  C N S 300 
RGD C17  C N N 301 
RGD C02  C N N 302 
RGD C03  C N N 303 
RGD C04  C N S 304 
RGD C05  C N N 305 
RGD C07  C N N 306 
RGD C08  C N S 307 
RGD C09  C N N 308 
RGD C11  C N N 309 
RGD C14  C N N 310 
RGD C16  C N N 311 
RGD C18  C N N 312 
RGD C19  C N N 313 
RGD N06  N N N 314 
RGD O01  O N N 315 
RGD O12  O N N 316 
RGD O13  O N N 317 
RGD O15  O N N 318 
RGD H1   H N N 319 
RGD H2   H N N 320 
RGD H3   H N N 321 
RGD H4   H N N 322 
RGD H5   H N N 323 
RGD H6   H N N 324 
RGD H7   H N N 325 
RGD H8   H N N 326 
RGD H9   H N N 327 
RGD H10  H N N 328 
RGD H11  H N N 329 
RGD H12  H N N 330 
RGD H13  H N N 331 
RGD H14  H N N 332 
RGD H15  H N N 333 
RGD H16  H N N 334 
RGD H17  H N N 335 
RGD H18  H N N 336 
RGD H19  H N N 337 
RGD H20  H N N 338 
RGD H21  H N N 339 
RGD H22  H N N 340 
RGD H23  H N N 341 
SER N    N N N 342 
SER CA   C N S 343 
SER C    C N N 344 
SER O    O N N 345 
SER CB   C N N 346 
SER OG   O N N 347 
SER OXT  O N N 348 
SER H    H N N 349 
SER H2   H N N 350 
SER HA   H N N 351 
SER HB2  H N N 352 
SER HB3  H N N 353 
SER HG   H N N 354 
SER HXT  H N N 355 
SO4 S    S N N 356 
SO4 O1   O N N 357 
SO4 O2   O N N 358 
SO4 O3   O N N 359 
SO4 O4   O N N 360 
THR N    N N N 361 
THR CA   C N S 362 
THR C    C N N 363 
THR O    O N N 364 
THR CB   C N R 365 
THR OG1  O N N 366 
THR CG2  C N N 367 
THR OXT  O N N 368 
THR H    H N N 369 
THR H2   H N N 370 
THR HA   H N N 371 
THR HB   H N N 372 
THR HG1  H N N 373 
THR HG21 H N N 374 
THR HG22 H N N 375 
THR HG23 H N N 376 
THR HXT  H N N 377 
TYR N    N N N 378 
TYR CA   C N S 379 
TYR C    C N N 380 
TYR O    O N N 381 
TYR CB   C N N 382 
TYR CG   C Y N 383 
TYR CD1  C Y N 384 
TYR CD2  C Y N 385 
TYR CE1  C Y N 386 
TYR CE2  C Y N 387 
TYR CZ   C Y N 388 
TYR OH   O N N 389 
TYR OXT  O N N 390 
TYR H    H N N 391 
TYR H2   H N N 392 
TYR HA   H N N 393 
TYR HB2  H N N 394 
TYR HB3  H N N 395 
TYR HD1  H N N 396 
TYR HD2  H N N 397 
TYR HE1  H N N 398 
TYR HE2  H N N 399 
TYR HH   H N N 400 
TYR HXT  H N N 401 
VAL N    N N N 402 
VAL CA   C N S 403 
VAL C    C N N 404 
VAL O    O N N 405 
VAL CB   C N N 406 
VAL CG1  C N N 407 
VAL CG2  C N N 408 
VAL OXT  O N N 409 
VAL H    H N N 410 
VAL H2   H N N 411 
VAL HA   H N N 412 
VAL HB   H N N 413 
VAL HG11 H N N 414 
VAL HG12 H N N 415 
VAL HG13 H N N 416 
VAL HG21 H N N 417 
VAL HG22 H N N 418 
VAL HG23 H N N 419 
VAL HXT  H N N 420 
# 
loop_
_chem_comp_bond.comp_id 
_chem_comp_bond.atom_id_1 
_chem_comp_bond.atom_id_2 
_chem_comp_bond.value_order 
_chem_comp_bond.pdbx_aromatic_flag 
_chem_comp_bond.pdbx_stereo_config 
_chem_comp_bond.pdbx_ordinal 
ALA N   CA   sing N N 1   
ALA N   H    sing N N 2   
ALA N   H2   sing N N 3   
ALA CA  C    sing N N 4   
ALA CA  CB   sing N N 5   
ALA CA  HA   sing N N 6   
ALA C   O    doub N N 7   
ALA C   OXT  sing N N 8   
ALA CB  HB1  sing N N 9   
ALA CB  HB2  sing N N 10  
ALA CB  HB3  sing N N 11  
ALA OXT HXT  sing N N 12  
ARG N   CA   sing N N 13  
ARG N   H    sing N N 14  
ARG N   H2   sing N N 15  
ARG CA  C    sing N N 16  
ARG CA  CB   sing N N 17  
ARG CA  HA   sing N N 18  
ARG C   O    doub N N 19  
ARG C   OXT  sing N N 20  
ARG CB  CG   sing N N 21  
ARG CB  HB2  sing N N 22  
ARG CB  HB3  sing N N 23  
ARG CG  CD   sing N N 24  
ARG CG  HG2  sing N N 25  
ARG CG  HG3  sing N N 26  
ARG CD  NE   sing N N 27  
ARG CD  HD2  sing N N 28  
ARG CD  HD3  sing N N 29  
ARG NE  CZ   sing N N 30  
ARG NE  HE   sing N N 31  
ARG CZ  NH1  sing N N 32  
ARG CZ  NH2  doub N N 33  
ARG NH1 HH11 sing N N 34  
ARG NH1 HH12 sing N N 35  
ARG NH2 HH21 sing N N 36  
ARG NH2 HH22 sing N N 37  
ARG OXT HXT  sing N N 38  
ASN N   CA   sing N N 39  
ASN N   H    sing N N 40  
ASN N   H2   sing N N 41  
ASN CA  C    sing N N 42  
ASN CA  CB   sing N N 43  
ASN CA  HA   sing N N 44  
ASN C   O    doub N N 45  
ASN C   OXT  sing N N 46  
ASN CB  CG   sing N N 47  
ASN CB  HB2  sing N N 48  
ASN CB  HB3  sing N N 49  
ASN CG  OD1  doub N N 50  
ASN CG  ND2  sing N N 51  
ASN ND2 HD21 sing N N 52  
ASN ND2 HD22 sing N N 53  
ASN OXT HXT  sing N N 54  
ASP N   CA   sing N N 55  
ASP N   H    sing N N 56  
ASP N   H2   sing N N 57  
ASP CA  C    sing N N 58  
ASP CA  CB   sing N N 59  
ASP CA  HA   sing N N 60  
ASP C   O    doub N N 61  
ASP C   OXT  sing N N 62  
ASP CB  CG   sing N N 63  
ASP CB  HB2  sing N N 64  
ASP CB  HB3  sing N N 65  
ASP CG  OD1  doub N N 66  
ASP CG  OD2  sing N N 67  
ASP OD2 HD2  sing N N 68  
ASP OXT HXT  sing N N 69  
CYS N   CA   sing N N 70  
CYS N   H    sing N N 71  
CYS N   H2   sing N N 72  
CYS CA  C    sing N N 73  
CYS CA  CB   sing N N 74  
CYS CA  HA   sing N N 75  
CYS C   O    doub N N 76  
CYS C   OXT  sing N N 77  
CYS CB  SG   sing N N 78  
CYS CB  HB2  sing N N 79  
CYS CB  HB3  sing N N 80  
CYS SG  HG   sing N N 81  
CYS OXT HXT  sing N N 82  
EDO C1  O1   sing N N 83  
EDO C1  C2   sing N N 84  
EDO C1  H11  sing N N 85  
EDO C1  H12  sing N N 86  
EDO O1  HO1  sing N N 87  
EDO C2  O2   sing N N 88  
EDO C2  H21  sing N N 89  
EDO C2  H22  sing N N 90  
EDO O2  HO2  sing N N 91  
GLN N   CA   sing N N 92  
GLN N   H    sing N N 93  
GLN N   H2   sing N N 94  
GLN CA  C    sing N N 95  
GLN CA  CB   sing N N 96  
GLN CA  HA   sing N N 97  
GLN C   O    doub N N 98  
GLN C   OXT  sing N N 99  
GLN CB  CG   sing N N 100 
GLN CB  HB2  sing N N 101 
GLN CB  HB3  sing N N 102 
GLN CG  CD   sing N N 103 
GLN CG  HG2  sing N N 104 
GLN CG  HG3  sing N N 105 
GLN CD  OE1  doub N N 106 
GLN CD  NE2  sing N N 107 
GLN NE2 HE21 sing N N 108 
GLN NE2 HE22 sing N N 109 
GLN OXT HXT  sing N N 110 
GLU N   CA   sing N N 111 
GLU N   H    sing N N 112 
GLU N   H2   sing N N 113 
GLU CA  C    sing N N 114 
GLU CA  CB   sing N N 115 
GLU CA  HA   sing N N 116 
GLU C   O    doub N N 117 
GLU C   OXT  sing N N 118 
GLU CB  CG   sing N N 119 
GLU CB  HB2  sing N N 120 
GLU CB  HB3  sing N N 121 
GLU CG  CD   sing N N 122 
GLU CG  HG2  sing N N 123 
GLU CG  HG3  sing N N 124 
GLU CD  OE1  doub N N 125 
GLU CD  OE2  sing N N 126 
GLU OE2 HE2  sing N N 127 
GLU OXT HXT  sing N N 128 
GLY N   CA   sing N N 129 
GLY N   H    sing N N 130 
GLY N   H2   sing N N 131 
GLY CA  C    sing N N 132 
GLY CA  HA2  sing N N 133 
GLY CA  HA3  sing N N 134 
GLY C   O    doub N N 135 
GLY C   OXT  sing N N 136 
GLY OXT HXT  sing N N 137 
HIS N   CA   sing N N 138 
HIS N   H    sing N N 139 
HIS N   H2   sing N N 140 
HIS CA  C    sing N N 141 
HIS CA  CB   sing N N 142 
HIS CA  HA   sing N N 143 
HIS C   O    doub N N 144 
HIS C   OXT  sing N N 145 
HIS CB  CG   sing N N 146 
HIS CB  HB2  sing N N 147 
HIS CB  HB3  sing N N 148 
HIS CG  ND1  sing Y N 149 
HIS CG  CD2  doub Y N 150 
HIS ND1 CE1  doub Y N 151 
HIS ND1 HD1  sing N N 152 
HIS CD2 NE2  sing Y N 153 
HIS CD2 HD2  sing N N 154 
HIS CE1 NE2  sing Y N 155 
HIS CE1 HE1  sing N N 156 
HIS NE2 HE2  sing N N 157 
HIS OXT HXT  sing N N 158 
HOH O   H1   sing N N 159 
HOH O   H2   sing N N 160 
ILE N   CA   sing N N 161 
ILE N   H    sing N N 162 
ILE N   H2   sing N N 163 
ILE CA  C    sing N N 164 
ILE CA  CB   sing N N 165 
ILE CA  HA   sing N N 166 
ILE C   O    doub N N 167 
ILE C   OXT  sing N N 168 
ILE CB  CG1  sing N N 169 
ILE CB  CG2  sing N N 170 
ILE CB  HB   sing N N 171 
ILE CG1 CD1  sing N N 172 
ILE CG1 HG12 sing N N 173 
ILE CG1 HG13 sing N N 174 
ILE CG2 HG21 sing N N 175 
ILE CG2 HG22 sing N N 176 
ILE CG2 HG23 sing N N 177 
ILE CD1 HD11 sing N N 178 
ILE CD1 HD12 sing N N 179 
ILE CD1 HD13 sing N N 180 
ILE OXT HXT  sing N N 181 
LEU N   CA   sing N N 182 
LEU N   H    sing N N 183 
LEU N   H2   sing N N 184 
LEU CA  C    sing N N 185 
LEU CA  CB   sing N N 186 
LEU CA  HA   sing N N 187 
LEU C   O    doub N N 188 
LEU C   OXT  sing N N 189 
LEU CB  CG   sing N N 190 
LEU CB  HB2  sing N N 191 
LEU CB  HB3  sing N N 192 
LEU CG  CD1  sing N N 193 
LEU CG  CD2  sing N N 194 
LEU CG  HG   sing N N 195 
LEU CD1 HD11 sing N N 196 
LEU CD1 HD12 sing N N 197 
LEU CD1 HD13 sing N N 198 
LEU CD2 HD21 sing N N 199 
LEU CD2 HD22 sing N N 200 
LEU CD2 HD23 sing N N 201 
LEU OXT HXT  sing N N 202 
LYS N   CA   sing N N 203 
LYS N   H    sing N N 204 
LYS N   H2   sing N N 205 
LYS CA  C    sing N N 206 
LYS CA  CB   sing N N 207 
LYS CA  HA   sing N N 208 
LYS C   O    doub N N 209 
LYS C   OXT  sing N N 210 
LYS CB  CG   sing N N 211 
LYS CB  HB2  sing N N 212 
LYS CB  HB3  sing N N 213 
LYS CG  CD   sing N N 214 
LYS CG  HG2  sing N N 215 
LYS CG  HG3  sing N N 216 
LYS CD  CE   sing N N 217 
LYS CD  HD2  sing N N 218 
LYS CD  HD3  sing N N 219 
LYS CE  NZ   sing N N 220 
LYS CE  HE2  sing N N 221 
LYS CE  HE3  sing N N 222 
LYS NZ  HZ1  sing N N 223 
LYS NZ  HZ2  sing N N 224 
LYS NZ  HZ3  sing N N 225 
LYS OXT HXT  sing N N 226 
MET N   CA   sing N N 227 
MET N   H    sing N N 228 
MET N   H2   sing N N 229 
MET CA  C    sing N N 230 
MET CA  CB   sing N N 231 
MET CA  HA   sing N N 232 
MET C   O    doub N N 233 
MET C   OXT  sing N N 234 
MET CB  CG   sing N N 235 
MET CB  HB2  sing N N 236 
MET CB  HB3  sing N N 237 
MET CG  SD   sing N N 238 
MET CG  HG2  sing N N 239 
MET CG  HG3  sing N N 240 
MET SD  CE   sing N N 241 
MET CE  HE1  sing N N 242 
MET CE  HE2  sing N N 243 
MET CE  HE3  sing N N 244 
MET OXT HXT  sing N N 245 
PHE N   CA   sing N N 246 
PHE N   H    sing N N 247 
PHE N   H2   sing N N 248 
PHE CA  C    sing N N 249 
PHE CA  CB   sing N N 250 
PHE CA  HA   sing N N 251 
PHE C   O    doub N N 252 
PHE C   OXT  sing N N 253 
PHE CB  CG   sing N N 254 
PHE CB  HB2  sing N N 255 
PHE CB  HB3  sing N N 256 
PHE CG  CD1  doub Y N 257 
PHE CG  CD2  sing Y N 258 
PHE CD1 CE1  sing Y N 259 
PHE CD1 HD1  sing N N 260 
PHE CD2 CE2  doub Y N 261 
PHE CD2 HD2  sing N N 262 
PHE CE1 CZ   doub Y N 263 
PHE CE1 HE1  sing N N 264 
PHE CE2 CZ   sing Y N 265 
PHE CE2 HE2  sing N N 266 
PHE CZ  HZ   sing N N 267 
PHE OXT HXT  sing N N 268 
PRO N   CA   sing N N 269 
PRO N   CD   sing N N 270 
PRO N   H    sing N N 271 
PRO CA  C    sing N N 272 
PRO CA  CB   sing N N 273 
PRO CA  HA   sing N N 274 
PRO C   O    doub N N 275 
PRO C   OXT  sing N N 276 
PRO CB  CG   sing N N 277 
PRO CB  HB2  sing N N 278 
PRO CB  HB3  sing N N 279 
PRO CG  CD   sing N N 280 
PRO CG  HG2  sing N N 281 
PRO CG  HG3  sing N N 282 
PRO CD  HD2  sing N N 283 
PRO CD  HD3  sing N N 284 
PRO OXT HXT  sing N N 285 
RGD C09 C08  sing N N 286 
RGD C09 C10  sing N N 287 
RGD C08 C07  sing N N 288 
RGD C08 C04  sing N N 289 
RGD C07 N06  sing N N 290 
RGD C11 C10  sing N N 291 
RGD C11 O12  sing N N 292 
RGD C10 O13  sing N N 293 
RGD O15 C14  doub N N 294 
RGD N06 C14  sing N N 295 
RGD N06 C05  sing N N 296 
RGD C04 C03  sing N N 297 
RGD C04 O13  sing N N 298 
RGD C04 C05  sing N N 299 
RGD C03 C02  sing N N 300 
RGD C14 C16  sing N N 301 
RGD C02 O01  sing N N 302 
RGD C16 C19  sing N N 303 
RGD C16 C17  sing N N 304 
RGD C19 C18  sing N N 305 
RGD C17 C18  sing N N 306 
RGD C10 H1   sing N N 307 
RGD C17 H2   sing N N 308 
RGD C17 H3   sing N N 309 
RGD C02 H4   sing N N 310 
RGD C02 H5   sing N N 311 
RGD C03 H6   sing N N 312 
RGD C03 H7   sing N N 313 
RGD C05 H8   sing N N 314 
RGD C05 H9   sing N N 315 
RGD C07 H10  sing N N 316 
RGD C07 H11  sing N N 317 
RGD C08 H12  sing N N 318 
RGD C09 H13  sing N N 319 
RGD C09 H14  sing N N 320 
RGD C11 H15  sing N N 321 
RGD C11 H16  sing N N 322 
RGD C16 H17  sing N N 323 
RGD C18 H18  sing N N 324 
RGD C18 H19  sing N N 325 
RGD C19 H20  sing N N 326 
RGD C19 H21  sing N N 327 
RGD O01 H22  sing N N 328 
RGD O12 H23  sing N N 329 
SER N   CA   sing N N 330 
SER N   H    sing N N 331 
SER N   H2   sing N N 332 
SER CA  C    sing N N 333 
SER CA  CB   sing N N 334 
SER CA  HA   sing N N 335 
SER C   O    doub N N 336 
SER C   OXT  sing N N 337 
SER CB  OG   sing N N 338 
SER CB  HB2  sing N N 339 
SER CB  HB3  sing N N 340 
SER OG  HG   sing N N 341 
SER OXT HXT  sing N N 342 
SO4 S   O1   doub N N 343 
SO4 S   O2   doub N N 344 
SO4 S   O3   sing N N 345 
SO4 S   O4   sing N N 346 
THR N   CA   sing N N 347 
THR N   H    sing N N 348 
THR N   H2   sing N N 349 
THR CA  C    sing N N 350 
THR CA  CB   sing N N 351 
THR CA  HA   sing N N 352 
THR C   O    doub N N 353 
THR C   OXT  sing N N 354 
THR CB  OG1  sing N N 355 
THR CB  CG2  sing N N 356 
THR CB  HB   sing N N 357 
THR OG1 HG1  sing N N 358 
THR CG2 HG21 sing N N 359 
THR CG2 HG22 sing N N 360 
THR CG2 HG23 sing N N 361 
THR OXT HXT  sing N N 362 
TYR N   CA   sing N N 363 
TYR N   H    sing N N 364 
TYR N   H2   sing N N 365 
TYR CA  C    sing N N 366 
TYR CA  CB   sing N N 367 
TYR CA  HA   sing N N 368 
TYR C   O    doub N N 369 
TYR C   OXT  sing N N 370 
TYR CB  CG   sing N N 371 
TYR CB  HB2  sing N N 372 
TYR CB  HB3  sing N N 373 
TYR CG  CD1  doub Y N 374 
TYR CG  CD2  sing Y N 375 
TYR CD1 CE1  sing Y N 376 
TYR CD1 HD1  sing N N 377 
TYR CD2 CE2  doub Y N 378 
TYR CD2 HD2  sing N N 379 
TYR CE1 CZ   doub Y N 380 
TYR CE1 HE1  sing N N 381 
TYR CE2 CZ   sing Y N 382 
TYR CE2 HE2  sing N N 383 
TYR CZ  OH   sing N N 384 
TYR OH  HH   sing N N 385 
TYR OXT HXT  sing N N 386 
VAL N   CA   sing N N 387 
VAL N   H    sing N N 388 
VAL N   H2   sing N N 389 
VAL CA  C    sing N N 390 
VAL CA  CB   sing N N 391 
VAL CA  HA   sing N N 392 
VAL C   O    doub N N 393 
VAL C   OXT  sing N N 394 
VAL CB  CG1  sing N N 395 
VAL CB  CG2  sing N N 396 
VAL CB  HB   sing N N 397 
VAL CG1 HG11 sing N N 398 
VAL CG1 HG12 sing N N 399 
VAL CG1 HG13 sing N N 400 
VAL CG2 HG21 sing N N 401 
VAL CG2 HG22 sing N N 402 
VAL CG2 HG23 sing N N 403 
VAL OXT HXT  sing N N 404 
# 
_pdbx_deposit_group.group_id            G_1002118 
_pdbx_deposit_group.group_description   
;Bromodomain of human ATAD2 screened against the Leeds 3D Fragment Library by X-ray Crystallography at the XChem
facility of Diamond Light Source beamline I04-1
;
_pdbx_deposit_group.group_title         'PanDDA analysis group deposition - Bromodomain of human ATAD2 fragment screening' 
_pdbx_deposit_group.group_type          'changed state' 
# 
_pdbx_entity_instance_feature.ordinal        1 
_pdbx_entity_instance_feature.comp_id        RGD 
_pdbx_entity_instance_feature.asym_id        ? 
_pdbx_entity_instance_feature.seq_num        ? 
_pdbx_entity_instance_feature.auth_comp_id   RGD 
_pdbx_entity_instance_feature.auth_asym_id   ? 
_pdbx_entity_instance_feature.auth_seq_num   ? 
_pdbx_entity_instance_feature.feature_type   'SUBJECT OF INVESTIGATION' 
_pdbx_entity_instance_feature.details        ? 
# 
_atom_sites.entry_id                    5QXL 
_atom_sites.fract_transf_matrix[1][1]   0.01199273 
_atom_sites.fract_transf_matrix[1][2]   0.00127480 
_atom_sites.fract_transf_matrix[1][3]   -0.00787520 
_atom_sites.fract_transf_matrix[2][1]   0.00518398 
_atom_sites.fract_transf_matrix[2][2]   -0.01139519 
_atom_sites.fract_transf_matrix[2][3]   -0.00712197 
_atom_sites.fract_transf_matrix[3][1]   -0.00393870 
_atom_sites.fract_transf_matrix[3][2]   0.00177715 
_atom_sites.fract_transf_matrix[3][3]   -0.00571037 
_atom_sites.fract_transf_vector[1]      0.446905 
_atom_sites.fract_transf_vector[2]      0.600381 
_atom_sites.fract_transf_vector[3]      -0.025571 
# 
loop_
_atom_type.symbol 
C 
N 
O 
S 
# 
loop_
_atom_site.group_PDB 
_atom_site.id 
_atom_site.type_symbol 
_atom_site.label_atom_id 
_atom_site.label_alt_id 
_atom_site.label_comp_id 
_atom_site.label_asym_id 
_atom_site.label_entity_id 
_atom_site.label_seq_id 
_atom_site.pdbx_PDB_ins_code 
_atom_site.Cartn_x 
_atom_site.Cartn_y 
_atom_site.Cartn_z 
_atom_site.occupancy 
_atom_site.B_iso_or_equiv 
_atom_site.pdbx_formal_charge 
_atom_site.auth_seq_id 
_atom_site.auth_comp_id 
_atom_site.auth_asym_id 
_atom_site.auth_atom_id 
_atom_site.pdbx_PDB_model_num 
ATOM   1    N N   . SER A 1 1   ? -20.938 -15.983 0.763   1.00 33.31 ? 979  SER A N   1 
ATOM   2    C CA  . SER A 1 1   ? -21.898 -15.962 -0.318  1.00 35.91 ? 979  SER A CA  1 
ATOM   3    C C   . SER A 1 1   ? -21.212 -15.462 -1.602  1.00 43.12 ? 979  SER A C   1 
ATOM   4    O O   . SER A 1 1   ? -20.088 -14.892 -1.508  1.00 33.36 ? 979  SER A O   1 
ATOM   5    C CB  . SER A 1 1   ? -23.069 -15.093 0.044   1.00 42.72 ? 979  SER A CB  1 
ATOM   6    O OG  . SER A 1 1   ? -22.681 -13.704 0.156   1.00 34.95 ? 979  SER A OG  1 
ATOM   7    N N   . MET A 1 2   ? -21.854 -15.652 -2.754  1.00 43.18 ? 980  MET A N   1 
ATOM   8    C CA  . MET A 1 2   ? -21.347 -15.122 -4.045  1.00 44.04 ? 980  MET A CA  1 
ATOM   9    C C   . MET A 1 2   ? -21.397 -13.593 -3.989  1.00 38.73 ? 980  MET A C   1 
ATOM   10   O O   . MET A 1 2   ? -20.517 -12.960 -4.566  1.00 31.98 ? 980  MET A O   1 
ATOM   11   C CB  . MET A 1 2   ? -22.189 -15.621 -5.233  1.00 54.33 ? 980  MET A CB  1 
ATOM   12   C CG  . MET A 1 2   ? -21.829 -14.987 -6.593  1.00 62.42 ? 980  MET A CG  1 
ATOM   13   S SD  . MET A 1 2   ? -20.412 -15.783 -7.450  1.00 92.82 ? 980  MET A SD  1 
ATOM   14   C CE  . MET A 1 2   ? -18.976 -15.296 -6.491  1.00 75.02 ? 980  MET A CE  1 
ATOM   15   N N   . GLN A 1 3   ? -22.406 -12.999 -3.361  1.00 31.20 ? 981  GLN A N   1 
ATOM   16   C CA  . GLN A 1 3   ? -22.527 -11.529 -3.213  1.00 35.42 ? 981  GLN A CA  1 
ATOM   17   C C   . GLN A 1 3   ? -21.279 -11.022 -2.464  1.00 28.14 ? 981  GLN A C   1 
ATOM   18   O O   . GLN A 1 3   ? -20.744 -9.957  -2.852  1.00 27.30 ? 981  GLN A O   1 
ATOM   19   C CB  . GLN A 1 3   ? -23.841 -11.137 -2.534  1.00 43.06 ? 981  GLN A CB  1 
ATOM   20   C CG  . GLN A 1 3   ? -25.058 -11.874 -3.124  1.00 60.95 ? 981  GLN A CG  1 
ATOM   21   C CD  . GLN A 1 3   ? -25.322 -13.222 -2.470  1.00 69.72 ? 981  GLN A CD  1 
ATOM   22   O OE1 . GLN A 1 3   ? -25.039 -14.307 -3.014  1.00 63.16 ? 981  GLN A OE1 1 
ATOM   23   N NE2 . GLN A 1 3   ? -25.832 -13.163 -1.246  1.00 82.49 ? 981  GLN A NE2 1 
ATOM   24   N N   . GLU A 1 4   ? -20.855 -11.688 -1.402  1.00 24.60 ? 982  GLU A N   1 
ATOM   25   C CA  . GLU A 1 4   ? -19.645 -11.281 -0.630  1.00 21.06 ? 982  GLU A CA  1 
ATOM   26   C C   . GLU A 1 4   ? -18.426 -11.461 -1.552  1.00 19.43 ? 982  GLU A C   1 
ATOM   27   O O   . GLU A 1 4   ? -17.491 -10.565 -1.517  1.00 17.66 ? 982  GLU A O   1 
ATOM   28   C CB  . GLU A 1 4   ? -19.514 -12.072 0.681   1.00 22.66 ? 982  GLU A CB  1 
ATOM   29   C CG  . GLU A 1 4   ? -20.616 -11.631 1.660   1.00 24.13 ? 982  GLU A CG  1 
ATOM   30   C CD  . GLU A 1 4   ? -20.745 -12.508 2.901   1.00 29.07 ? 982  GLU A CD  1 
ATOM   31   O OE1 . GLU A 1 4   ? -20.205 -13.615 2.858   1.00 29.36 ? 982  GLU A OE1 1 
ATOM   32   O OE2 . GLU A 1 4   ? -21.298 -12.036 3.968   1.00 25.02 ? 982  GLU A OE2 1 
ATOM   33   N N   . GLU A 1 5   ? -18.282 -12.572 -2.271  1.00 20.51 ? 983  GLU A N   1 
ATOM   34   C CA  . GLU A 1 5   ? -17.114 -12.722 -3.173  1.00 20.78 ? 983  GLU A CA  1 
ATOM   35   C C   . GLU A 1 5   ? -17.122 -11.599 -4.237  1.00 19.53 ? 983  GLU A C   1 
ATOM   36   O O   . GLU A 1 5   ? -16.001 -11.107 -4.581  1.00 18.41 ? 983  GLU A O   1 
ATOM   37   C CB  . GLU A 1 5   ? -17.032 -14.119 -3.833  1.00 27.85 ? 983  GLU A CB  1 
ATOM   38   C CG  . GLU A 1 5   ? -16.792 -15.216 -2.774  1.00 32.14 ? 983  GLU A CG  1 
ATOM   39   C CD  . GLU A 1 5   ? -15.655 -14.940 -1.765  1.00 47.59 ? 983  GLU A CD  1 
ATOM   40   O OE1 . GLU A 1 5   ? -14.529 -14.619 -2.247  1.00 56.25 ? 983  GLU A OE1 1 
ATOM   41   O OE2 . GLU A 1 5   ? -15.884 -14.945 -0.474  1.00 53.39 ? 983  GLU A OE2 1 
ATOM   42   N N   . ASP A 1 6   ? -18.276 -11.167 -4.745  1.00 18.23 ? 984  ASP A N   1 
ATOM   43   C CA  . ASP A 1 6   ? -18.385 -10.055 -5.715  1.00 19.56 ? 984  ASP A CA  1 
ATOM   44   C C   . ASP A 1 6   ? -17.859 -8.747  -5.034  1.00 17.31 ? 984  ASP A C   1 
ATOM   45   O O   . ASP A 1 6   ? -17.191 -7.880  -5.716  1.00 16.07 ? 984  ASP A O   1 
ATOM   46   C CB  . ASP A 1 6   ? -19.816 -9.886  -6.242  1.00 23.78 ? 984  ASP A CB  1 
ATOM   47   C CG  . ASP A 1 6   ? -20.256 -10.900 -7.313  1.00 27.20 ? 984  ASP A CG  1 
ATOM   48   O OD1 . ASP A 1 6   ? -19.419 -11.680 -7.776  1.00 33.16 ? 984  ASP A OD1 1 
ATOM   49   O OD2 . ASP A 1 6   ? -21.449 -10.954 -7.509  1.00 44.65 ? 984  ASP A OD2 1 
ATOM   50   N N   . THR A 1 7   ? -18.192 -8.511  -3.776  1.00 16.21 ? 985  THR A N   1 
ATOM   51   C CA  . THR A 1 7   ? -17.747 -7.320  -2.999  1.00 14.02 ? 985  THR A CA  1 
ATOM   52   C C   . THR A 1 7   ? -16.191 -7.320  -2.980  1.00 13.95 ? 985  THR A C   1 
ATOM   53   O O   . THR A 1 7   ? -15.546 -6.282  -3.316  1.00 13.78 ? 985  THR A O   1 
ATOM   54   C CB  . THR A 1 7   ? -18.315 -7.260  -1.585  1.00 15.08 ? 985  THR A CB  1 
ATOM   55   O OG1 . THR A 1 7   ? -19.761 -7.206  -1.711  1.00 18.83 ? 985  THR A OG1 1 
ATOM   56   C CG2 . THR A 1 7   ? -17.869 -6.051  -0.786  1.00 17.35 ? 985  THR A CG2 1 
ATOM   57   N N   . PHE A 1 8   ? -15.575 -8.433  -2.575  1.00 15.13 ? 986  PHE A N   1 
ATOM   58   C CA  . PHE A 1 8   ? -14.105 -8.499  -2.491  1.00 14.54 ? 986  PHE A CA  1 
ATOM   59   C C   . PHE A 1 8   ? -13.460 -8.358  -3.886  1.00 14.95 ? 986  PHE A C   1 
ATOM   60   O O   . PHE A 1 8   ? -12.364 -7.761  -3.982  1.00 14.33 ? 986  PHE A O   1 
ATOM   61   C CB  . PHE A 1 8   ? -13.563 -9.710  -1.696  1.00 15.29 ? 986  PHE A CB  1 
ATOM   62   C CG  . PHE A 1 8   ? -13.951 -9.740  -0.249  1.00 16.37 ? 986  PHE A CG  1 
ATOM   63   C CD1 . PHE A 1 8   ? -13.728 -8.679  0.597   1.00 17.68 ? 986  PHE A CD1 1 
ATOM   64   C CD2 . PHE A 1 8   ? -14.459 -10.891 0.340   1.00 19.01 ? 986  PHE A CD2 1 
ATOM   65   C CE1 . PHE A 1 8   ? -14.043 -8.672  1.938   1.00 19.23 ? 986  PHE A CE1 1 
ATOM   66   C CE2 . PHE A 1 8   ? -14.752 -10.907 1.706   1.00 20.00 ? 986  PHE A CE2 1 
ATOM   67   C CZ  . PHE A 1 8   ? -14.530 -9.831  2.520   1.00 19.12 ? 986  PHE A CZ  1 
ATOM   68   N N   A ARG A 1 9   ? -14.101 -8.844  -4.959  0.23 14.32 ? 987  ARG A N   1 
ATOM   69   N N   B ARG A 1 9   ? -14.095 -8.889  -4.938  0.23 13.43 ? 987  ARG A N   1 
ATOM   70   N N   C ARG A 1 9   ? -14.095 -8.838  -4.962  0.04 13.49 ? 987  ARG A N   1 
ATOM   71   C CA  A ARG A 1 9   ? -13.559 -8.689  -6.337  0.23 14.94 ? 987  ARG A CA  1 
ATOM   72   C CA  B ARG A 1 9   ? -13.563 -8.697  -6.307  0.23 13.47 ? 987  ARG A CA  1 
ATOM   73   C CA  C ARG A 1 9   ? -13.511 -8.682  -6.325  0.04 12.89 ? 987  ARG A CA  1 
ATOM   74   C C   A ARG A 1 9   ? -13.584 -7.206  -6.769  0.23 13.81 ? 987  ARG A C   1 
ATOM   75   C C   B ARG A 1 9   ? -13.525 -7.189  -6.616  0.23 13.10 ? 987  ARG A C   1 
ATOM   76   C C   C ARG A 1 9   ? -13.575 -7.208  -6.756  0.04 12.78 ? 987  ARG A C   1 
ATOM   77   O O   A ARG A 1 9   ? -12.632 -6.747  -7.485  0.23 12.99 ? 987  ARG A O   1 
ATOM   78   O O   B ARG A 1 9   ? -12.449 -6.704  -7.003  0.23 12.12 ? 987  ARG A O   1 
ATOM   79   O O   C ARG A 1 9   ? -12.634 -6.767  -7.453  0.04 12.74 ? 987  ARG A O   1 
ATOM   80   C CB  A ARG A 1 9   ? -14.341 -9.572  -7.304  0.23 17.50 ? 987  ARG A CB  1 
ATOM   81   C CB  B ARG A 1 9   ? -14.354 -9.493  -7.341  0.23 14.71 ? 987  ARG A CB  1 
ATOM   82   C CB  C ARG A 1 9   ? -14.178 -9.589  -7.362  0.04 12.50 ? 987  ARG A CB  1 
ATOM   83   C CG  A ARG A 1 9   ? -13.604 -9.851  -8.602  0.23 20.30 ? 987  ARG A CG  1 
ATOM   84   C CG  B ARG A 1 9   ? -13.778 -9.355  -8.739  0.23 15.78 ? 987  ARG A CG  1 
ATOM   85   C CG  C ARG A 1 9   ? -13.376 -9.704  -8.650  0.04 12.14 ? 987  ARG A CG  1 
ATOM   86   C CD  A ARG A 1 9   ? -14.352 -10.885 -9.443  0.23 22.93 ? 987  ARG A CD  1 
ATOM   87   C CD  B ARG A 1 9   ? -14.093 -10.554 -9.616  0.23 17.13 ? 987  ARG A CD  1 
ATOM   88   C CD  C ARG A 1 9   ? -14.182 -10.347 -9.761  0.04 11.84 ? 987  ARG A CD  1 
ATOM   89   N NE  A ARG A 1 9   ? -14.631 -12.125 -8.734  0.23 26.98 ? 987  ARG A NE  1 
ATOM   90   N NE  B ARG A 1 9   ? -13.452 -10.364 -10.894 0.23 18.71 ? 987  ARG A NE  1 
ATOM   91   N NE  C ARG A 1 9   ? -13.456 -10.936 -10.881 0.04 11.55 ? 987  ARG A NE  1 
ATOM   92   C CZ  A ARG A 1 9   ? -15.841 -12.572 -8.357  0.23 25.42 ? 987  ARG A CZ  1 
ATOM   93   C CZ  B ARG A 1 9   ? -13.990 -9.765  -11.970 0.23 16.66 ? 987  ARG A CZ  1 
ATOM   94   C CZ  C ARG A 1 9   ? -12.917 -10.262 -11.893 0.04 10.86 ? 987  ARG A CZ  1 
ATOM   95   N NH1 A ARG A 1 9   ? -16.944 -11.892 -8.602  0.23 27.77 ? 987  ARG A NH1 1 
ATOM   96   N NH1 B ARG A 1 9   ? -13.204 -9.661  -13.024 0.23 19.32 ? 987  ARG A NH1 1 
ATOM   97   N NH1 C ARG A 1 9   ? -12.346 -10.923 -12.881 0.04 10.43 ? 987  ARG A NH1 1 
ATOM   98   N NH2 A ARG A 1 9   ? -15.922 -13.702 -7.695  0.23 25.64 ? 987  ARG A NH2 1 
ATOM   99   N NH2 B ARG A 1 9   ? -15.198 -9.197  -11.993 0.23 16.77 ? 987  ARG A NH2 1 
ATOM   100  N NH2 C ARG A 1 9   ? -12.906 -8.942  -11.894 0.04 10.44 ? 987  ARG A NH2 1 
ATOM   101  N N   . GLU A 1 10  ? -14.628 -6.476  -6.369  1.00 12.90 ? 988  GLU A N   1 
ATOM   102  C CA  . GLU A 1 10  ? -14.696 -5.008  -6.638  1.00 11.73 ? 988  GLU A CA  1 
ATOM   103  C C   . GLU A 1 10  ? -13.585 -4.330  -5.815  1.00 10.89 ? 988  GLU A C   1 
ATOM   104  O O   . GLU A 1 10  ? -12.895 -3.399  -6.383  1.00 11.49 ? 988  GLU A O   1 
ATOM   105  C CB  . GLU A 1 10  ? -16.088 -4.420  -6.355  1.00 11.30 ? 988  GLU A CB  1 
ATOM   106  C CG  . GLU A 1 10  ? -16.135 -2.923  -6.528  1.00 12.63 ? 988  GLU A CG  1 
ATOM   107  C CD  . GLU A 1 10  ? -17.486 -2.273  -6.658  1.00 15.93 ? 988  GLU A CD  1 
ATOM   108  O OE1 . GLU A 1 10  ? -17.529 -1.000  -6.749  1.00 16.68 ? 988  GLU A OE1 1 
ATOM   109  O OE2 . GLU A 1 10  ? -18.516 -3.047  -6.648  1.00 17.26 ? 988  GLU A OE2 1 
ATOM   110  N N   . LEU A 1 11  ? -13.367 -4.729  -4.561  1.00 11.99 ? 989  LEU A N   1 
ATOM   111  C CA  . LEU A 1 11  ? -12.255 -4.117  -3.762  1.00 11.18 ? 989  LEU A CA  1 
ATOM   112  C C   . LEU A 1 11  ? -10.915 -4.342  -4.473  1.00 12.38 ? 989  LEU A C   1 
ATOM   113  O O   . LEU A 1 11  ? -10.114 -3.369  -4.645  1.00 12.17 ? 989  LEU A O   1 
ATOM   114  C CB  . LEU A 1 11  ? -12.221 -4.722  -2.364  1.00 13.04 ? 989  LEU A CB  1 
ATOM   115  C CG  . LEU A 1 11  ? -11.012 -4.321  -1.521  1.00 14.40 ? 989  LEU A CG  1 
ATOM   116  C CD1 . LEU A 1 11  ? -11.080 -2.865  -1.166  1.00 17.06 ? 989  LEU A CD1 1 
ATOM   117  C CD2 . LEU A 1 11  ? -10.899 -5.195  -0.289  1.00 18.28 ? 989  LEU A CD2 1 
ATOM   118  N N   . ARG A 1 12  ? -10.647 -5.549  -4.963  1.00 11.75 ? 990  ARG A N   1 
ATOM   119  C CA  . ARG A 1 12  ? -9.350  -5.793  -5.644  1.00 11.59 ? 990  ARG A CA  1 
ATOM   120  C C   . ARG A 1 12  ? -9.213  -4.922  -6.907  1.00 11.40 ? 990  ARG A C   1 
ATOM   121  O O   . ARG A 1 12  ? -8.078  -4.416  -7.176  1.00 10.90 ? 990  ARG A O   1 
ATOM   122  C CB  . ARG A 1 12  ? -9.182  -7.298  -5.983  1.00 11.84 ? 990  ARG A CB  1 
ATOM   123  C CG  . ARG A 1 12  ? -9.037  -8.154  -4.765  1.00 12.43 ? 990  ARG A CG  1 
ATOM   124  C CD  . ARG A 1 12  ? -8.685  -9.628  -5.057  1.00 13.94 ? 990  ARG A CD  1 
ATOM   125  N NE  . ARG A 1 12  ? -9.637  -10.323 -5.909  1.00 14.07 ? 990  ARG A NE  1 
ATOM   126  C CZ  . ARG A 1 12  ? -10.674 -11.043 -5.422  1.00 15.07 ? 990  ARG A CZ  1 
ATOM   127  N NH1 . ARG A 1 12  ? -11.458 -11.678 -6.297  1.00 16.87 ? 990  ARG A NH1 1 
ATOM   128  N NH2 . ARG A 1 12  ? -10.906 -11.122 -4.145  1.00 16.25 ? 990  ARG A NH2 1 
ATOM   129  N N   . ILE A 1 13  ? -10.227 -4.800  -7.747  1.00 11.37 ? 991  ILE A N   1 
ATOM   130  C CA  . ILE A 1 13  ? -10.218 -3.951  -8.954  1.00 10.82 ? 991  ILE A CA  1 
ATOM   131  C C   . ILE A 1 13  ? -9.866  -2.498  -8.528  1.00 10.91 ? 991  ILE A C   1 
ATOM   132  O O   . ILE A 1 13  ? -8.942  -1.865  -9.159  1.00 11.51 ? 991  ILE A O   1 
ATOM   133  C CB  . ILE A 1 13  ? -11.540 -4.098  -9.720  1.00 12.66 ? 991  ILE A CB  1 
ATOM   134  C CG1 . ILE A 1 13  ? -11.652 -5.539  -10.266 1.00 15.63 ? 991  ILE A CG1 1 
ATOM   135  C CG2 . ILE A 1 13  ? -11.570 -3.079  -10.832 1.00 14.84 ? 991  ILE A CG2 1 
ATOM   136  C CD1 . ILE A 1 13  ? -13.046 -5.916  -10.694 1.00 16.79 ? 991  ILE A CD1 1 
ATOM   137  N N   . PHE A 1 14  ? -10.522 -1.979  -7.505  1.00 11.52 ? 992  PHE A N   1 
ATOM   138  C CA  . PHE A 1 14  ? -10.258 -0.612  -6.997  1.00 12.23 ? 992  PHE A CA  1 
ATOM   139  C C   . PHE A 1 14  ? -8.811  -0.478  -6.546  1.00 12.00 ? 992  PHE A C   1 
ATOM   140  O O   . PHE A 1 14  ? -8.094  0.490   -6.960  1.00 12.34 ? 992  PHE A O   1 
ATOM   141  C CB  . PHE A 1 14  ? -11.235 -0.271  -5.854  1.00 12.35 ? 992  PHE A CB  1 
ATOM   142  C CG  . PHE A 1 14  ? -10.998 1.053   -5.180  1.00 13.62 ? 992  PHE A CG  1 
ATOM   143  C CD1 . PHE A 1 14  ? -11.287 2.220   -5.837  1.00 16.37 ? 992  PHE A CD1 1 
ATOM   144  C CD2 . PHE A 1 14  ? -10.466 1.064   -3.912  1.00 14.88 ? 992  PHE A CD2 1 
ATOM   145  C CE1 . PHE A 1 14  ? -11.035 3.464   -5.190  1.00 16.75 ? 992  PHE A CE1 1 
ATOM   146  C CE2 . PHE A 1 14  ? -10.179 2.298   -3.304  1.00 18.04 ? 992  PHE A CE2 1 
ATOM   147  C CZ  . PHE A 1 14  ? -10.508 3.458   -3.947  1.00 15.83 ? 992  PHE A CZ  1 
ATOM   148  N N   . LEU A 1 15  ? -8.318  -1.433  -5.765  1.00 11.72 ? 993  LEU A N   1 
ATOM   149  C CA  . LEU A 1 15  ? -6.931  -1.343  -5.227  1.00 11.40 ? 993  LEU A CA  1 
ATOM   150  C C   . LEU A 1 15  ? -5.914  -1.437  -6.339  1.00 12.30 ? 993  LEU A C   1 
ATOM   151  O O   . LEU A 1 15  ? -4.831  -0.743  -6.287  1.00 12.45 ? 993  LEU A O   1 
ATOM   152  C CB  . LEU A 1 15  ? -6.668  -2.404  -4.158  1.00 12.23 ? 993  LEU A CB  1 
ATOM   153  C CG  . LEU A 1 15  ? -7.530  -2.281  -2.888  1.00 13.11 ? 993  LEU A CG  1 
ATOM   154  C CD1 . LEU A 1 15  ? -7.190  -3.453  -1.905  1.00 14.44 ? 993  LEU A CD1 1 
ATOM   155  C CD2 . LEU A 1 15  ? -7.369  -0.917  -2.206  1.00 14.78 ? 993  LEU A CD2 1 
ATOM   156  N N   . ARG A 1 16  ? -6.099  -2.306  -7.357  1.00 11.69 ? 994  ARG A N   1 
ATOM   157  C CA  . ARG A 1 16  ? -5.135  -2.405  -8.459  1.00 11.11 ? 994  ARG A CA  1 
ATOM   158  C C   . ARG A 1 16  ? -5.065  -1.061  -9.194  1.00 13.04 ? 994  ARG A C   1 
ATOM   159  O O   . ARG A 1 16  ? -3.954  -0.654  -9.630  1.00 13.59 ? 994  ARG A O   1 
ATOM   160  C CB  . ARG A 1 16  ? -5.469  -3.508  -9.488  1.00 14.00 ? 994  ARG A CB  1 
ATOM   161  C CG  . ARG A 1 16  ? -5.418  -4.936  -8.999  1.00 15.85 ? 994  ARG A CG  1 
ATOM   162  C CD  . ARG A 1 16  ? -5.454  -5.894  -10.234 1.00 15.52 ? 994  ARG A CD  1 
ATOM   163  N NE  . ARG A 1 16  ? -5.710  -7.180  -9.685  1.00 17.05 ? 994  ARG A NE  1 
ATOM   164  C CZ  . ARG A 1 16  ? -6.856  -7.688  -9.349  1.00 17.10 ? 994  ARG A CZ  1 
ATOM   165  N NH1 . ARG A 1 16  ? -8.015  -7.218  -9.780  1.00 15.14 ? 994  ARG A NH1 1 
ATOM   166  N NH2 . ARG A 1 16  ? -6.862  -8.828  -8.678  1.00 19.79 ? 994  ARG A NH2 1 
ATOM   167  N N   . ASN A 1 17  ? -6.204  -0.393  -9.410  1.00 11.67 ? 995  ASN A N   1 
ATOM   168  C CA  . ASN A 1 17  ? -6.246  0.911   -10.132 1.00 11.59 ? 995  ASN A CA  1 
ATOM   169  C C   . ASN A 1 17  ? -5.515  1.992   -9.329  1.00 11.85 ? 995  ASN A C   1 
ATOM   170  O O   . ASN A 1 17  ? -4.657  2.703   -9.969  1.00 12.63 ? 995  ASN A O   1 
ATOM   171  C CB  . ASN A 1 17  ? -7.692  1.297   -10.452 1.00 12.41 ? 995  ASN A CB  1 
ATOM   172  C CG  . ASN A 1 17  ? -7.685  2.630   -11.148 1.00 17.98 ? 995  ASN A CG  1 
ATOM   173  O OD1 . ASN A 1 17  ? -7.936  3.558   -10.480 1.00 16.69 ? 995  ASN A OD1 1 
ATOM   174  N ND2 . ASN A 1 17  ? -7.443  2.676   -12.454 1.00 20.54 ? 995  ASN A ND2 1 
ATOM   175  N N   . VAL A 1 18  ? -5.737  2.102   -8.033  1.00 11.75 ? 996  VAL A N   1 
ATOM   176  C CA  . VAL A 1 18  ? -5.021  3.110   -7.200  1.00 11.20 ? 996  VAL A CA  1 
ATOM   177  C C   . VAL A 1 18  ? -3.529  2.800   -7.312  1.00 12.12 ? 996  VAL A C   1 
ATOM   178  O O   . VAL A 1 18  ? -2.693  3.705   -7.483  1.00 11.69 ? 996  VAL A O   1 
ATOM   179  C CB  . VAL A 1 18  ? -5.511  3.071   -5.748  1.00 12.94 ? 996  VAL A CB  1 
ATOM   180  C CG1 . VAL A 1 18  ? -4.645  4.007   -4.879  1.00 13.48 ? 996  VAL A CG1 1 
ATOM   181  C CG2 . VAL A 1 18  ? -7.012  3.444   -5.653  1.00 14.67 ? 996  VAL A CG2 1 
ATOM   182  N N   . THR A 1 19  ? -3.134  1.532   -7.130  1.00 11.26 ? 997  THR A N   1 
ATOM   183  C CA  . THR A 1 19  ? -1.673  1.165   -7.042  1.00 10.89 ? 997  THR A CA  1 
ATOM   184  C C   . THR A 1 19  ? -1.017  1.484   -8.392  1.00 12.68 ? 997  THR A C   1 
ATOM   185  O O   . THR A 1 19  ? 0.134   1.987   -8.387  1.00 12.92 ? 997  THR A O   1 
ATOM   186  C CB  . THR A 1 19  ? -1.514  -0.326  -6.637  1.00 11.88 ? 997  THR A CB  1 
ATOM   187  O OG1 . THR A 1 19  ? -2.231  -0.573  -5.429  1.00 11.98 ? 997  THR A OG1 1 
ATOM   188  C CG2 . THR A 1 19  ? -0.070  -0.692  -6.393  1.00 14.26 ? 997  THR A CG2 1 
ATOM   189  N N   . HIS A 1 20  ? -1.652  1.169   -9.520  1.00 12.04 ? 998  HIS A N   1 
ATOM   190  C CA  . HIS A 1 20  ? -1.106  1.505   -10.863 1.00 13.13 ? 998  HIS A CA  1 
ATOM   191  C C   . HIS A 1 20  ? -0.883  2.998   -10.994 1.00 13.26 ? 998  HIS A C   1 
ATOM   192  O O   . HIS A 1 20  ? 0.163   3.427   -11.532 1.00 14.38 ? 998  HIS A O   1 
ATOM   193  C CB  . HIS A 1 20  ? -2.091  1.033   -11.940 1.00 15.25 ? 998  HIS A CB  1 
ATOM   194  C CG  . HIS A 1 20  ? -1.620  1.326   -13.318 1.00 19.68 ? 998  HIS A CG  1 
ATOM   195  N ND1 . HIS A 1 20  ? -2.273  2.196   -14.213 1.00 26.52 ? 998  HIS A ND1 1 
ATOM   196  C CD2 . HIS A 1 20  ? -0.555  0.823   -13.982 1.00 18.29 ? 998  HIS A CD2 1 
ATOM   197  C CE1 . HIS A 1 20  ? -1.569  2.241   -15.343 1.00 21.37 ? 998  HIS A CE1 1 
ATOM   198  N NE2 . HIS A 1 20  ? -0.500  1.408   -15.220 1.00 25.42 ? 998  HIS A NE2 1 
ATOM   199  N N   . ARG A 1 21  ? -1.823  3.826   -10.560 1.00 12.62 ? 999  ARG A N   1 
ATOM   200  C CA  . ARG A 1 21  ? -1.718  5.309   -10.675 1.00 13.28 ? 999  ARG A CA  1 
ATOM   201  C C   . ARG A 1 21  ? -0.515  5.777   -9.850  1.00 14.14 ? 999  ARG A C   1 
ATOM   202  O O   . ARG A 1 21  ? 0.203   6.721   -10.280 1.00 15.93 ? 999  ARG A O   1 
ATOM   203  C CB  . ARG A 1 21  ? -3.001  6.003   -10.308 1.00 13.89 ? 999  ARG A CB  1 
ATOM   204  C CG  . ARG A 1 21  ? -4.075  5.767   -11.398 1.00 15.89 ? 999  ARG A CG  1 
ATOM   205  C CD  . ARG A 1 21  ? -5.529  5.800   -10.895 1.00 16.63 ? 999  ARG A CD  1 
ATOM   206  N NE  . ARG A 1 21  ? -5.816  7.115   -10.441 1.00 16.83 ? 999  ARG A NE  1 
ATOM   207  C CZ  . ARG A 1 21  ? -6.917  7.396   -9.759  1.00 14.11 ? 999  ARG A CZ  1 
ATOM   208  N NH1 . ARG A 1 21  ? -7.149  8.613   -9.348  1.00 15.81 ? 999  ARG A NH1 1 
ATOM   209  N NH2 . ARG A 1 21  ? -7.817  6.447   -9.491  1.00 14.55 ? 999  ARG A NH2 1 
ATOM   210  N N   . LEU A 1 22  ? -0.251  5.224   -8.672  1.00 13.23 ? 1000 LEU A N   1 
ATOM   211  C CA  . LEU A 1 22  ? 0.963   5.586   -7.880  1.00 12.70 ? 1000 LEU A CA  1 
ATOM   212  C C   . LEU A 1 22  ? 2.200   5.100   -8.610  1.00 14.57 ? 1000 LEU A C   1 
ATOM   213  O O   . LEU A 1 22  ? 3.207   5.875   -8.703  1.00 14.89 ? 1000 LEU A O   1 
ATOM   214  C CB  . LEU A 1 22  ? 0.839   4.974   -6.487  1.00 12.65 ? 1000 LEU A CB  1 
ATOM   215  C CG  . LEU A 1 22  ? -0.325  5.388   -5.613  1.00 13.08 ? 1000 LEU A CG  1 
ATOM   216  C CD1 . LEU A 1 22  ? -0.388  4.554   -4.334  1.00 14.90 ? 1000 LEU A CD1 1 
ATOM   217  C CD2 . LEU A 1 22  ? -0.275  6.876   -5.306  1.00 14.58 ? 1000 LEU A CD2 1 
ATOM   218  N N   . ALA A 1 23  ? 2.226   3.924   -9.187  1.00 13.74 ? 1001 ALA A N   1 
ATOM   219  C CA  . ALA A 1 23  ? 3.436   3.288   -9.754  1.00 14.16 ? 1001 ALA A CA  1 
ATOM   220  C C   . ALA A 1 23  ? 3.882   3.990   -11.049 1.00 17.18 ? 1001 ALA A C   1 
ATOM   221  O O   . ALA A 1 23  ? 5.111   3.892   -11.331 1.00 18.69 ? 1001 ALA A O   1 
ATOM   222  C CB  . ALA A 1 23  ? 3.189   1.830   -9.998  1.00 15.90 ? 1001 ALA A CB  1 
ATOM   223  N N   . ILE A 1 24  ? 2.986   4.649   -11.770 1.00 15.96 ? 1002 ILE A N   1 
ATOM   224  C CA  . ILE A 1 24  ? 3.382   5.354   -13.031 1.00 16.61 ? 1002 ILE A CA  1 
ATOM   225  C C   . ILE A 1 24  ? 3.862   6.765   -12.712 1.00 20.05 ? 1002 ILE A C   1 
ATOM   226  O O   . ILE A 1 24  ? 4.293   7.469   -13.685 1.00 21.62 ? 1002 ILE A O   1 
ATOM   227  C CB  . ILE A 1 24  ? 2.275   5.285   -14.118 1.00 18.04 ? 1002 ILE A CB  1 
ATOM   228  C CG1 . ILE A 1 24  ? 1.009   6.016   -13.716 1.00 18.53 ? 1002 ILE A CG1 1 
ATOM   229  C CG2 . ILE A 1 24  ? 2.011   3.852   -14.467 1.00 19.81 ? 1002 ILE A CG2 1 
ATOM   230  C CD1 . ILE A 1 24  ? -0.133  6.023   -14.816 1.00 24.14 ? 1002 ILE A CD1 1 
ATOM   231  N N   . ASP A 1 25  ? 3.666   7.330   -11.532 1.00 18.00 ? 1003 ASP A N   1 
ATOM   232  C CA  . ASP A 1 25  ? 4.076   8.714   -11.195 1.00 17.73 ? 1003 ASP A CA  1 
ATOM   233  C C   . ASP A 1 25  ? 5.604   8.713   -11.102 1.00 19.87 ? 1003 ASP A C   1 
ATOM   234  O O   . ASP A 1 25  ? 6.191   7.961   -10.303 1.00 18.05 ? 1003 ASP A O   1 
ATOM   235  C CB  . ASP A 1 25  ? 3.419   9.173   -9.912  1.00 18.33 ? 1003 ASP A CB  1 
ATOM   236  C CG  . ASP A 1 25  ? 3.579   10.629  -9.545  1.00 20.93 ? 1003 ASP A CG  1 
ATOM   237  O OD1 . ASP A 1 25  ? 4.765   11.074  -9.516  1.00 22.47 ? 1003 ASP A OD1 1 
ATOM   238  O OD2 . ASP A 1 25  ? 2.550   11.257  -9.177  1.00 23.07 ? 1003 ASP A OD2 1 
ATOM   239  N N   . LYS A 1 26  ? 6.294   9.592   -11.872 1.00 20.20 ? 1004 LYS A N   1 
ATOM   240  C CA  . LYS A 1 26  ? 7.781   9.669   -11.853 1.00 23.76 ? 1004 LYS A CA  1 
ATOM   241  C C   . LYS A 1 26  ? 8.376   9.878   -10.441 1.00 19.27 ? 1004 LYS A C   1 
ATOM   242  O O   . LYS A 1 26  ? 9.491   9.315   -10.212 1.00 21.93 ? 1004 LYS A O   1 
ATOM   243  C CB  . LYS A 1 26  ? 8.247   10.805  -12.805 1.00 27.13 ? 1004 LYS A CB  1 
ATOM   244  N N   . ARG A 1 27  ? 7.668   10.547  -9.547  1.00 19.06 ? 1005 ARG A N   1 
ATOM   245  C CA  . ARG A 1 27  ? 8.203   10.837  -8.179  1.00 19.39 ? 1005 ARG A CA  1 
ATOM   246  C C   . ARG A 1 27  ? 8.403   9.539   -7.409  1.00 19.04 ? 1005 ARG A C   1 
ATOM   247  O O   . ARG A 1 27  ? 9.168   9.491   -6.455  1.00 19.39 ? 1005 ARG A O   1 
ATOM   248  C CB  . ARG A 1 27  ? 7.322   11.714  -7.333  1.00 19.34 ? 1005 ARG A CB  1 
ATOM   249  C CG  . ARG A 1 27  ? 7.119   13.143  -7.850  1.00 21.73 ? 1005 ARG A CG  1 
ATOM   250  C CD  . ARG A 1 27  ? 6.065   13.880  -7.090  1.00 21.29 ? 1005 ARG A CD  1 
ATOM   251  N NE  . ARG A 1 27  ? 4.717   13.359  -7.388  1.00 21.33 ? 1005 ARG A NE  1 
ATOM   252  C CZ  . ARG A 1 27  ? 3.620   13.676  -6.745  1.00 21.07 ? 1005 ARG A CZ  1 
ATOM   253  N NH1 . ARG A 1 27  ? 3.633   14.523  -5.722  1.00 23.70 ? 1005 ARG A NH1 1 
ATOM   254  N NH2 . ARG A 1 27  ? 2.470   13.155  -7.128  1.00 23.99 ? 1005 ARG A NH2 1 
ATOM   255  N N   . PHE A 1 28  ? 7.599   8.532   -7.750  1.00 16.81 ? 1006 PHE A N   1 
ATOM   256  C CA  . PHE A 1 28  ? 7.523   7.313   -6.928  1.00 15.88 ? 1006 PHE A CA  1 
ATOM   257  C C   . PHE A 1 28  ? 8.226   6.097   -7.497  1.00 17.76 ? 1006 PHE A C   1 
ATOM   258  O O   . PHE A 1 28  ? 8.077   4.953   -6.978  1.00 17.33 ? 1006 PHE A O   1 
ATOM   259  C CB  . PHE A 1 28  ? 6.051   7.002   -6.626  1.00 14.68 ? 1006 PHE A CB  1 
ATOM   260  C CG  . PHE A 1 28  ? 5.262   8.155   -6.074  1.00 13.91 ? 1006 PHE A CG  1 
ATOM   261  C CD1 . PHE A 1 28  ? 5.769   9.097   -5.148  1.00 14.22 ? 1006 PHE A CD1 1 
ATOM   262  C CD2 . PHE A 1 28  ? 3.926   8.290   -6.368  1.00 14.60 ? 1006 PHE A CD2 1 
ATOM   263  C CE1 . PHE A 1 28  ? 5.031   10.147  -4.665  1.00 15.20 ? 1006 PHE A CE1 1 
ATOM   264  C CE2 . PHE A 1 28  ? 3.176   9.351   -5.900  1.00 15.98 ? 1006 PHE A CE2 1 
ATOM   265  C CZ  . PHE A 1 28  ? 3.706   10.298  -5.026  1.00 16.22 ? 1006 PHE A CZ  1 
ATOM   266  N N   . ARG A 1 29  ? 8.979   6.299   -8.581  0.57 17.67 ? 1007 ARG A N   1 
ATOM   267  C CA  . ARG A 1 29  ? 9.763   5.222   -9.220  0.57 18.69 ? 1007 ARG A CA  1 
ATOM   268  C C   . ARG A 1 29  ? 10.585  4.503   -8.143  0.57 16.92 ? 1007 ARG A C   1 
ATOM   269  O O   . ARG A 1 29  ? 10.695  3.262   -8.190  0.57 17.25 ? 1007 ARG A O   1 
ATOM   270  C CB  . ARG A 1 29  ? 10.642  5.796   -10.337 0.57 22.40 ? 1007 ARG A CB  1 
ATOM   271  C CG  . ARG A 1 29  ? 11.109  4.756   -11.339 0.57 26.28 ? 1007 ARG A CG  1 
ATOM   272  C CD  . ARG A 1 29  ? 11.857  5.380   -12.506 0.57 29.83 ? 1007 ARG A CD  1 
ATOM   273  N NE  . ARG A 1 29  ? 11.716  4.591   -13.722 0.57 36.72 ? 1007 ARG A NE  1 
ATOM   274  C CZ  . ARG A 1 29  ? 12.302  3.417   -13.957 0.57 39.16 ? 1007 ARG A CZ  1 
ATOM   275  N NH1 . ARG A 1 29  ? 12.101  2.810   -15.115 0.57 42.30 ? 1007 ARG A NH1 1 
ATOM   276  N NH2 . ARG A 1 29  ? 13.085  2.853   -13.053 0.57 41.90 ? 1007 ARG A NH2 1 
ATOM   277  N N   . VAL A 1 30  ? 11.111  5.236   -7.157  0.57 16.73 ? 1008 VAL A N   1 
ATOM   278  C CA  . VAL A 1 30  ? 11.989  4.638   -6.108  0.57 16.41 ? 1008 VAL A CA  1 
ATOM   279  C C   . VAL A 1 30  ? 11.207  3.635   -5.238  0.57 15.94 ? 1008 VAL A C   1 
ATOM   280  O O   . VAL A 1 30  ? 11.863  2.852   -4.534  0.57 16.49 ? 1008 VAL A O   1 
ATOM   281  C CB  . VAL A 1 30  ? 12.708  5.689   -5.237  0.57 17.60 ? 1008 VAL A CB  1 
ATOM   282  C CG1 . VAL A 1 30  ? 13.797  6.408   -6.024  0.57 18.72 ? 1008 VAL A CG1 1 
ATOM   283  C CG2 . VAL A 1 30  ? 11.755  6.668   -4.559  0.57 17.39 ? 1008 VAL A CG2 1 
ATOM   284  N N   . PHE A 1 31  ? 9.866   3.649   -5.279  0.57 15.39 ? 1009 PHE A N   1 
ATOM   285  C CA  . PHE A 1 31  ? 9.015   2.769   -4.434  0.57 14.57 ? 1009 PHE A CA  1 
ATOM   286  C C   . PHE A 1 31  ? 8.445   1.588   -5.257  0.57 15.63 ? 1009 PHE A C   1 
ATOM   287  O O   . PHE A 1 31  ? 7.657   0.836   -4.651  0.57 15.11 ? 1009 PHE A O   1 
ATOM   288  C CB  . PHE A 1 31  ? 7.901   3.577   -3.743  0.57 14.09 ? 1009 PHE A CB  1 
ATOM   289  C CG  . PHE A 1 31  ? 8.357   4.739   -2.878  0.57 13.40 ? 1009 PHE A CG  1 
ATOM   290  C CD1 . PHE A 1 31  ? 9.144   4.538   -1.757  0.57 14.06 ? 1009 PHE A CD1 1 
ATOM   291  C CD2 . PHE A 1 31  ? 7.955   6.045   -3.153  0.57 14.23 ? 1009 PHE A CD2 1 
ATOM   292  C CE1 . PHE A 1 31  ? 9.586   5.606   -0.980  0.57 14.03 ? 1009 PHE A CE1 1 
ATOM   293  C CE2 . PHE A 1 31  ? 8.387   7.120   -2.374  0.57 14.21 ? 1009 PHE A CE2 1 
ATOM   294  C CZ  . PHE A 1 31  ? 9.215   6.903   -1.293  0.57 13.63 ? 1009 PHE A CZ  1 
ATOM   295  N N   . THR A 1 32  ? 8.835   1.402   -6.525  1.00 16.77 ? 1010 THR A N   1 
ATOM   296  C CA  . THR A 1 32  ? 8.175   0.429   -7.452  1.00 17.07 ? 1010 THR A CA  1 
ATOM   297  C C   . THR A 1 32  ? 8.724   -1.003  -7.389  1.00 20.94 ? 1010 THR A C   1 
ATOM   298  O O   . THR A 1 32  ? 8.079   -1.887  -7.878  1.00 24.33 ? 1010 THR A O   1 
ATOM   299  C CB  . THR A 1 32  ? 8.124   0.890   -8.895  1.00 19.36 ? 1010 THR A CB  1 
ATOM   300  O OG1 . THR A 1 32  ? 9.448   1.034   -9.428  1.00 19.70 ? 1010 THR A OG1 1 
ATOM   301  C CG2 . THR A 1 32  ? 7.318   2.144   -9.043  1.00 18.84 ? 1010 THR A CG2 1 
ATOM   302  N N   . LYS A 1 33  ? 9.920   -1.148  -6.820  0.57 19.69 ? 1011 LYS A N   1 
ATOM   303  C CA  . LYS A 1 33  ? 10.666  -2.424  -6.712  0.57 20.60 ? 1011 LYS A CA  1 
ATOM   304  C C   . LYS A 1 33  ? 11.292  -2.504  -5.325  0.57 18.43 ? 1011 LYS A C   1 
ATOM   305  O O   . LYS A 1 33  ? 11.567  -1.476  -4.695  0.57 17.65 ? 1011 LYS A O   1 
ATOM   306  C CB  . LYS A 1 33  ? 11.751  -2.470  -7.799  0.57 22.24 ? 1011 LYS A CB  1 
ATOM   307  C CG  . LYS A 1 33  ? 11.247  -2.360  -9.234  0.57 25.49 ? 1011 LYS A CG  1 
ATOM   308  C CD  . LYS A 1 33  ? 12.360  -2.436  -10.274 0.57 29.95 ? 1011 LYS A CD  1 
ATOM   309  C CE  . LYS A 1 33  ? 11.873  -2.819  -11.659 0.57 34.62 ? 1011 LYS A CE  1 
ATOM   310  N NZ  . LYS A 1 33  ? 12.963  -2.759  -12.668 0.57 38.47 ? 1011 LYS A NZ  1 
ATOM   311  N N   . PRO A 1 34  ? 11.576  -3.719  -4.810  0.57 19.36 ? 1012 PRO A N   1 
ATOM   312  C CA  . PRO A 1 34  ? 12.231  -3.840  -3.513  0.57 19.33 ? 1012 PRO A CA  1 
ATOM   313  C C   . PRO A 1 34  ? 13.606  -3.152  -3.532  0.57 19.12 ? 1012 PRO A C   1 
ATOM   314  O O   . PRO A 1 34  ? 14.252  -3.100  -4.573  0.57 20.18 ? 1012 PRO A O   1 
ATOM   315  C CB  . PRO A 1 34  ? 12.394  -5.345  -3.275  0.57 18.83 ? 1012 PRO A CB  1 
ATOM   316  C CG  . PRO A 1 34  ? 11.476  -6.013  -4.289  0.57 19.71 ? 1012 PRO A CG  1 
ATOM   317  C CD  . PRO A 1 34  ? 11.273  -5.020  -5.421  0.57 19.27 ? 1012 PRO A CD  1 
ATOM   318  N N   . VAL A 1 35  ? 14.041  -2.635  -2.384  0.57 21.23 ? 1013 VAL A N   1 
ATOM   319  C CA  . VAL A 1 35  ? 15.460  -2.213  -2.196  0.57 23.11 ? 1013 VAL A CA  1 
ATOM   320  C C   . VAL A 1 35  ? 16.322  -3.465  -2.405  0.57 26.18 ? 1013 VAL A C   1 
ATOM   321  O O   . VAL A 1 35  ? 16.010  -4.489  -1.769  0.57 26.75 ? 1013 VAL A O   1 
ATOM   322  C CB  . VAL A 1 35  ? 15.680  -1.576  -0.813  0.57 22.79 ? 1013 VAL A CB  1 
ATOM   323  C CG1 . VAL A 1 35  ? 17.161  -1.300  -0.545  0.57 24.12 ? 1013 VAL A CG1 1 
ATOM   324  C CG2 . VAL A 1 35  ? 14.860  -0.303  -0.649  0.57 23.51 ? 1013 VAL A CG2 1 
ATOM   325  N N   . ASP A 1 36  ? 17.344  -3.403  -3.268  0.57 30.75 ? 1014 ASP A N   1 
ATOM   326  C CA  . ASP A 1 36  ? 18.139  -4.596  -3.682  0.57 34.10 ? 1014 ASP A CA  1 
ATOM   327  C C   . ASP A 1 36  ? 19.037  -5.045  -2.529  0.57 36.81 ? 1014 ASP A C   1 
ATOM   328  O O   . ASP A 1 36  ? 19.863  -4.269  -2.056  0.57 35.65 ? 1014 ASP A O   1 
ATOM   329  C CB  . ASP A 1 36  ? 18.965  -4.317  -4.941  0.57 37.42 ? 1014 ASP A CB  1 
ATOM   330  C CG  . ASP A 1 36  ? 19.444  -5.579  -5.646  0.57 41.83 ? 1014 ASP A CG  1 
ATOM   331  O OD1 . ASP A 1 36  ? 19.933  -6.498  -4.949  0.57 41.12 ? 1014 ASP A OD1 1 
ATOM   332  O OD2 . ASP A 1 36  ? 19.318  -5.636  -6.890  0.57 44.58 ? 1014 ASP A OD2 1 
ATOM   333  N N   . PRO A 1 37  ? 18.912  -6.303  -2.039  0.57 39.39 ? 1015 PRO A N   1 
ATOM   334  C CA  . PRO A 1 37  ? 19.668  -6.750  -0.866  0.57 41.68 ? 1015 PRO A CA  1 
ATOM   335  C C   . PRO A 1 37  ? 21.143  -7.097  -1.134  0.57 44.18 ? 1015 PRO A C   1 
ATOM   336  O O   . PRO A 1 37  ? 21.885  -7.223  -0.179  0.57 44.93 ? 1015 PRO A O   1 
ATOM   337  C CB  . PRO A 1 37  ? 18.900  -8.000  -0.418  0.57 41.80 ? 1015 PRO A CB  1 
ATOM   338  C CG  . PRO A 1 37  ? 18.347  -8.565  -1.710  0.57 42.37 ? 1015 PRO A CG  1 
ATOM   339  C CD  . PRO A 1 37  ? 18.016  -7.351  -2.556  0.57 40.91 ? 1015 PRO A CD  1 
ATOM   340  N N   . ASP A 1 38  ? 21.533  -7.254  -2.401  0.57 44.67 ? 1016 ASP A N   1 
ATOM   341  C CA  . ASP A 1 38  ? 22.953  -7.445  -2.802  0.57 47.13 ? 1016 ASP A CA  1 
ATOM   342  C C   . ASP A 1 38  ? 23.643  -6.075  -2.854  0.57 46.77 ? 1016 ASP A C   1 
ATOM   343  O O   . ASP A 1 38  ? 24.809  -5.994  -2.419  0.57 45.18 ? 1016 ASP A O   1 
ATOM   344  C CB  . ASP A 1 38  ? 23.059  -8.222  -4.118  0.57 48.35 ? 1016 ASP A CB  1 
ATOM   345  C CG  . ASP A 1 38  ? 22.734  -9.699  -3.963  0.57 48.97 ? 1016 ASP A CG  1 
ATOM   346  O OD1 . ASP A 1 38  ? 23.332  -10.336 -3.083  0.57 49.96 ? 1016 ASP A OD1 1 
ATOM   347  O OD2 . ASP A 1 38  ? 21.876  -10.195 -4.716  0.57 51.67 ? 1016 ASP A OD2 1 
ATOM   348  N N   . GLU A 1 39  ? 22.939  -5.040  -3.326  0.57 46.54 ? 1017 GLU A N   1 
ATOM   349  C CA  . GLU A 1 39  ? 23.489  -3.671  -3.532  0.57 46.61 ? 1017 GLU A CA  1 
ATOM   350  C C   . GLU A 1 39  ? 23.352  -2.821  -2.259  0.57 44.65 ? 1017 GLU A C   1 
ATOM   351  O O   . GLU A 1 39  ? 24.014  -1.759  -2.203  0.57 47.35 ? 1017 GLU A O   1 
ATOM   352  C CB  . GLU A 1 39  ? 22.797  -3.005  -4.724  0.57 49.74 ? 1017 GLU A CB  1 
ATOM   353  C CG  . GLU A 1 39  ? 23.652  -1.956  -5.414  0.57 54.15 ? 1017 GLU A CG  1 
ATOM   354  C CD  . GLU A 1 39  ? 23.423  -1.828  -6.911  0.57 56.91 ? 1017 GLU A CD  1 
ATOM   355  O OE1 . GLU A 1 39  ? 24.418  -1.872  -7.662  0.57 57.25 ? 1017 GLU A OE1 1 
ATOM   356  O OE2 . GLU A 1 39  ? 22.253  -1.686  -7.322  0.57 60.02 ? 1017 GLU A OE2 1 
ATOM   357  N N   . VAL A 1 40  ? 22.531  -3.235  -1.281  0.57 37.11 ? 1018 VAL A N   1 
ATOM   358  C CA  . VAL A 1 40  ? 22.284  -2.457  -0.024  0.57 35.18 ? 1018 VAL A CA  1 
ATOM   359  C C   . VAL A 1 40  ? 22.245  -3.414  1.170   0.57 34.18 ? 1018 VAL A C   1 
ATOM   360  O O   . VAL A 1 40  ? 21.181  -3.685  1.720   0.57 30.15 ? 1018 VAL A O   1 
ATOM   361  C CB  . VAL A 1 40  ? 20.989  -1.623  -0.129  0.57 35.46 ? 1018 VAL A CB  1 
ATOM   362  C CG1 . VAL A 1 40  ? 20.928  -0.549  0.945   0.57 34.36 ? 1018 VAL A CG1 1 
ATOM   363  C CG2 . VAL A 1 40  ? 20.820  -1.000  -1.511  0.57 35.51 ? 1018 VAL A CG2 1 
ATOM   364  N N   . PRO A 1 41  ? 23.403  -3.973  1.599   0.57 33.58 ? 1019 PRO A N   1 
ATOM   365  C CA  . PRO A 1 41  ? 23.426  -5.092  2.546   0.57 32.17 ? 1019 PRO A CA  1 
ATOM   366  C C   . PRO A 1 41  ? 22.891  -4.832  3.966   0.57 31.07 ? 1019 PRO A C   1 
ATOM   367  O O   . PRO A 1 41  ? 22.386  -5.754  4.593   0.57 31.80 ? 1019 PRO A O   1 
ATOM   368  C CB  . PRO A 1 41  ? 24.921  -5.470  2.631   0.57 33.87 ? 1019 PRO A CB  1 
ATOM   369  C CG  . PRO A 1 41  ? 25.666  -4.247  2.135   0.57 34.60 ? 1019 PRO A CG  1 
ATOM   370  C CD  . PRO A 1 41  ? 24.746  -3.611  1.116   0.57 35.47 ? 1019 PRO A CD  1 
ATOM   371  N N   . ASP A 1 42  ? 23.006  -3.606  4.469   0.57 30.41 ? 1020 ASP A N   1 
ATOM   372  C CA  . ASP A 1 42  ? 22.520  -3.273  5.833   0.57 32.52 ? 1020 ASP A CA  1 
ATOM   373  C C   . ASP A 1 42  ? 21.029  -2.890  5.786   0.57 28.85 ? 1020 ASP A C   1 
ATOM   374  O O   . ASP A 1 42  ? 20.477  -2.618  6.862   0.57 29.52 ? 1020 ASP A O   1 
ATOM   375  C CB  . ASP A 1 42  ? 23.367  -2.167  6.458   0.57 36.64 ? 1020 ASP A CB  1 
ATOM   376  C CG  . ASP A 1 42  ? 23.144  -0.821  5.798   0.57 41.91 ? 1020 ASP A CG  1 
ATOM   377  O OD1 . ASP A 1 42  ? 23.020  0.178   6.537   0.57 44.56 ? 1020 ASP A OD1 1 
ATOM   378  O OD2 . ASP A 1 42  ? 23.081  -0.788  4.549   0.57 48.64 ? 1020 ASP A OD2 1 
ATOM   379  N N   . TYR A 1 43  ? 20.382  -2.886  4.615   0.57 27.84 ? 1021 TYR A N   1 
ATOM   380  C CA  . TYR A 1 43  ? 18.946  -2.501  4.498   0.57 25.77 ? 1021 TYR A CA  1 
ATOM   381  C C   . TYR A 1 43  ? 18.100  -3.450  5.357   0.57 26.44 ? 1021 TYR A C   1 
ATOM   382  O O   . TYR A 1 43  ? 17.402  -2.969  6.269   0.57 25.65 ? 1021 TYR A O   1 
ATOM   383  C CB  . TYR A 1 43  ? 18.433  -2.485  3.050   0.57 24.71 ? 1021 TYR A CB  1 
ATOM   384  C CG  . TYR A 1 43  ? 17.034  -1.915  2.929   0.57 23.27 ? 1021 TYR A CG  1 
ATOM   385  C CD1 . TYR A 1 43  ? 16.799  -0.567  3.156   0.57 22.49 ? 1021 TYR A CD1 1 
ATOM   386  C CD2 . TYR A 1 43  ? 15.935  -2.722  2.660   0.57 22.65 ? 1021 TYR A CD2 1 
ATOM   387  C CE1 . TYR A 1 43  ? 15.521  -0.027  3.101   0.57 22.05 ? 1021 TYR A CE1 1 
ATOM   388  C CE2 . TYR A 1 43  ? 14.648  -2.200  2.604   0.57 20.82 ? 1021 TYR A CE2 1 
ATOM   389  C CZ  . TYR A 1 43  ? 14.442  -0.849  2.830   0.57 20.60 ? 1021 TYR A CZ  1 
ATOM   390  O OH  . TYR A 1 43  ? 13.191  -0.306  2.779   0.57 19.16 ? 1021 TYR A OH  1 
ATOM   391  N N   . ARG A 1 44  ? 18.191  -4.753  5.091   0.57 28.05 ? 1022 ARG A N   1 
ATOM   392  C CA  . ARG A 1 44  ? 17.341  -5.785  5.748   0.57 31.16 ? 1022 ARG A CA  1 
ATOM   393  C C   . ARG A 1 44  ? 17.840  -6.048  7.176   0.57 31.80 ? 1022 ARG A C   1 
ATOM   394  O O   . ARG A 1 44  ? 17.059  -6.598  7.967   0.57 34.30 ? 1022 ARG A O   1 
ATOM   395  C CB  . ARG A 1 44  ? 17.228  -7.025  4.853   0.57 32.46 ? 1022 ARG A CB  1 
ATOM   396  C CG  . ARG A 1 44  ? 16.011  -6.961  3.942   0.57 36.36 ? 1022 ARG A CG  1 
ATOM   397  C CD  . ARG A 1 44  ? 16.079  -7.723  2.635   0.57 38.44 ? 1022 ARG A CD  1 
ATOM   398  N NE  . ARG A 1 44  ? 15.069  -7.152  1.750   0.57 40.29 ? 1022 ARG A NE  1 
ATOM   399  C CZ  . ARG A 1 44  ? 15.263  -6.130  0.916   0.57 42.15 ? 1022 ARG A CZ  1 
ATOM   400  N NH1 . ARG A 1 44  ? 16.464  -5.580  0.791   0.57 42.21 ? 1022 ARG A NH1 1 
ATOM   401  N NH2 . ARG A 1 44  ? 14.252  -5.676  0.187   0.57 38.83 ? 1022 ARG A NH2 1 
ATOM   402  N N   . THR A 1 45  ? 19.031  -5.574  7.536   1.00 33.14 ? 1023 THR A N   1 
ATOM   403  C CA  . THR A 1 45  ? 19.443  -5.566  8.973   1.00 36.04 ? 1023 THR A CA  1 
ATOM   404  C C   . THR A 1 45  ? 18.667  -4.480  9.725   1.00 36.45 ? 1023 THR A C   1 
ATOM   405  O O   . THR A 1 45  ? 18.299  -4.718  10.881  1.00 37.19 ? 1023 THR A O   1 
ATOM   406  C CB  . THR A 1 45  ? 20.969  -5.574  9.132   1.00 41.40 ? 1023 THR A CB  1 
ATOM   407  O OG1 . THR A 1 45  ? 21.563  -4.286  8.931   1.00 44.19 ? 1023 THR A OG1 1 
ATOM   408  C CG2 . THR A 1 45  ? 21.551  -6.603  8.199   1.00 45.06 ? 1023 THR A CG2 1 
ATOM   409  N N   . VAL A 1 46  ? 18.335  -3.338  9.102   1.00 26.26 ? 1024 VAL A N   1 
ATOM   410  C CA  . VAL A 1 46  ? 17.638  -2.251  9.789   1.00 23.99 ? 1024 VAL A CA  1 
ATOM   411  C C   . VAL A 1 46  ? 16.108  -2.426  9.623   1.00 22.76 ? 1024 VAL A C   1 
ATOM   412  O O   . VAL A 1 46  ? 15.349  -2.171  10.545  1.00 24.74 ? 1024 VAL A O   1 
ATOM   413  C CB  . VAL A 1 46  ? 18.085  -0.895  9.208   1.00 25.66 ? 1024 VAL A CB  1 
ATOM   414  C CG1 . VAL A 1 46  ? 17.309  0.257   9.835   1.00 27.88 ? 1024 VAL A CG1 1 
ATOM   415  C CG2 . VAL A 1 46  ? 19.606  -0.734  9.382   1.00 33.60 ? 1024 VAL A CG2 1 
ATOM   416  N N   . ILE A 1 47  ? 15.679  -2.670  8.392   1.00 21.22 ? 1025 ILE A N   1 
ATOM   417  C CA  . ILE A 1 47  ? 14.231  -2.711  8.030   1.00 19.13 ? 1025 ILE A CA  1 
ATOM   418  C C   . ILE A 1 47  ? 13.753  -4.191  8.118   1.00 15.97 ? 1025 ILE A C   1 
ATOM   419  O O   . ILE A 1 47  ? 14.132  -4.985  7.285   1.00 19.60 ? 1025 ILE A O   1 
ATOM   420  C CB  . ILE A 1 47  ? 13.980  -2.060  6.643   1.00 18.81 ? 1025 ILE A CB  1 
ATOM   421  C CG1 . ILE A 1 47  ? 14.384  -0.575  6.676   1.00 17.69 ? 1025 ILE A CG1 1 
ATOM   422  C CG2 . ILE A 1 47  ? 12.512  -2.233  6.205   1.00 17.37 ? 1025 ILE A CG2 1 
ATOM   423  C CD1 . ILE A 1 47  ? 13.707  0.277   7.652   1.00 17.77 ? 1025 ILE A CD1 1 
ATOM   424  N N   . LYS A 1 48  ? 12.905  -4.414  9.061   1.00 20.42 ? 1026 LYS A N   1 
ATOM   425  C CA  . LYS A 1 48  ? 12.514  -5.821  9.375   1.00 20.31 ? 1026 LYS A CA  1 
ATOM   426  C C   . LYS A 1 48  ? 11.324  -6.259  8.513   1.00 21.10 ? 1026 LYS A C   1 
ATOM   427  O O   . LYS A 1 48  ? 11.219  -7.485  8.294   1.00 21.68 ? 1026 LYS A O   1 
ATOM   428  C CB  . LYS A 1 48  ? 12.101  -5.857  10.833  1.00 21.98 ? 1026 LYS A CB  1 
ATOM   429  C CG  . LYS A 1 48  ? 13.229  -5.582  11.831  1.00 24.17 ? 1026 LYS A CG  1 
ATOM   430  C CD  . LYS A 1 48  ? 14.442  -6.360  11.586  1.00 26.73 ? 1026 LYS A CD  1 
ATOM   431  C CE  . LYS A 1 48  ? 15.577  -6.022  12.555  1.00 29.47 ? 1026 LYS A CE  1 
ATOM   432  N NZ  . LYS A 1 48  ? 16.791  -6.779  12.180  1.00 31.43 ? 1026 LYS A NZ  1 
ATOM   433  N N   . GLU A 1 49  ? 10.519  -5.351  7.943   1.00 18.10 ? 1027 GLU A N   1 
ATOM   434  C CA  . GLU A 1 49  ? 9.390   -5.748  7.042   1.00 17.44 ? 1027 GLU A CA  1 
ATOM   435  C C   . GLU A 1 49  ? 9.436   -4.844  5.778   1.00 15.39 ? 1027 GLU A C   1 
ATOM   436  O O   . GLU A 1 49  ? 8.703   -3.853  5.703   1.00 16.15 ? 1027 GLU A O   1 
ATOM   437  C CB  . GLU A 1 49  ? 8.052   -5.722  7.771   1.00 18.28 ? 1027 GLU A CB  1 
ATOM   438  C CG  . GLU A 1 49  ? 6.992   -6.480  6.972   1.00 20.05 ? 1027 GLU A CG  1 
ATOM   439  C CD  . GLU A 1 49  ? 5.621   -6.713  7.579   1.00 19.74 ? 1027 GLU A CD  1 
ATOM   440  O OE1 . GLU A 1 49  ? 5.391   -6.211  8.680   1.00 23.99 ? 1027 GLU A OE1 1 
ATOM   441  O OE2 . GLU A 1 49  ? 4.794   -7.381  6.821   1.00 24.65 ? 1027 GLU A OE2 1 
ATOM   442  N N   . PRO A 1 50  ? 10.319  -5.178  4.835   1.00 14.76 ? 1028 PRO A N   1 
ATOM   443  C CA  . PRO A 1 50  ? 10.382  -4.429  3.564   1.00 15.33 ? 1028 PRO A CA  1 
ATOM   444  C C   . PRO A 1 50  ? 9.032   -4.447  2.830   1.00 15.97 ? 1028 PRO A C   1 
ATOM   445  O O   . PRO A 1 50  ? 8.246   -5.442  2.927   1.00 16.59 ? 1028 PRO A O   1 
ATOM   446  C CB  . PRO A 1 50  ? 11.426  -5.133  2.734   1.00 18.00 ? 1028 PRO A CB  1 
ATOM   447  C CG  . PRO A 1 50  ? 12.299  -5.868  3.740   1.00 22.09 ? 1028 PRO A CG  1 
ATOM   448  C CD  . PRO A 1 50  ? 11.326  -6.253  4.821   1.00 17.98 ? 1028 PRO A CD  1 
ATOM   449  N N   . MET A 1 51  ? 8.718   -3.326  2.131   1.00 14.33 ? 1029 MET A N   1 
ATOM   450  C CA  . MET A 1 51  ? 7.473   -3.284  1.313   1.00 13.98 ? 1029 MET A CA  1 
ATOM   451  C C   . MET A 1 51  ? 7.690   -2.332  0.111   1.00 13.35 ? 1029 MET A C   1 
ATOM   452  O O   . MET A 1 51  ? 8.469   -1.366  0.274   1.00 15.50 ? 1029 MET A O   1 
ATOM   453  C CB  . MET A 1 51  ? 6.298   -2.857  2.172   1.00 15.22 ? 1029 MET A CB  1 
ATOM   454  C CG  . MET A 1 51  ? 4.884   -2.984  1.584   1.00 14.80 ? 1029 MET A CG  1 
ATOM   455  S SD  . MET A 1 51  ? 4.458   -4.622  0.892   1.00 17.45 ? 1029 MET A SD  1 
ATOM   456  C CE  . MET A 1 51  ? 4.585   -5.655  2.370   1.00 18.74 ? 1029 MET A CE  1 
ATOM   457  N N   . ASP A 1 52  ? 6.996   -2.603  -0.994  1.00 13.80 ? 1030 ASP A N   1 
ATOM   458  C CA  . ASP A 1 52  ? 7.104   -1.783  -2.226  1.00 13.81 ? 1030 ASP A CA  1 
ATOM   459  C C   . ASP A 1 52  ? 5.850   -2.002  -3.055  1.00 14.31 ? 1030 ASP A C   1 
ATOM   460  O O   . ASP A 1 52  ? 5.047   -2.922  -2.722  1.00 14.40 ? 1030 ASP A O   1 
ATOM   461  C CB  . ASP A 1 52  ? 8.351   -2.175  -3.018  1.00 14.90 ? 1030 ASP A CB  1 
ATOM   462  C CG  . ASP A 1 52  ? 8.207   -3.596  -3.592  1.00 18.31 ? 1030 ASP A CG  1 
ATOM   463  O OD1 . ASP A 1 52  ? 8.433   -4.600  -2.833  1.00 21.80 ? 1030 ASP A OD1 1 
ATOM   464  O OD2 . ASP A 1 52  ? 7.754   -3.703  -4.731  1.00 21.55 ? 1030 ASP A OD2 1 
ATOM   465  N N   . LEU A 1 53  ? 5.641   -1.200  -4.100  1.00 14.56 ? 1031 LEU A N   1 
ATOM   466  C CA  . LEU A 1 53  ? 4.380   -1.248  -4.860  1.00 14.25 ? 1031 LEU A CA  1 
ATOM   467  C C   . LEU A 1 53  ? 4.214   -2.545  -5.678  1.00 14.99 ? 1031 LEU A C   1 
ATOM   468  O O   . LEU A 1 53  ? 3.085   -2.971  -5.901  1.00 15.80 ? 1031 LEU A O   1 
ATOM   469  C CB  . LEU A 1 53  ? 4.214   0.017   -5.705  1.00 13.68 ? 1031 LEU A CB  1 
ATOM   470  C CG  . LEU A 1 53  ? 4.129   1.340   -4.960  1.00 14.42 ? 1031 LEU A CG  1 
ATOM   471  C CD1 . LEU A 1 53  ? 4.237   2.524   -5.928  1.00 16.34 ? 1031 LEU A CD1 1 
ATOM   472  C CD2 . LEU A 1 53  ? 2.882   1.458   -4.103  1.00 14.67 ? 1031 LEU A CD2 1 
ATOM   473  N N   A SER A 1 54  ? 5.303   -3.161  -6.150  0.18 15.66 ? 1032 SER A N   1 
ATOM   474  N N   B SER A 1 54  ? 5.312   -3.148  -6.148  0.19 16.15 ? 1032 SER A N   1 
ATOM   475  N N   C SER A 1 54  ? 5.312   -3.154  -6.149  0.20 14.91 ? 1032 SER A N   1 
ATOM   476  C CA  A SER A 1 54  ? 5.201   -4.467  -6.865  0.18 16.65 ? 1032 SER A CA  1 
ATOM   477  C CA  B SER A 1 54  ? 5.251   -4.461  -6.852  0.19 17.63 ? 1032 SER A CA  1 
ATOM   478  C CA  C SER A 1 54  ? 5.246   -4.467  -6.858  0.20 15.54 ? 1032 SER A CA  1 
ATOM   479  C C   A SER A 1 54  ? 4.760   -5.568  -5.895  0.18 16.39 ? 1032 SER A C   1 
ATOM   480  C C   B SER A 1 54  ? 4.750   -5.544  -5.891  0.19 16.88 ? 1032 SER A C   1 
ATOM   481  C C   C SER A 1 54  ? 4.764   -5.558  -5.895  0.20 15.73 ? 1032 SER A C   1 
ATOM   482  O O   A SER A 1 54  ? 3.898   -6.402  -6.278  0.18 17.34 ? 1032 SER A O   1 
ATOM   483  O O   B SER A 1 54  ? 3.848   -6.338  -6.275  0.19 17.83 ? 1032 SER A O   1 
ATOM   484  O O   C SER A 1 54  ? 3.882   -6.372  -6.283  0.20 16.86 ? 1032 SER A O   1 
ATOM   485  C CB  A SER A 1 54  ? 6.487   -4.828  -7.579  0.18 18.08 ? 1032 SER A CB  1 
ATOM   486  C CB  B SER A 1 54  ? 6.586   -4.845  -7.460  0.19 19.77 ? 1032 SER A CB  1 
ATOM   487  C CB  C SER A 1 54  ? 6.572   -4.847  -7.517  0.20 16.02 ? 1032 SER A CB  1 
ATOM   488  O OG  A SER A 1 54  ? 6.697   -3.966  -8.685  0.18 19.35 ? 1032 SER A OG  1 
ATOM   489  O OG  B SER A 1 54  ? 6.428   -5.942  -8.346  0.19 22.61 ? 1032 SER A OG  1 
ATOM   490  O OG  C SER A 1 54  ? 7.547   -5.250  -6.562  0.20 15.12 ? 1032 SER A OG  1 
ATOM   491  N N   . SER A 1 55  ? 5.258   -5.557  -4.661  1.00 16.43 ? 1033 SER A N   1 
ATOM   492  C CA  . SER A 1 55  ? 4.802   -6.509  -3.616  1.00 15.43 ? 1033 SER A CA  1 
ATOM   493  C C   . SER A 1 55  ? 3.327   -6.265  -3.315  1.00 14.15 ? 1033 SER A C   1 
ATOM   494  O O   . SER A 1 55  ? 2.565   -7.227  -3.104  1.00 14.65 ? 1033 SER A O   1 
ATOM   495  C CB  . SER A 1 55  ? 5.641   -6.519  -2.392  1.00 17.99 ? 1033 SER A CB  1 
ATOM   496  O OG  . SER A 1 55  ? 6.981   -6.857  -2.802  1.00 22.60 ? 1033 SER A OG  1 
ATOM   497  N N   . VAL A 1 56  ? 2.910   -5.002  -3.219  1.00 13.02 ? 1034 VAL A N   1 
ATOM   498  C CA  . VAL A 1 56  ? 1.466   -4.690  -2.980  1.00 13.23 ? 1034 VAL A CA  1 
ATOM   499  C C   . VAL A 1 56  ? 0.569   -5.297  -4.077  1.00 13.51 ? 1034 VAL A C   1 
ATOM   500  O O   . VAL A 1 56  ? -0.490  -5.885  -3.765  1.00 12.90 ? 1034 VAL A O   1 
ATOM   501  C CB  . VAL A 1 56  ? 1.275   -3.162  -2.791  1.00 12.43 ? 1034 VAL A CB  1 
ATOM   502  C CG1 . VAL A 1 56  ? -0.196  -2.739  -2.793  1.00 14.84 ? 1034 VAL A CG1 1 
ATOM   503  C CG2 . VAL A 1 56  ? 1.870   -2.677  -1.524  1.00 13.35 ? 1034 VAL A CG2 1 
ATOM   504  N N   A ILE A 1 57  ? 0.942   -5.139  -5.350  0.18 14.09 ? 1035 ILE A N   1 
ATOM   505  N N   B ILE A 1 57  ? 0.892   -5.155  -5.364  0.19 13.91 ? 1035 ILE A N   1 
ATOM   506  N N   C ILE A 1 57  ? 0.941   -5.139  -5.350  0.20 14.08 ? 1035 ILE A N   1 
ATOM   507  C CA  A ILE A 1 57  ? 0.193   -5.741  -6.500  0.18 14.38 ? 1035 ILE A CA  1 
ATOM   508  C CA  B ILE A 1 57  ? 0.042   -5.803  -6.416  0.19 14.24 ? 1035 ILE A CA  1 
ATOM   509  C CA  C ILE A 1 57  ? 0.193   -5.741  -6.500  0.20 14.34 ? 1035 ILE A CA  1 
ATOM   510  C C   A ILE A 1 57  ? 0.100   -7.268  -6.312  0.18 14.79 ? 1035 ILE A C   1 
ATOM   511  C C   B ILE A 1 57  ? 0.039   -7.320  -6.172  0.19 14.17 ? 1035 ILE A C   1 
ATOM   512  C C   C ILE A 1 57  ? 0.100   -7.268  -6.312  0.20 14.78 ? 1035 ILE A C   1 
ATOM   513  O O   A ILE A 1 57  ? -0.979  -7.834  -6.524  0.18 14.99 ? 1035 ILE A O   1 
ATOM   514  O O   B ILE A 1 57  ? -1.049  -7.952  -6.170  0.19 13.79 ? 1035 ILE A O   1 
ATOM   515  O O   C ILE A 1 57  ? -0.978  -7.834  -6.524  0.20 14.99 ? 1035 ILE A O   1 
ATOM   516  C CB  A ILE A 1 57  ? 0.828   -5.359  -7.850  0.18 16.54 ? 1035 ILE A CB  1 
ATOM   517  C CB  B ILE A 1 57  ? 0.470   -5.467  -7.851  0.19 16.00 ? 1035 ILE A CB  1 
ATOM   518  C CB  C ILE A 1 57  ? 0.828   -5.359  -7.850  0.20 16.57 ? 1035 ILE A CB  1 
ATOM   519  C CG1 A ILE A 1 57  ? 0.567   -3.888  -8.185  0.18 17.12 ? 1035 ILE A CG1 1 
ATOM   520  C CG1 B ILE A 1 57  ? 0.371   -3.969  -8.130  0.19 17.67 ? 1035 ILE A CG1 1 
ATOM   521  C CG1 C ILE A 1 57  ? 0.566   -3.889  -8.184  0.20 17.15 ? 1035 ILE A CG1 1 
ATOM   522  C CG2 A ILE A 1 57  ? 0.350   -6.291  -8.956  0.18 17.47 ? 1035 ILE A CG2 1 
ATOM   523  C CG2 B ILE A 1 57  ? -0.337  -6.291  -8.857  0.19 15.77 ? 1035 ILE A CG2 1 
ATOM   524  C CG2 C ILE A 1 57  ? 0.350   -6.291  -8.956  0.20 17.52 ? 1035 ILE A CG2 1 
ATOM   525  C CD1 A ILE A 1 57  ? -0.900  -3.537  -8.389  0.18 17.43 ? 1035 ILE A CD1 1 
ATOM   526  C CD1 B ILE A 1 57  ? 1.144   -3.537  -9.345  0.19 19.84 ? 1035 ILE A CD1 1 
ATOM   527  C CD1 C ILE A 1 57  ? -0.901  -3.537  -8.389  0.20 17.46 ? 1035 ILE A CD1 1 
ATOM   528  N N   . SER A 1 58  ? 1.220   -7.912  -5.966  1.00 14.73 ? 1036 SER A N   1 
ATOM   529  C CA  . SER A 1 58  ? 1.231   -9.380  -5.708  1.00 14.86 ? 1036 SER A CA  1 
ATOM   530  C C   . SER A 1 58  ? 0.261   -9.724  -4.573  1.00 15.42 ? 1036 SER A C   1 
ATOM   531  O O   . SER A 1 58  ? -0.486  -10.746 -4.660  1.00 15.58 ? 1036 SER A O   1 
ATOM   532  C CB  . SER A 1 58  ? 2.651   -9.866  -5.350  1.00 16.49 ? 1036 SER A CB  1 
ATOM   533  O OG  . SER A 1 58  ? 3.466   -9.750  -6.508  1.00 21.61 ? 1036 SER A OG  1 
ATOM   534  N N   . LYS A 1 59  ? 0.241   -8.966  -3.465  1.00 13.41 ? 1037 LYS A N   1 
ATOM   535  C CA  . LYS A 1 59  ? -0.633  -9.225  -2.303  1.00 13.41 ? 1037 LYS A CA  1 
ATOM   536  C C   . LYS A 1 59  ? -2.118  -9.075  -2.709  1.00 13.25 ? 1037 LYS A C   1 
ATOM   537  O O   . LYS A 1 59  ? -2.986  -9.856  -2.246  1.00 13.92 ? 1037 LYS A O   1 
ATOM   538  C CB  . LYS A 1 59  ? -0.205  -8.372  -1.120  1.00 13.38 ? 1037 LYS A CB  1 
ATOM   539  C CG  . LYS A 1 59  ? 1.132   -8.819  -0.503  1.00 13.71 ? 1037 LYS A CG  1 
ATOM   540  C CD  . LYS A 1 59  ? 1.483   -8.074  0.764   1.00 14.61 ? 1037 LYS A CD  1 
ATOM   541  C CE  . LYS A 1 59  ? 0.531   -8.262  1.896   1.00 16.36 ? 1037 LYS A CE  1 
ATOM   542  N NZ  . LYS A 1 59  ? 1.016   -7.783  3.224   1.00 19.14 ? 1037 LYS A NZ  1 
ATOM   543  N N   . ILE A 1 60  ? -2.442  -8.075  -3.515  1.00 13.85 ? 1038 ILE A N   1 
ATOM   544  C CA  . ILE A 1 60  ? -3.852  -7.894  -3.973  1.00 13.69 ? 1038 ILE A CA  1 
ATOM   545  C C   . ILE A 1 60  ? -4.279  -9.209  -4.669  1.00 12.81 ? 1038 ILE A C   1 
ATOM   546  O O   . ILE A 1 60  ? -5.381  -9.766  -4.379  1.00 14.74 ? 1038 ILE A O   1 
ATOM   547  C CB  . ILE A 1 60  ? -4.025  -6.680  -4.918  1.00 13.41 ? 1038 ILE A CB  1 
ATOM   548  C CG1 . ILE A 1 60  ? -3.755  -5.350  -4.219  1.00 13.84 ? 1038 ILE A CG1 1 
ATOM   549  C CG2 . ILE A 1 60  ? -5.462  -6.673  -5.523  1.00 15.14 ? 1038 ILE A CG2 1 
ATOM   550  C CD1 . ILE A 1 60  ? -3.544  -4.159  -5.170  1.00 15.71 ? 1038 ILE A CD1 1 
ATOM   551  N N   . ASP A 1 61  ? -3.463  -9.711  -5.560  1.00 13.27 ? 1039 ASP A N   1 
ATOM   552  C CA  . ASP A 1 61  ? -3.784  -10.891 -6.389  1.00 15.43 ? 1039 ASP A CA  1 
ATOM   553  C C   . ASP A 1 61  ? -3.819  -12.171 -5.529  1.00 17.72 ? 1039 ASP A C   1 
ATOM   554  O O   . ASP A 1 61  ? -4.507  -13.128 -5.966  1.00 19.51 ? 1039 ASP A O   1 
ATOM   555  C CB  . ASP A 1 61  ? -2.822  -10.988 -7.533  1.00 17.16 ? 1039 ASP A CB  1 
ATOM   556  C CG  . ASP A 1 61  ? -2.955  -9.915  -8.618  1.00 22.32 ? 1039 ASP A CG  1 
ATOM   557  O OD1 . ASP A 1 61  ? -4.009  -9.195  -8.606  1.00 20.80 ? 1039 ASP A OD1 1 
ATOM   558  O OD2 . ASP A 1 61  ? -2.047  -9.763  -9.484  1.00 21.01 ? 1039 ASP A OD2 1 
ATOM   559  N N   . LEU A 1 62  ? -3.077  -12.237 -4.428  1.00 15.68 ? 1040 LEU A N   1 
ATOM   560  C CA  . LEU A 1 62  ? -3.136  -13.374 -3.466  1.00 15.34 ? 1040 LEU A CA  1 
ATOM   561  C C   . LEU A 1 62  ? -4.309  -13.248 -2.505  1.00 17.10 ? 1040 LEU A C   1 
ATOM   562  O O   . LEU A 1 62  ? -4.488  -14.066 -1.554  1.00 19.83 ? 1040 LEU A O   1 
ATOM   563  C CB  . LEU A 1 62  ? -1.813  -13.398 -2.691  1.00 15.41 ? 1040 LEU A CB  1 
ATOM   564  C CG  . LEU A 1 62  ? -0.610  -13.925 -3.434  1.00 17.28 ? 1040 LEU A CG  1 
ATOM   565  C CD1 . LEU A 1 62  ? 0.680   -13.598 -2.669  1.00 18.75 ? 1040 LEU A CD1 1 
ATOM   566  C CD2 . LEU A 1 62  ? -0.706  -15.448 -3.766  1.00 19.74 ? 1040 LEU A CD2 1 
ATOM   567  N N   . HIS A 1 63  ? -5.191  -12.238 -2.645  1.00 15.78 ? 1041 HIS A N   1 
ATOM   568  C CA  . HIS A 1 63  ? -6.345  -11.999 -1.768  1.00 15.37 ? 1041 HIS A CA  1 
ATOM   569  C C   . HIS A 1 63  ? -5.921  -11.741 -0.331  1.00 16.11 ? 1041 HIS A C   1 
ATOM   570  O O   . HIS A 1 63  ? -6.676  -12.069 0.646   1.00 19.37 ? 1041 HIS A O   1 
ATOM   571  C CB  . HIS A 1 63  ? -7.390  -13.190 -1.885  1.00 16.78 ? 1041 HIS A CB  1 
ATOM   572  C CG  . HIS A 1 63  ? -7.905  -13.415 -3.261  1.00 18.09 ? 1041 HIS A CG  1 
ATOM   573  N ND1 . HIS A 1 63  ? -9.048  -14.187 -3.453  1.00 23.88 ? 1041 HIS A ND1 1 
ATOM   574  C CD2 . HIS A 1 63  ? -7.516  -13.007 -4.476  1.00 18.70 ? 1041 HIS A CD2 1 
ATOM   575  C CE1 . HIS A 1 63  ? -9.228  -14.234 -4.756  1.00 17.90 ? 1041 HIS A CE1 1 
ATOM   576  N NE2 . HIS A 1 63  ? -8.359  -13.528 -5.471  1.00 21.98 ? 1041 HIS A NE2 1 
ATOM   577  N N   . LYS A 1 64  ? -4.814  -11.014 -0.103  1.00 15.64 ? 1042 LYS A N   1 
ATOM   578  C CA  . LYS A 1 64  ? -4.354  -10.639 1.226   1.00 16.52 ? 1042 LYS A CA  1 
ATOM   579  C C   . LYS A 1 64  ? -5.129  -9.477  1.849   1.00 16.77 ? 1042 LYS A C   1 
ATOM   580  O O   . LYS A 1 64  ? -5.067  -9.331  3.069   1.00 17.92 ? 1042 LYS A O   1 
ATOM   581  C CB  . LYS A 1 64  ? -2.863  -10.375 1.234   1.00 16.14 ? 1042 LYS A CB  1 
ATOM   582  C CG  . LYS A 1 64  ? -1.916  -11.441 0.762   1.00 20.97 ? 1042 LYS A CG  1 
ATOM   583  C CD  . LYS A 1 64  ? -1.588  -12.430 1.783   1.00 24.04 ? 1042 LYS A CD  1 
ATOM   584  C CE  . LYS A 1 64  ? -0.402  -13.287 1.359   1.00 22.95 ? 1042 LYS A CE  1 
ATOM   585  N NZ  . LYS A 1 64  ? 0.010   -14.161 2.485   1.00 28.54 ? 1042 LYS A NZ  1 
ATOM   586  N N   . TYR A 1 65  ? -5.736  -8.596  1.029   1.00 14.93 ? 1043 TYR A N   1 
ATOM   587  C CA  . TYR A 1 65  ? -6.456  -7.432  1.512   1.00 14.28 ? 1043 TYR A CA  1 
ATOM   588  C C   . TYR A 1 65  ? -7.962  -7.683  1.404   1.00 15.46 ? 1043 TYR A C   1 
ATOM   589  O O   . TYR A 1 65  ? -8.466  -7.964  0.256   1.00 17.91 ? 1043 TYR A O   1 
ATOM   590  C CB  . TYR A 1 65  ? -6.039  -6.170  0.735   1.00 15.09 ? 1043 TYR A CB  1 
ATOM   591  C CG  . TYR A 1 65  ? -4.539  -5.865  0.643   1.00 12.80 ? 1043 TYR A CG  1 
ATOM   592  C CD1 . TYR A 1 65  ? -3.796  -5.645  1.786   1.00 14.50 ? 1043 TYR A CD1 1 
ATOM   593  C CD2 . TYR A 1 65  ? -3.916  -5.821  -0.570  1.00 13.23 ? 1043 TYR A CD2 1 
ATOM   594  C CE1 . TYR A 1 65  ? -2.440  -5.357  1.739   1.00 14.84 ? 1043 TYR A CE1 1 
ATOM   595  C CE2 . TYR A 1 65  ? -2.541  -5.547  -0.662  1.00 13.53 ? 1043 TYR A CE2 1 
ATOM   596  C CZ  . TYR A 1 65  ? -1.824  -5.329  0.500   1.00 13.90 ? 1043 TYR A CZ  1 
ATOM   597  O OH  . TYR A 1 65  ? -0.448  -5.044  0.346   1.00 14.60 ? 1043 TYR A OH  1 
ATOM   598  N N   A LEU A 1 66  ? -8.665  -7.598  2.541   0.14 16.63 ? 1044 LEU A N   1 
ATOM   599  N N   B LEU A 1 66  ? -8.657  -7.599  2.536   0.23 16.41 ? 1044 LEU A N   1 
ATOM   600  N N   C LEU A 1 66  ? -8.665  -7.598  2.541   0.14 16.63 ? 1044 LEU A N   1 
ATOM   601  C CA  A LEU A 1 66  ? -10.152 -7.703  2.625   0.14 16.53 ? 1044 LEU A CA  1 
ATOM   602  C CA  B LEU A 1 66  ? -10.142 -7.685  2.567   0.23 15.72 ? 1044 LEU A CA  1 
ATOM   603  C CA  C LEU A 1 66  ? -10.152 -7.703  2.625   0.14 16.53 ? 1044 LEU A CA  1 
ATOM   604  C C   A LEU A 1 66  ? -10.766 -6.347  2.981   0.14 16.07 ? 1044 LEU A C   1 
ATOM   605  C C   B LEU A 1 66  ? -10.751 -6.309  2.783   0.23 15.63 ? 1044 LEU A C   1 
ATOM   606  C C   C LEU A 1 66  ? -10.766 -6.347  2.981   0.14 16.07 ? 1044 LEU A C   1 
ATOM   607  O O   A LEU A 1 66  ? -12.015 -6.264  3.058   0.14 15.69 ? 1044 LEU A O   1 
ATOM   608  O O   B LEU A 1 66  ? -11.977 -6.180  2.512   0.23 14.22 ? 1044 LEU A O   1 
ATOM   609  O O   C LEU A 1 66  ? -12.015 -6.264  3.058   0.14 15.69 ? 1044 LEU A O   1 
ATOM   610  C CB  A LEU A 1 66  ? -10.542 -8.756  3.674   0.14 17.88 ? 1044 LEU A CB  1 
ATOM   611  C CB  B LEU A 1 66  ? -10.593 -8.651  3.671   0.23 16.96 ? 1044 LEU A CB  1 
ATOM   612  C CB  C LEU A 1 66  ? -10.542 -8.756  3.674   0.14 17.88 ? 1044 LEU A CB  1 
ATOM   613  C CG  A LEU A 1 66  ? -9.981  -10.155 3.427   0.14 19.20 ? 1044 LEU A CG  1 
ATOM   614  C CG  B LEU A 1 66  ? -10.680 -10.106 3.227   0.23 17.74 ? 1044 LEU A CG  1 
ATOM   615  C CG  C LEU A 1 66  ? -9.981  -10.155 3.427   0.14 19.20 ? 1044 LEU A CG  1 
ATOM   616  C CD1 A LEU A 1 66  ? -10.540 -11.155 4.430   0.14 20.79 ? 1044 LEU A CD1 1 
ATOM   617  C CD1 B LEU A 1 66  ? -9.302  -10.700 2.959   0.23 18.64 ? 1044 LEU A CD1 1 
ATOM   618  C CD1 C LEU A 1 66  ? -10.540 -11.155 4.430   0.14 20.79 ? 1044 LEU A CD1 1 
ATOM   619  C CD2 A LEU A 1 66  ? -10.262 -10.615 2.006   0.14 18.91 ? 1044 LEU A CD2 1 
ATOM   620  C CD2 B LEU A 1 66  ? -11.424 -10.897 4.286   0.23 19.08 ? 1044 LEU A CD2 1 
ATOM   621  C CD2 C LEU A 1 66  ? -10.262 -10.615 2.006   0.14 18.91 ? 1044 LEU A CD2 1 
ATOM   622  N N   . THR A 1 67  ? -9.943  -5.313  3.197   1.00 15.06 ? 1045 THR A N   1 
ATOM   623  C CA  . THR A 1 67  ? -10.424 -3.962  3.450   1.00 14.33 ? 1045 THR A CA  1 
ATOM   624  C C   . THR A 1 67  ? -9.443  -2.924  2.890   1.00 15.66 ? 1045 THR A C   1 
ATOM   625  O O   . THR A 1 67  ? -8.241  -3.263  2.755   1.00 15.44 ? 1045 THR A O   1 
ATOM   626  C CB  . THR A 1 67  ? -10.651 -3.655  4.916   1.00 16.43 ? 1045 THR A CB  1 
ATOM   627  O OG1 . THR A 1 67  ? -9.430  -3.583  5.661   1.00 17.49 ? 1045 THR A OG1 1 
ATOM   628  C CG2 . THR A 1 67  ? -11.528 -4.691  5.604   1.00 16.74 ? 1045 THR A CG2 1 
ATOM   629  N N   . VAL A 1 68  ? -9.899  -1.703  2.672   1.00 14.87 ? 1046 VAL A N   1 
ATOM   630  C CA  . VAL A 1 68  ? -8.948  -0.610  2.278   1.00 14.60 ? 1046 VAL A CA  1 
ATOM   631  C C   . VAL A 1 68  ? -8.088  -0.296  3.496   1.00 15.54 ? 1046 VAL A C   1 
ATOM   632  O O   . VAL A 1 68  ? -6.883  0.114   3.298   1.00 16.11 ? 1046 VAL A O   1 
ATOM   633  C CB  . VAL A 1 68  ? -9.680  0.617   1.700   1.00 15.93 ? 1046 VAL A CB  1 
ATOM   634  C CG1 . VAL A 1 68  ? -8.662  1.682   1.239   1.00 18.41 ? 1046 VAL A CG1 1 
ATOM   635  C CG2 . VAL A 1 68  ? -10.549 0.212   0.497   1.00 18.45 ? 1046 VAL A CG2 1 
ATOM   636  N N   . LYS A 1 69  ? -8.557  -0.382  4.738   1.00 16.77 ? 1047 LYS A N   1 
ATOM   637  C CA  . LYS A 1 69  ? -7.690  -0.216  5.943   1.00 18.91 ? 1047 LYS A CA  1 
ATOM   638  C C   . LYS A 1 69  ? -6.450  -1.125  5.900   1.00 18.39 ? 1047 LYS A C   1 
ATOM   639  O O   . LYS A 1 69  ? -5.303  -0.624  6.155   1.00 19.82 ? 1047 LYS A O   1 
ATOM   640  C CB  . LYS A 1 69  ? -8.564  -0.435  7.191   1.00 22.98 ? 1047 LYS A CB  1 
ATOM   641  C CG  . LYS A 1 69  ? -7.900  -0.036  8.487   1.00 37.14 ? 1047 LYS A CG  1 
ATOM   642  C CD  . LYS A 1 69  ? -8.868  -0.081  9.701   1.00 46.17 ? 1047 LYS A CD  1 
ATOM   643  C CE  . LYS A 1 69  ? -9.496  1.256   10.042  1.00 58.86 ? 1047 LYS A CE  1 
ATOM   644  N NZ  . LYS A 1 69  ? -10.621 1.607   9.145   1.00 66.17 ? 1047 LYS A NZ  1 
ATOM   645  N N   A ASP A 1 70  ? -6.570  -2.388  5.520   0.24 15.97 ? 1048 ASP A N   1 
ATOM   646  N N   B ASP A 1 70  ? -6.653  -2.423  5.595   0.13 17.41 ? 1048 ASP A N   1 
ATOM   647  N N   C ASP A 1 70  ? -6.653  -2.423  5.595   0.13 17.41 ? 1048 ASP A N   1 
ATOM   648  C CA  A ASP A 1 70  ? -5.395  -3.298  5.525   0.24 16.23 ? 1048 ASP A CA  1 
ATOM   649  C CA  B ASP A 1 70  ? -5.586  -3.450  5.395   0.13 17.64 ? 1048 ASP A CA  1 
ATOM   650  C CA  C ASP A 1 70  ? -5.586  -3.450  5.395   0.13 17.64 ? 1048 ASP A CA  1 
ATOM   651  C C   A ASP A 1 70  ? -4.447  -2.972  4.341   0.24 14.78 ? 1048 ASP A C   1 
ATOM   652  C C   B ASP A 1 70  ? -4.538  -2.877  4.417   0.13 16.09 ? 1048 ASP A C   1 
ATOM   653  C C   C ASP A 1 70  ? -4.538  -2.877  4.417   0.13 16.09 ? 1048 ASP A C   1 
ATOM   654  O O   A ASP A 1 70  ? -3.187  -3.223  4.427   0.24 13.32 ? 1048 ASP A O   1 
ATOM   655  O O   B ASP A 1 70  ? -3.339  -2.814  4.764   0.13 16.87 ? 1048 ASP A O   1 
ATOM   656  O O   C ASP A 1 70  ? -3.339  -2.814  4.764   0.13 16.87 ? 1048 ASP A O   1 
ATOM   657  C CB  A ASP A 1 70  ? -5.897  -4.739  5.564   0.24 16.95 ? 1048 ASP A CB  1 
ATOM   658  C CB  B ASP A 1 70  ? -6.107  -4.791  4.825   0.13 18.70 ? 1048 ASP A CB  1 
ATOM   659  C CB  C ASP A 1 70  ? -6.107  -4.791  4.825   0.13 18.70 ? 1048 ASP A CB  1 
ATOM   660  C CG  A ASP A 1 70  ? -6.404  -5.214  6.924   0.24 18.37 ? 1048 ASP A CG  1 
ATOM   661  C CG  B ASP A 1 70  ? -6.887  -5.741  5.743   0.13 20.15 ? 1048 ASP A CG  1 
ATOM   662  C CG  C ASP A 1 70  ? -6.887  -5.741  5.743   0.13 20.15 ? 1048 ASP A CG  1 
ATOM   663  O OD1 A ASP A 1 70  ? -6.401  -4.417  7.901   0.24 20.12 ? 1048 ASP A OD1 1 
ATOM   664  O OD1 B ASP A 1 70  ? -7.045  -5.397  6.940   0.13 21.57 ? 1048 ASP A OD1 1 
ATOM   665  O OD1 C ASP A 1 70  ? -7.045  -5.397  6.940   0.13 21.57 ? 1048 ASP A OD1 1 
ATOM   666  O OD2 A ASP A 1 70  ? -6.824  -6.376  6.974   0.24 18.67 ? 1048 ASP A OD2 1 
ATOM   667  O OD2 B ASP A 1 70  ? -7.336  -6.855  5.243   0.13 21.60 ? 1048 ASP A OD2 1 
ATOM   668  O OD2 C ASP A 1 70  ? -7.336  -6.855  5.243   0.13 21.60 ? 1048 ASP A OD2 1 
ATOM   669  N N   . TYR A 1 71  ? -4.988  -2.477  3.223   1.00 14.43 ? 1049 TYR A N   1 
ATOM   670  C CA  . TYR A 1 71  ? -4.128  -1.933  2.126   1.00 13.42 ? 1049 TYR A CA  1 
ATOM   671  C C   . TYR A 1 71  ? -3.335  -0.699  2.617   1.00 14.01 ? 1049 TYR A C   1 
ATOM   672  O O   . TYR A 1 71  ? -2.078  -0.647  2.363   1.00 13.64 ? 1049 TYR A O   1 
ATOM   673  C CB  . TYR A 1 71  ? -5.023  -1.597  0.933   1.00 13.57 ? 1049 TYR A CB  1 
ATOM   674  C CG  . TYR A 1 71  ? -4.367  -0.847  -0.190  1.00 12.65 ? 1049 TYR A CG  1 
ATOM   675  C CD1 . TYR A 1 71  ? -3.682  -1.469  -1.226  1.00 11.51 ? 1049 TYR A CD1 1 
ATOM   676  C CD2 . TYR A 1 71  ? -4.464  0.560   -0.259  1.00 13.71 ? 1049 TYR A CD2 1 
ATOM   677  C CE1 . TYR A 1 71  ? -3.139  -0.772  -2.296  1.00 11.67 ? 1049 TYR A CE1 1 
ATOM   678  C CE2 . TYR A 1 71  ? -3.901  1.269   -1.309  1.00 13.21 ? 1049 TYR A CE2 1 
ATOM   679  C CZ  . TYR A 1 71  ? -3.207  0.636   -2.338  1.00 12.36 ? 1049 TYR A CZ  1 
ATOM   680  O OH  . TYR A 1 71  ? -2.665  1.322   -3.407  1.00 13.14 ? 1049 TYR A OH  1 
ATOM   681  N N   . LEU A 1 72  ? -4.014  0.231   3.252   1.00 14.24 ? 1050 LEU A N   1 
ATOM   682  C CA  . LEU A 1 72  ? -3.337  1.491   3.730   1.00 14.32 ? 1050 LEU A CA  1 
ATOM   683  C C   . LEU A 1 72  ? -2.295  1.138   4.783   1.00 14.82 ? 1050 LEU A C   1 
ATOM   684  O O   . LEU A 1 72  ? -1.260  1.896   4.838   1.00 15.97 ? 1050 LEU A O   1 
ATOM   685  C CB  . LEU A 1 72  ? -4.324  2.545   4.149   1.00 15.24 ? 1050 LEU A CB  1 
ATOM   686  C CG  . LEU A 1 72  ? -5.099  3.191   3.022   1.00 15.86 ? 1050 LEU A CG  1 
ATOM   687  C CD1 . LEU A 1 72  ? -6.204  4.049   3.661   1.00 19.83 ? 1050 LEU A CD1 1 
ATOM   688  C CD2 . LEU A 1 72  ? -4.258  4.055   2.101   1.00 19.17 ? 1050 LEU A CD2 1 
ATOM   689  N N   . ARG A 1 73  ? -2.392  0.090   5.556   1.00 14.99 ? 1051 ARG A N   1 
ATOM   690  C CA  . ARG A 1 73  ? -1.314  -0.319  6.493   1.00 16.49 ? 1051 ARG A CA  1 
ATOM   691  C C   . ARG A 1 73  ? -0.052  -0.603  5.675   1.00 15.85 ? 1051 ARG A C   1 
ATOM   692  O O   . ARG A 1 73  ? 1.087   -0.240  6.194   1.00 15.98 ? 1051 ARG A O   1 
ATOM   693  C CB  . ARG A 1 73  ? -1.698  -1.511  7.380   1.00 21.33 ? 1051 ARG A CB  1 
ATOM   694  C CG  . ARG A 1 73  ? -2.793  -1.193  8.389   1.00 31.81 ? 1051 ARG A CG  1 
ATOM   695  C CD  . ARG A 1 73  ? -2.991  -2.417  9.323   1.00 42.17 ? 1051 ARG A CD  1 
ATOM   696  N NE  . ARG A 1 73  ? -4.366  -2.931  9.355   1.00 54.84 ? 1051 ARG A NE  1 
ATOM   697  C CZ  . ARG A 1 73  ? -5.362  -2.424  10.089  1.00 67.72 ? 1051 ARG A CZ  1 
ATOM   698  N NH1 . ARG A 1 73  ? -5.144  -1.380  10.881  1.00 72.85 ? 1051 ARG A NH1 1 
ATOM   699  N NH2 . ARG A 1 73  ? -6.572  -2.974  10.024  1.00 77.03 ? 1051 ARG A NH2 1 
ATOM   700  N N   . ASP A 1 74  ? -0.094  -1.227  4.490   1.00 14.77 ? 1052 ASP A N   1 
ATOM   701  C CA  . ASP A 1 74  ? 1.109   -1.493  3.668   1.00 13.17 ? 1052 ASP A CA  1 
ATOM   702  C C   . ASP A 1 74  ? 1.598   -0.167  3.028   1.00 12.76 ? 1052 ASP A C   1 
ATOM   703  O O   . ASP A 1 74  ? 2.867   -0.033  2.869   1.00 12.81 ? 1052 ASP A O   1 
ATOM   704  C CB  . ASP A 1 74  ? 0.894   -2.643  2.719   1.00 13.46 ? 1052 ASP A CB  1 
ATOM   705  C CG  . ASP A 1 74  ? 1.127   -4.024  3.366   1.00 16.56 ? 1052 ASP A CG  1 
ATOM   706  O OD1 . ASP A 1 74  ? 1.779   -4.066  4.452   1.00 18.48 ? 1052 ASP A OD1 1 
ATOM   707  O OD2 . ASP A 1 74  ? 0.810   -5.042  2.702   1.00 16.01 ? 1052 ASP A OD2 1 
ATOM   708  N N   . ILE A 1 75  ? 0.730   0.713   2.552   1.00 12.89 ? 1053 ILE A N   1 
ATOM   709  C CA  . ILE A 1 75  ? 1.213   2.035   2.012   1.00 12.61 ? 1053 ILE A CA  1 
ATOM   710  C C   . ILE A 1 75  ? 1.922   2.761   3.169   1.00 13.55 ? 1053 ILE A C   1 
ATOM   711  O O   . ILE A 1 75  ? 3.068   3.312   2.950   1.00 14.17 ? 1053 ILE A O   1 
ATOM   712  C CB  . ILE A 1 75  ? 0.055   2.880   1.482   1.00 14.80 ? 1053 ILE A CB  1 
ATOM   713  C CG1 . ILE A 1 75  ? -0.677  2.164   0.328   1.00 16.10 ? 1053 ILE A CG1 1 
ATOM   714  C CG2 . ILE A 1 75  ? 0.559   4.286   1.145   1.00 16.88 ? 1053 ILE A CG2 1 
ATOM   715  C CD1 . ILE A 1 75  ? 0.203   1.841   -0.879  1.00 17.26 ? 1053 ILE A CD1 1 
ATOM   716  N N   . ASP A 1 76  ? 1.402   2.753   4.378   1.00 13.49 ? 1054 ASP A N   1 
ATOM   717  C CA  . ASP A 1 76  ? 2.032   3.426   5.539   1.00 14.55 ? 1054 ASP A CA  1 
ATOM   718  C C   . ASP A 1 76  ? 3.367   2.747   5.829   1.00 15.50 ? 1054 ASP A C   1 
ATOM   719  O O   . ASP A 1 76  ? 4.313   3.504   6.231   1.00 15.13 ? 1054 ASP A O   1 
ATOM   720  C CB  . ASP A 1 76  ? 1.114   3.365   6.778   1.00 16.80 ? 1054 ASP A CB  1 
ATOM   721  C CG  . ASP A 1 76  ? -0.137  4.223   6.777   1.00 19.77 ? 1054 ASP A CG  1 
ATOM   722  O OD1 . ASP A 1 76  ? -0.138  5.172   6.110   1.00 23.85 ? 1054 ASP A OD1 1 
ATOM   723  O OD2 . ASP A 1 76  ? -0.932  3.940   7.688   1.00 30.06 ? 1054 ASP A OD2 1 
ATOM   724  N N   . LEU A 1 77  ? 3.544   1.448   5.653   1.00 13.44 ? 1055 LEU A N   1 
ATOM   725  C CA  . LEU A 1 77  ? 4.819   0.743   5.887   1.00 13.64 ? 1055 LEU A CA  1 
ATOM   726  C C   . LEU A 1 77  ? 5.880   1.176   4.848   1.00 14.69 ? 1055 LEU A C   1 
ATOM   727  O O   . LEU A 1 77  ? 7.093   1.359   5.171   1.00 14.52 ? 1055 LEU A O   1 
ATOM   728  C CB  . LEU A 1 77  ? 4.543   -0.775  5.865   1.00 15.13 ? 1055 LEU A CB  1 
ATOM   729  C CG  . LEU A 1 77  ? 5.724   -1.706  6.101   1.00 16.46 ? 1055 LEU A CG  1 
ATOM   730  C CD1 . LEU A 1 77  ? 6.380   -1.500  7.481   1.00 18.52 ? 1055 LEU A CD1 1 
ATOM   731  C CD2 . LEU A 1 77  ? 5.245   -3.216  5.965   1.00 16.50 ? 1055 LEU A CD2 1 
ATOM   732  N N   . ILE A 1 78  ? 5.492   1.297   3.572   1.00 13.55 ? 1056 ILE A N   1 
ATOM   733  C CA  . ILE A 1 78  ? 6.435   1.811   2.544   1.00 12.93 ? 1056 ILE A CA  1 
ATOM   734  C C   . ILE A 1 78  ? 6.965   3.160   3.038   1.00 14.26 ? 1056 ILE A C   1 
ATOM   735  O O   . ILE A 1 78  ? 8.254   3.368   2.956   1.00 14.06 ? 1056 ILE A O   1 
ATOM   736  C CB  . ILE A 1 78  ? 5.749   1.948   1.180   1.00 13.23 ? 1056 ILE A CB  1 
ATOM   737  C CG1 . ILE A 1 78  ? 5.349   0.586   0.579   1.00 13.70 ? 1056 ILE A CG1 1 
ATOM   738  C CG2 . ILE A 1 78  ? 6.678   2.682   0.215   1.00 15.82 ? 1056 ILE A CG2 1 
ATOM   739  C CD1 . ILE A 1 78  ? 4.537   0.646   -0.707  1.00 14.06 ? 1056 ILE A CD1 1 
ATOM   740  N N   . CYS A 1 79  ? 6.113   4.072   3.476   1.00 13.29 ? 1057 CYS A N   1 
ATOM   741  C CA  . CYS A 1 79  ? 6.471   5.457   3.908   1.00 14.20 ? 1057 CYS A CA  1 
ATOM   742  C C   . CYS A 1 79  ? 7.322   5.363   5.174   1.00 16.57 ? 1057 CYS A C   1 
ATOM   743  O O   . CYS A 1 79  ? 8.466   5.945   5.218   1.00 15.82 ? 1057 CYS A O   1 
ATOM   744  C CB  . CYS A 1 79  ? 5.235   6.292   4.100   1.00 14.67 ? 1057 CYS A CB  1 
ATOM   745  S SG  . CYS A 1 79  ? 5.612   7.985   4.647   1.00 18.58 ? 1057 CYS A SG  1 
ATOM   746  N N   . SER A 1 80  ? 6.902   4.625   6.205   1.00 14.46 ? 1058 SER A N   1 
ATOM   747  C CA  . SER A 1 80  ? 7.656   4.587   7.486   1.00 15.09 ? 1058 SER A CA  1 
ATOM   748  C C   . SER A 1 80  ? 9.026   3.966   7.243   1.00 14.88 ? 1058 SER A C   1 
ATOM   749  O O   . SER A 1 80  ? 10.067  4.413   7.858   1.00 15.76 ? 1058 SER A O   1 
ATOM   750  C CB  . SER A 1 80  ? 6.830   3.916   8.596   1.00 18.14 ? 1058 SER A CB  1 
ATOM   751  O OG  . SER A 1 80  ? 6.570   2.587   8.370   1.00 22.62 ? 1058 SER A OG  1 
ATOM   752  N N   . ASN A 1 81  ? 9.175   2.913   6.465   1.00 14.08 ? 1059 ASN A N   1 
ATOM   753  C CA  . ASN A 1 81  ? 10.473  2.264   6.171   1.00 12.93 ? 1059 ASN A CA  1 
ATOM   754  C C   . ASN A 1 81  ? 11.449  3.362   5.587   1.00 15.54 ? 1059 ASN A C   1 
ATOM   755  O O   . ASN A 1 81  ? 12.617  3.401   5.927   1.00 14.98 ? 1059 ASN A O   1 
ATOM   756  C CB  . ASN A 1 81  ? 10.377  1.059   5.239   1.00 13.37 ? 1059 ASN A CB  1 
ATOM   757  C CG  . ASN A 1 81  ? 9.707   -0.175  5.871   1.00 13.51 ? 1059 ASN A CG  1 
ATOM   758  O OD1 . ASN A 1 81  ? 9.644   -0.265  7.094   1.00 15.73 ? 1059 ASN A OD1 1 
ATOM   759  N ND2 . ASN A 1 81  ? 9.373   -1.139  4.984   1.00 15.53 ? 1059 ASN A ND2 1 
ATOM   760  N N   . ALA A 1 82  ? 10.969  4.161   4.627   1.00 14.15 ? 1060 ALA A N   1 
ATOM   761  C CA  . ALA A 1 82  ? 11.828  5.171   3.962   1.00 15.16 ? 1060 ALA A CA  1 
ATOM   762  C C   . ALA A 1 82  ? 12.205  6.232   5.008   1.00 15.16 ? 1060 ALA A C   1 
ATOM   763  O O   . ALA A 1 82  ? 13.414  6.675   4.934   1.00 16.02 ? 1060 ALA A O   1 
ATOM   764  C CB  . ALA A 1 82  ? 11.051  5.794   2.796   1.00 14.46 ? 1060 ALA A CB  1 
ATOM   765  N N   . LEU A 1 83  ? 11.344  6.711   5.849   1.00 15.87 ? 1061 LEU A N   1 
ATOM   766  C CA  . LEU A 1 83  ? 11.638  7.713   6.901   1.00 16.06 ? 1061 LEU A CA  1 
ATOM   767  C C   . LEU A 1 83  ? 12.691  7.152   7.869   1.00 19.34 ? 1061 LEU A C   1 
ATOM   768  O O   . LEU A 1 83  ? 13.606  7.922   8.302   1.00 20.14 ? 1061 LEU A O   1 
ATOM   769  C CB  . LEU A 1 83  ? 10.415  8.201   7.642   1.00 18.00 ? 1061 LEU A CB  1 
ATOM   770  C CG  . LEU A 1 83  ? 9.259   8.732   6.810   1.00 21.99 ? 1061 LEU A CG  1 
ATOM   771  C CD1 . LEU A 1 83  ? 8.171   9.279   7.707   1.00 23.57 ? 1061 LEU A CD1 1 
ATOM   772  C CD2 . LEU A 1 83  ? 9.669   9.720   5.763   1.00 24.03 ? 1061 LEU A CD2 1 
ATOM   773  N N   A GLU A 1 84  ? 12.558  5.866   8.244   0.14 18.27 ? 1062 GLU A N   1 
ATOM   774  N N   B GLU A 1 84  ? 12.618  5.869   8.225   0.23 16.10 ? 1062 GLU A N   1 
ATOM   775  N N   C GLU A 1 84  ? 12.558  5.866   8.244   0.14 18.27 ? 1062 GLU A N   1 
ATOM   776  C CA  A GLU A 1 84  ? 13.439  5.163   9.229   0.14 19.91 ? 1062 GLU A CA  1 
ATOM   777  C CA  B GLU A 1 84  ? 13.526  5.314   9.272   0.23 16.96 ? 1062 GLU A CA  1 
ATOM   778  C CA  C GLU A 1 84  ? 13.439  5.163   9.229   0.14 19.91 ? 1062 GLU A CA  1 
ATOM   779  C C   A GLU A 1 84  ? 14.850  5.008   8.659   0.14 19.32 ? 1062 GLU A C   1 
ATOM   780  C C   B GLU A 1 84  ? 14.897  4.959   8.671   0.23 18.19 ? 1062 GLU A C   1 
ATOM   781  C C   C GLU A 1 84  ? 14.850  5.008   8.659   0.14 19.32 ? 1062 GLU A C   1 
ATOM   782  O O   A GLU A 1 84  ? 15.824  5.366   9.385   0.14 20.03 ? 1062 GLU A O   1 
ATOM   783  O O   B GLU A 1 84  ? 15.945  5.137   9.374   0.23 17.91 ? 1062 GLU A O   1 
ATOM   784  O O   C GLU A 1 84  ? 15.824  5.366   9.385   0.14 20.03 ? 1062 GLU A O   1 
ATOM   785  C CB  A GLU A 1 84  ? 12.901  3.763   9.585   0.14 21.73 ? 1062 GLU A CB  1 
ATOM   786  C CB  B GLU A 1 84  ? 12.848  4.114   9.950   0.23 17.91 ? 1062 GLU A CB  1 
ATOM   787  C CB  C GLU A 1 84  ? 12.901  3.763   9.585   0.14 21.73 ? 1062 GLU A CB  1 
ATOM   788  C CG  A GLU A 1 84  ? 13.713  3.020   10.651  0.14 23.87 ? 1062 GLU A CG  1 
ATOM   789  C CG  B GLU A 1 84  ? 11.574  4.478   10.676  0.23 18.94 ? 1062 GLU A CG  1 
ATOM   790  C CG  C GLU A 1 84  ? 13.713  3.020   10.651  0.14 23.87 ? 1062 GLU A CG  1 
ATOM   791  C CD  A GLU A 1 84  ? 13.200  1.643   11.087  0.14 27.59 ? 1062 GLU A CD  1 
ATOM   792  C CD  B GLU A 1 84  ? 10.608  3.344   11.033  0.23 20.66 ? 1062 GLU A CD  1 
ATOM   793  C CD  C GLU A 1 84  ? 13.200  1.643   11.087  0.14 27.59 ? 1062 GLU A CD  1 
ATOM   794  O OE1 A GLU A 1 84  ? 13.940  0.932   11.798  0.14 30.21 ? 1062 GLU A OE1 1 
ATOM   795  O OE1 B GLU A 1 84  ? 10.928  2.181   10.765  0.23 22.16 ? 1062 GLU A OE1 1 
ATOM   796  O OE1 C GLU A 1 84  ? 13.940  0.932   11.798  0.14 30.21 ? 1062 GLU A OE1 1 
ATOM   797  O OE2 A GLU A 1 84  ? 12.068  1.283   10.734  0.14 29.27 ? 1062 GLU A OE2 1 
ATOM   798  O OE2 B GLU A 1 84  ? 9.515   3.639   11.568  0.23 23.79 ? 1062 GLU A OE2 1 
ATOM   799  O OE2 C GLU A 1 84  ? 12.068  1.283   10.734  0.14 29.27 ? 1062 GLU A OE2 1 
ATOM   800  N N   . TYR A 1 85  ? 14.961  4.477   7.437   1.00 17.15 ? 1063 TYR A N   1 
ATOM   801  C CA  . TYR A 1 85  ? 16.229  4.089   6.822   1.00 16.99 ? 1063 TYR A CA  1 
ATOM   802  C C   . TYR A 1 85  ? 16.999  5.360   6.379   1.00 18.27 ? 1063 TYR A C   1 
ATOM   803  O O   . TYR A 1 85  ? 18.237  5.246   6.263   1.00 19.66 ? 1063 TYR A O   1 
ATOM   804  C CB  . TYR A 1 85  ? 16.129  3.110   5.671   1.00 18.16 ? 1063 TYR A CB  1 
ATOM   805  C CG  . TYR A 1 85  ? 17.452  2.514   5.304   1.00 19.58 ? 1063 TYR A CG  1 
ATOM   806  C CD1 . TYR A 1 85  ? 17.971  1.493   6.096   1.00 21.33 ? 1063 TYR A CD1 1 
ATOM   807  C CD2 . TYR A 1 85  ? 18.152  2.875   4.173   1.00 21.46 ? 1063 TYR A CD2 1 
ATOM   808  C CE1 . TYR A 1 85  ? 19.211  0.940   5.809   1.00 22.62 ? 1063 TYR A CE1 1 
ATOM   809  C CE2 . TYR A 1 85  ? 19.406  2.349   3.893   1.00 25.89 ? 1063 TYR A CE2 1 
ATOM   810  C CZ  . TYR A 1 85  ? 19.916  1.358   4.702   1.00 27.82 ? 1063 TYR A CZ  1 
ATOM   811  O OH  . TYR A 1 85  ? 21.145  0.819   4.403   1.00 33.67 ? 1063 TYR A OH  1 
ATOM   812  N N   . ASN A 1 86  ? 16.278  6.415   6.039   1.00 16.69 ? 1064 ASN A N   1 
ATOM   813  C CA  . ASN A 1 86  ? 16.962  7.620   5.408   1.00 17.56 ? 1064 ASN A CA  1 
ATOM   814  C C   . ASN A 1 86  ? 16.698  8.851   6.262   1.00 15.01 ? 1064 ASN A C   1 
ATOM   815  O O   . ASN A 1 86  ? 15.935  9.770   5.841   1.00 17.01 ? 1064 ASN A O   1 
ATOM   816  C CB  . ASN A 1 86  ? 16.525  7.776   3.927   1.00 16.70 ? 1064 ASN A CB  1 
ATOM   817  C CG  . ASN A 1 86  ? 16.677  6.535   3.111   1.00 17.74 ? 1064 ASN A CG  1 
ATOM   818  O OD1 . ASN A 1 86  ? 17.735  6.166   2.612   1.00 20.77 ? 1064 ASN A OD1 1 
ATOM   819  N ND2 . ASN A 1 86  ? 15.545  5.774   2.945   1.00 17.78 ? 1064 ASN A ND2 1 
ATOM   820  N N   . PRO A 1 87  ? 17.157  8.998   7.553   1.00 17.08 ? 1065 PRO A N   1 
ATOM   821  C CA  . PRO A 1 87  ? 16.721  10.053  8.474   1.00 17.94 ? 1065 PRO A CA  1 
ATOM   822  C C   . PRO A 1 87  ? 17.603  11.332  8.543   1.00 16.68 ? 1065 PRO A C   1 
ATOM   823  O O   . PRO A 1 87  ? 17.228  12.194  9.348   1.00 20.18 ? 1065 PRO A O   1 
ATOM   824  C CB  . PRO A 1 87  ? 16.816  9.368   9.858   1.00 18.93 ? 1065 PRO A CB  1 
ATOM   825  C CG  . PRO A 1 87  ? 17.956  8.439   9.648   1.00 18.21 ? 1065 PRO A CG  1 
ATOM   826  C CD  . PRO A 1 87  ? 18.016  7.986   8.212   1.00 19.86 ? 1065 PRO A CD  1 
ATOM   827  N N   . ASP A 1 88  ? 18.616  11.365  7.728   1.00 18.58 ? 1066 ASP A N   1 
ATOM   828  C CA  . ASP A 1 88  ? 19.708  12.395  7.894   1.00 18.40 ? 1066 ASP A CA  1 
ATOM   829  C C   . ASP A 1 88  ? 19.353  13.715  7.189   1.00 21.78 ? 1066 ASP A C   1 
ATOM   830  O O   . ASP A 1 88  ? 18.395  13.806  6.379   1.00 18.69 ? 1066 ASP A O   1 
ATOM   831  C CB  . ASP A 1 88  ? 20.994  11.807  7.348   1.00 19.23 ? 1066 ASP A CB  1 
ATOM   832  C CG  . ASP A 1 88  ? 21.619  10.621  8.127   1.00 24.33 ? 1066 ASP A CG  1 
ATOM   833  O OD1 . ASP A 1 88  ? 21.146  10.318  9.223   1.00 26.33 ? 1066 ASP A OD1 1 
ATOM   834  O OD2 . ASP A 1 88  ? 22.593  10.052  7.581   1.00 30.56 ? 1066 ASP A OD2 1 
ATOM   835  N N   . ARG A 1 89  ? 20.173  14.768  7.430   1.00 19.37 ? 1067 ARG A N   1 
ATOM   836  C CA  . ARG A 1 89  ? 19.921  16.108  6.838   1.00 18.42 ? 1067 ARG A CA  1 
ATOM   837  C C   . ARG A 1 89  ? 20.378  16.195  5.380   1.00 17.40 ? 1067 ARG A C   1 
ATOM   838  O O   . ARG A 1 89  ? 19.981  17.227  4.766   1.00 19.88 ? 1067 ARG A O   1 
ATOM   839  C CB  . ARG A 1 89  ? 20.489  17.251  7.716   1.00 20.86 ? 1067 ARG A CB  1 
ATOM   840  C CG  . ARG A 1 89  ? 22.011  17.452  7.736   1.00 25.34 ? 1067 ARG A CG  1 
ATOM   841  C CD  . ARG A 1 89  ? 22.600  18.488  6.725   1.00 21.75 ? 1067 ARG A CD  1 
ATOM   842  N NE  . ARG A 1 89  ? 21.770  19.637  6.485   1.00 23.52 ? 1067 ARG A NE  1 
ATOM   843  C CZ  . ARG A 1 89  ? 21.682  20.337  5.307   1.00 20.70 ? 1067 ARG A CZ  1 
ATOM   844  N NH1 . ARG A 1 89  ? 20.924  21.476  5.217   1.00 19.61 ? 1067 ARG A NH1 1 
ATOM   845  N NH2 . ARG A 1 89  ? 22.438  19.892  4.331   1.00 18.28 ? 1067 ARG A NH2 1 
ATOM   846  N N   . ASP A 1 90  ? 21.141  15.282  4.884   1.00 17.80 ? 1068 ASP A N   1 
ATOM   847  C CA  . ASP A 1 90  ? 21.668  15.453  3.529   1.00 21.53 ? 1068 ASP A CA  1 
ATOM   848  C C   . ASP A 1 90  ? 20.570  15.370  2.475   1.00 20.88 ? 1068 ASP A C   1 
ATOM   849  O O   . ASP A 1 90  ? 19.487  14.834  2.720   1.00 18.92 ? 1068 ASP A O   1 
ATOM   850  C CB  . ASP A 1 90  ? 22.723  14.494  3.149   1.00 25.38 ? 1068 ASP A CB  1 
ATOM   851  C CG  . ASP A 1 90  ? 22.238  13.108  3.132   1.00 28.28 ? 1068 ASP A CG  1 
ATOM   852  O OD1 . ASP A 1 90  ? 22.237  12.549  4.232   1.00 45.85 ? 1068 ASP A OD1 1 
ATOM   853  O OD2 . ASP A 1 90  ? 21.865  12.633  2.000   1.00 38.76 ? 1068 ASP A OD2 1 
ATOM   854  N N   . PRO A 1 91  ? 20.781  16.050  1.356   1.00 17.75 ? 1069 PRO A N   1 
ATOM   855  C CA  . PRO A 1 91  ? 19.755  16.193  0.339   1.00 17.93 ? 1069 PRO A CA  1 
ATOM   856  C C   . PRO A 1 91  ? 19.209  14.842  -0.167  1.00 17.11 ? 1069 PRO A C   1 
ATOM   857  O O   . PRO A 1 91  ? 18.035  14.836  -0.579  1.00 16.53 ? 1069 PRO A O   1 
ATOM   858  C CB  . PRO A 1 91  ? 20.367  17.050  -0.773  1.00 20.67 ? 1069 PRO A CB  1 
ATOM   859  C CG  . PRO A 1 91  ? 21.603  17.646  -0.188  1.00 24.44 ? 1069 PRO A CG  1 
ATOM   860  C CD  . PRO A 1 91  ? 21.987  16.889  1.047   1.00 18.94 ? 1069 PRO A CD  1 
ATOM   861  N N   . GLY A 1 92  ? 20.024  13.803  -0.310  1.00 16.95 ? 1070 GLY A N   1 
ATOM   862  C CA  . GLY A 1 92  ? 19.533  12.523  -0.878  1.00 16.40 ? 1070 GLY A CA  1 
ATOM   863  C C   . GLY A 1 92  ? 18.524  11.956  0.119   1.00 17.27 ? 1070 GLY A C   1 
ATOM   864  O O   . GLY A 1 92  ? 17.398  11.515  -0.324  1.00 16.75 ? 1070 GLY A O   1 
ATOM   865  N N   . ASP A 1 93  ? 18.793  12.006  1.421   1.00 17.05 ? 1071 ASP A N   1 
ATOM   866  C CA  . ASP A 1 93  ? 17.811  11.494  2.429   1.00 16.66 ? 1071 ASP A CA  1 
ATOM   867  C C   . ASP A 1 93  ? 16.593  12.387  2.462   1.00 15.55 ? 1071 ASP A C   1 
ATOM   868  O O   . ASP A 1 93  ? 15.376  11.897  2.488   1.00 16.32 ? 1071 ASP A O   1 
ATOM   869  C CB  . ASP A 1 93  ? 18.367  11.377  3.852   1.00 17.00 ? 1071 ASP A CB  1 
ATOM   870  C CG  . ASP A 1 93  ? 19.343  10.225  4.059   1.00 18.61 ? 1071 ASP A CG  1 
ATOM   871  O OD1 . ASP A 1 93  ? 19.839  9.638   3.065   1.00 21.88 ? 1071 ASP A OD1 1 
ATOM   872  O OD2 . ASP A 1 93  ? 19.478  9.822   5.271   1.00 19.68 ? 1071 ASP A OD2 1 
ATOM   873  N N   . ARG A 1 94  ? 16.693  13.718  2.369   1.00 14.39 ? 1072 ARG A N   1 
ATOM   874  C CA  . ARG A 1 94  ? 15.542  14.619  2.435   1.00 15.28 ? 1072 ARG A CA  1 
ATOM   875  C C   . ARG A 1 94  ? 14.625  14.379  1.193   1.00 15.03 ? 1072 ARG A C   1 
ATOM   876  O O   . ARG A 1 94  ? 13.409  14.534  1.360   1.00 16.13 ? 1072 ARG A O   1 
ATOM   877  C CB  . ARG A 1 94  ? 15.971  16.089  2.581   1.00 16.47 ? 1072 ARG A CB  1 
ATOM   878  C CG  . ARG A 1 94  ? 16.436  16.344  4.012   1.00 19.17 ? 1072 ARG A CG  1 
ATOM   879  C CD  . ARG A 1 94  ? 16.878  17.806  4.276   1.00 25.93 ? 1072 ARG A CD  1 
ATOM   880  N NE  . ARG A 1 94  ? 17.079  18.124  5.719   1.00 31.26 ? 1072 ARG A NE  1 
ATOM   881  C CZ  . ARG A 1 94  ? 17.734  19.220  6.185   1.00 42.47 ? 1072 ARG A CZ  1 
ATOM   882  N NH1 . ARG A 1 94  ? 18.352  20.027  5.336   1.00 49.50 ? 1072 ARG A NH1 1 
ATOM   883  N NH2 . ARG A 1 94  ? 17.772  19.498  7.486   1.00 40.68 ? 1072 ARG A NH2 1 
ATOM   884  N N   . LEU A 1 95  ? 15.209  14.154  0.042   1.00 13.71 ? 1073 LEU A N   1 
ATOM   885  C CA  . LEU A 1 95  ? 14.431  13.950  -1.206  1.00 13.42 ? 1073 LEU A CA  1 
ATOM   886  C C   . LEU A 1 95  ? 13.597  12.644  -1.074  1.00 15.53 ? 1073 LEU A C   1 
ATOM   887  O O   . LEU A 1 95  ? 12.383  12.663  -1.381  1.00 15.05 ? 1073 LEU A O   1 
ATOM   888  C CB  . LEU A 1 95  ? 15.284  13.908  -2.427  1.00 14.58 ? 1073 LEU A CB  1 
ATOM   889  C CG  . LEU A 1 95  ? 14.593  13.616  -3.757  1.00 14.04 ? 1073 LEU A CG  1 
ATOM   890  C CD1 . LEU A 1 95  ? 13.566  14.669  -4.119  1.00 15.65 ? 1073 LEU A CD1 1 
ATOM   891  C CD2 . LEU A 1 95  ? 15.610  13.485  -4.862  1.00 17.07 ? 1073 LEU A CD2 1 
ATOM   892  N N   . ILE A 1 96  ? 14.210  11.565  -0.586  0.57 15.51 ? 1074 ILE A N   1 
ATOM   893  C CA  . ILE A 1 96  ? 13.474  10.283  -0.332  0.57 15.21 ? 1074 ILE A CA  1 
ATOM   894  C C   . ILE A 1 96  ? 12.308  10.538  0.634   0.57 15.46 ? 1074 ILE A C   1 
ATOM   895  O O   . ILE A 1 96  ? 11.168  10.058  0.372   0.57 15.55 ? 1074 ILE A O   1 
ATOM   896  C CB  . ILE A 1 96  ? 14.421  9.189   0.195   0.57 15.48 ? 1074 ILE A CB  1 
ATOM   897  C CG1 . ILE A 1 96  ? 15.395  8.728   -0.890  0.57 16.40 ? 1074 ILE A CG1 1 
ATOM   898  C CG2 . ILE A 1 96  ? 13.605  8.027   0.772   0.57 15.22 ? 1074 ILE A CG2 1 
ATOM   899  C CD1 . ILE A 1 96  ? 16.542  7.867   -0.391  0.57 18.11 ? 1074 ILE A CD1 1 
ATOM   900  N N   . ARG A 1 97  ? 12.571  11.188  1.768   1.00 14.78 ? 1075 ARG A N   1 
ATOM   901  C CA  . ARG A 1 97  ? 11.531  11.442  2.792   1.00 14.16 ? 1075 ARG A CA  1 
ATOM   902  C C   . ARG A 1 97  ? 10.385  12.239  2.159   1.00 15.78 ? 1075 ARG A C   1 
ATOM   903  O O   . ARG A 1 97  ? 9.186   12.003  2.435   1.00 15.54 ? 1075 ARG A O   1 
ATOM   904  C CB  . ARG A 1 97  ? 12.075  12.074  4.065   1.00 16.50 ? 1075 ARG A CB  1 
ATOM   905  C CG  . ARG A 1 97  ? 13.043  11.164  4.802   1.00 17.09 ? 1075 ARG A CG  1 
ATOM   906  C CD  . ARG A 1 97  ? 13.196  11.551  6.250   1.00 18.88 ? 1075 ARG A CD  1 
ATOM   907  N NE  . ARG A 1 97  ? 13.530  12.953  6.519   1.00 21.84 ? 1075 ARG A NE  1 
ATOM   908  C CZ  . ARG A 1 97  ? 14.807  13.410  6.507   1.00 19.10 ? 1075 ARG A CZ  1 
ATOM   909  N NH1 . ARG A 1 97  ? 15.791  12.624  6.148   1.00 18.83 ? 1075 ARG A NH1 1 
ATOM   910  N NH2 . ARG A 1 97  ? 15.057  14.692  6.783   1.00 25.22 ? 1075 ARG A NH2 1 
ATOM   911  N N   . HIS A 1 98  ? 10.678  13.325  1.391   1.00 13.17 ? 1076 HIS A N   1 
ATOM   912  C CA  . HIS A 1 98  ? 9.620   14.142  0.766   1.00 14.82 ? 1076 HIS A CA  1 
ATOM   913  C C   . HIS A 1 98  ? 8.790   13.245  -0.190  1.00 14.58 ? 1076 HIS A C   1 
ATOM   914  O O   . HIS A 1 98  ? 7.538   13.406  -0.134  1.00 15.14 ? 1076 HIS A O   1 
ATOM   915  C CB  . HIS A 1 98  ? 10.260  15.354  0.054   1.00 14.96 ? 1076 HIS A CB  1 
ATOM   916  C CG  . HIS A 1 98  ? 9.249   16.388  -0.373  1.00 17.49 ? 1076 HIS A CG  1 
ATOM   917  N ND1 . HIS A 1 98  ? 8.648   16.379  -1.626  1.00 18.71 ? 1076 HIS A ND1 1 
ATOM   918  C CD2 . HIS A 1 98  ? 8.688   17.421  0.323   1.00 19.48 ? 1076 HIS A CD2 1 
ATOM   919  C CE1 . HIS A 1 98  ? 7.790   17.427  -1.663  1.00 19.53 ? 1076 HIS A CE1 1 
ATOM   920  N NE2 . HIS A 1 98  ? 7.776   18.093  -0.481  1.00 18.89 ? 1076 HIS A NE2 1 
ATOM   921  N N   . ARG A 1 99  ? 9.433   12.429  -0.986  1.00 14.23 ? 1077 ARG A N   1 
ATOM   922  C CA  . ARG A 1 99  ? 8.719   11.518  -1.921  1.00 13.42 ? 1077 ARG A CA  1 
ATOM   923  C C   . ARG A 1 99  ? 7.894   10.519  -1.100  1.00 15.00 ? 1077 ARG A C   1 
ATOM   924  O O   . ARG A 1 99  ? 6.756   10.227  -1.566  1.00 13.94 ? 1077 ARG A O   1 
ATOM   925  C CB  . ARG A 1 99  ? 9.675   10.854  -2.871  1.00 14.97 ? 1077 ARG A CB  1 
ATOM   926  C CG  . ARG A 1 99  ? 10.322  11.825  -3.884  1.00 14.72 ? 1077 ARG A CG  1 
ATOM   927  C CD  . ARG A 1 99  ? 11.416  11.196  -4.653  1.00 15.30 ? 1077 ARG A CD  1 
ATOM   928  N NE  . ARG A 1 99  ? 11.812  11.966  -5.837  1.00 15.63 ? 1077 ARG A NE  1 
ATOM   929  C CZ  . ARG A 1 99  ? 12.771  11.614  -6.638  1.00 17.32 ? 1077 ARG A CZ  1 
ATOM   930  N NH1 . ARG A 1 99  ? 13.592  10.647  -6.358  1.00 19.40 ? 1077 ARG A NH1 1 
ATOM   931  N NH2 . ARG A 1 99  ? 13.013  12.376  -7.715  1.00 21.64 ? 1077 ARG A NH2 1 
ATOM   932  N N   . ALA A 1 100 ? 8.398   9.959   -0.023  1.00 14.09 ? 1078 ALA A N   1 
ATOM   933  C CA  . ALA A 1 100 ? 7.604   8.970   0.799   1.00 14.87 ? 1078 ALA A CA  1 
ATOM   934  C C   . ALA A 1 100 ? 6.389   9.638   1.349   1.00 15.56 ? 1078 ALA A C   1 
ATOM   935  O O   . ALA A 1 100 ? 5.277   8.990   1.337   1.00 16.27 ? 1078 ALA A O   1 
ATOM   936  C CB  . ALA A 1 100 ? 8.521   8.439   1.890   1.00 15.97 ? 1078 ALA A CB  1 
ATOM   937  N N   . CYS A 1 101 ? 6.457   10.847  1.900   1.00 14.66 ? 1079 CYS A N   1 
ATOM   938  C CA  . CYS A 1 101 ? 5.306   11.580  2.431   1.00 14.81 ? 1079 CYS A CA  1 
ATOM   939  C C   . CYS A 1 101 ? 4.329   11.869  1.299   1.00 14.83 ? 1079 CYS A C   1 
ATOM   940  O O   . CYS A 1 101 ? 3.076   11.787  1.504   1.00 17.07 ? 1079 CYS A O   1 
ATOM   941  C CB  . CYS A 1 101 ? 5.765   12.827  3.136   1.00 18.23 ? 1079 CYS A CB  1 
ATOM   942  S SG  . CYS A 1 101 ? 6.568   12.429  4.737   1.00 23.07 ? 1079 CYS A SG  1 
ATOM   943  N N   . ALA A 1 102 ? 4.806   12.217  0.106   1.00 15.39 ? 1080 ALA A N   1 
ATOM   944  C CA  . ALA A 1 102 ? 3.930   12.498  -1.059  1.00 15.73 ? 1080 ALA A CA  1 
ATOM   945  C C   . ALA A 1 102 ? 3.209   11.216  -1.521  1.00 14.85 ? 1080 ALA A C   1 
ATOM   946  O O   . ALA A 1 102 ? 2.009   11.294  -1.867  1.00 16.14 ? 1080 ALA A O   1 
ATOM   947  C CB  . ALA A 1 102 ? 4.692   13.141  -2.181  1.00 15.75 ? 1080 ALA A CB  1 
ATOM   948  N N   . LEU A 1 103 ? 3.873   10.083  -1.478  1.00 14.12 ? 1081 LEU A N   1 
ATOM   949  C CA  . LEU A 1 103 ? 3.220   8.770   -1.848  1.00 14.18 ? 1081 LEU A CA  1 
ATOM   950  C C   . LEU A 1 103 ? 2.096   8.530   -0.855  1.00 15.35 ? 1081 LEU A C   1 
ATOM   951  O O   . LEU A 1 103 ? 0.908   8.205   -1.325  1.00 14.24 ? 1081 LEU A O   1 
ATOM   952  C CB  . LEU A 1 103 ? 4.247   7.642   -1.768  1.00 14.13 ? 1081 LEU A CB  1 
ATOM   953  C CG  . LEU A 1 103 ? 3.656   6.231   -1.966  1.00 16.66 ? 1081 LEU A CG  1 
ATOM   954  C CD1 . LEU A 1 103 ? 3.367   6.041   -3.395  1.00 19.82 ? 1081 LEU A CD1 1 
ATOM   955  C CD2 . LEU A 1 103 ? 4.597   5.152   -1.432  1.00 21.30 ? 1081 LEU A CD2 1 
ATOM   956  N N   . ARG A 1 104 ? 2.332   8.609   0.436   1.00 14.63 ? 1082 ARG A N   1 
ATOM   957  C CA  . ARG A 1 104 ? 1.279   8.386   1.452   1.00 13.89 ? 1082 ARG A CA  1 
ATOM   958  C C   . ARG A 1 104 ? 0.141   9.377   1.301   1.00 15.09 ? 1082 ARG A C   1 
ATOM   959  O O   . ARG A 1 104 ? -1.081  8.980   1.212   1.00 15.81 ? 1082 ARG A O   1 
ATOM   960  C CB  . ARG A 1 104 ? 1.942   8.422   2.842   1.00 16.77 ? 1082 ARG A CB  1 
ATOM   961  C CG  . ARG A 1 104 ? 0.958   8.294   4.005   1.00 20.34 ? 1082 ARG A CG  1 
ATOM   962  C CD  . ARG A 1 104 ? 1.610   8.863   5.294   1.00 30.05 ? 1082 ARG A CD  1 
ATOM   963  N NE  . ARG A 1 104 ? 1.761   10.366  5.051   1.00 39.09 ? 1082 ARG A NE  1 
ATOM   964  C CZ  . ARG A 1 104 ? 2.632   11.209  5.660   1.00 38.96 ? 1082 ARG A CZ  1 
ATOM   965  N NH1 . ARG A 1 104 ? 2.670   12.486  5.334   1.00 41.55 ? 1082 ARG A NH1 1 
ATOM   966  N NH2 . ARG A 1 104 ? 3.434   10.776  6.632   1.00 45.06 ? 1082 ARG A NH2 1 
ATOM   967  N N   . ASP A 1 105 ? 0.440   10.691  1.184   1.00 15.43 ? 1083 ASP A N   1 
ATOM   968  C CA  . ASP A 1 105 ? -0.613  11.724  1.064   1.00 15.90 ? 1083 ASP A CA  1 
ATOM   969  C C   . ASP A 1 105 ? -1.421  11.519  -0.225  1.00 15.53 ? 1083 ASP A C   1 
ATOM   970  O O   . ASP A 1 105 ? -2.708  11.724  -0.176  1.00 16.29 ? 1083 ASP A O   1 
ATOM   971  C CB  . ASP A 1 105 ? -0.004  13.115  1.120   1.00 18.80 ? 1083 ASP A CB  1 
ATOM   972  C CG  . ASP A 1 105 ? 0.569   13.477  2.483   1.00 22.80 ? 1083 ASP A CG  1 
ATOM   973  O OD1 . ASP A 1 105 ? 0.388   12.789  3.476   1.00 24.23 ? 1083 ASP A OD1 1 
ATOM   974  O OD2 . ASP A 1 105 ? 1.311   14.506  2.469   1.00 28.84 ? 1083 ASP A OD2 1 
ATOM   975  N N   . THR A 1 106 ? -0.794  11.120  -1.319  1.00 14.11 ? 1084 THR A N   1 
ATOM   976  C CA  . THR A 1 106 ? -1.476  10.917  -2.602  1.00 14.11 ? 1084 THR A CA  1 
ATOM   977  C C   . THR A 1 106 ? -2.449  9.704   -2.464  1.00 14.60 ? 1084 THR A C   1 
ATOM   978  O O   . THR A 1 106 ? -3.618  9.789   -2.920  1.00 14.70 ? 1084 THR A O   1 
ATOM   979  C CB  . THR A 1 106 ? -0.506  10.761  -3.771  1.00 14.46 ? 1084 THR A CB  1 
ATOM   980  O OG1 . THR A 1 106 ? 0.293   11.973  -3.887  1.00 16.61 ? 1084 THR A OG1 1 
ATOM   981  C CG2 . THR A 1 106 ? -1.226  10.575  -5.082  1.00 16.21 ? 1084 THR A CG2 1 
ATOM   982  N N   . ALA A 1 107 ? -1.986  8.589   -1.902  1.00 13.77 ? 1085 ALA A N   1 
ATOM   983  C CA  . ALA A 1 107 ? -2.867  7.397   -1.723  1.00 12.52 ? 1085 ALA A CA  1 
ATOM   984  C C   . ALA A 1 107 ? -4.066  7.804   -0.887  1.00 14.55 ? 1085 ALA A C   1 
ATOM   985  O O   . ALA A 1 107 ? -5.240  7.431   -1.241  1.00 14.25 ? 1085 ALA A O   1 
ATOM   986  C CB  . ALA A 1 107 ? -2.087  6.276   -1.068  1.00 12.39 ? 1085 ALA A CB  1 
ATOM   987  N N   . TYR A 1 108 ? -3.859  8.458   0.253   1.00 13.92 ? 1086 TYR A N   1 
ATOM   988  C CA  . TYR A 1 108 ? -5.007  8.825   1.127   1.00 14.63 ? 1086 TYR A CA  1 
ATOM   989  C C   . TYR A 1 108 ? -5.934  9.797   0.381   1.00 15.15 ? 1086 TYR A C   1 
ATOM   990  O O   . TYR A 1 108 ? -7.179  9.694   0.601   1.00 16.39 ? 1086 TYR A O   1 
ATOM   991  C CB  . TYR A 1 108 ? -4.528  9.419   2.471   1.00 16.34 ? 1086 TYR A CB  1 
ATOM   992  C CG  . TYR A 1 108 ? -4.165  8.387   3.513   1.00 15.71 ? 1086 TYR A CG  1 
ATOM   993  C CD1 . TYR A 1 108 ? -2.969  7.715   3.519   1.00 16.79 ? 1086 TYR A CD1 1 
ATOM   994  C CD2 . TYR A 1 108 ? -5.065  7.987   4.525   1.00 17.96 ? 1086 TYR A CD2 1 
ATOM   995  C CE1 . TYR A 1 108 ? -2.598  6.833   4.521   1.00 17.86 ? 1086 TYR A CE1 1 
ATOM   996  C CE2 . TYR A 1 108 ? -4.738  7.087   5.515   1.00 20.48 ? 1086 TYR A CE2 1 
ATOM   997  C CZ  . TYR A 1 108 ? -3.500  6.460   5.507   1.00 20.18 ? 1086 TYR A CZ  1 
ATOM   998  O OH  . TYR A 1 108 ? -3.169  5.534   6.486   1.00 21.86 ? 1086 TYR A OH  1 
ATOM   999  N N   . ALA A 1 109 ? -5.432  10.741  -0.431  1.00 14.24 ? 1087 ALA A N   1 
ATOM   1000 C CA  . ALA A 1 109 ? -6.290  11.702  -1.162  1.00 15.21 ? 1087 ALA A CA  1 
ATOM   1001 C C   . ALA A 1 109 ? -7.150  10.985  -2.218  1.00 16.38 ? 1087 ALA A C   1 
ATOM   1002 O O   . ALA A 1 109 ? -8.378  11.314  -2.383  1.00 16.63 ? 1087 ALA A O   1 
ATOM   1003 C CB  . ALA A 1 109 ? -5.472  12.822  -1.726  1.00 16.96 ? 1087 ALA A CB  1 
ATOM   1004 N N   . ILE A 1 110 ? -6.590  10.046  -2.954  1.00 14.78 ? 1088 ILE A N   1 
ATOM   1005 C CA  . ILE A 1 110 ? -7.360  9.282   -3.972  1.00 13.40 ? 1088 ILE A CA  1 
ATOM   1006 C C   . ILE A 1 110 ? -8.457  8.536   -3.225  1.00 13.92 ? 1088 ILE A C   1 
ATOM   1007 O O   . ILE A 1 110 ? -9.624  8.533   -3.719  1.00 15.07 ? 1088 ILE A O   1 
ATOM   1008 C CB  . ILE A 1 110 ? -6.438  8.335   -4.769  1.00 13.41 ? 1088 ILE A CB  1 
ATOM   1009 C CG1 . ILE A 1 110 ? -5.484  9.085   -5.654  1.00 15.11 ? 1088 ILE A CG1 1 
ATOM   1010 C CG2 . ILE A 1 110 ? -7.306  7.336   -5.564  1.00 14.44 ? 1088 ILE A CG2 1 
ATOM   1011 C CD1 . ILE A 1 110 ? -4.399  8.284   -6.350  1.00 16.98 ? 1088 ILE A CD1 1 
ATOM   1012 N N   . ILE A 1 111 ? -8.152  7.841   -2.153  1.00 13.84 ? 1089 ILE A N   1 
ATOM   1013 C CA  . ILE A 1 111 ? -9.151  7.065   -1.378  1.00 15.02 ? 1089 ILE A CA  1 
ATOM   1014 C C   . ILE A 1 111 ? -10.216 8.016   -0.837  1.00 17.37 ? 1089 ILE A C   1 
ATOM   1015 O O   . ILE A 1 111 ? -11.447 7.676   -0.913  1.00 17.33 ? 1089 ILE A O   1 
ATOM   1016 C CB  . ILE A 1 111 ? -8.444  6.151   -0.353  1.00 16.68 ? 1089 ILE A CB  1 
ATOM   1017 C CG1 . ILE A 1 111 ? -7.800  4.979   -1.148  1.00 19.54 ? 1089 ILE A CG1 1 
ATOM   1018 C CG2 . ILE A 1 111 ? -9.398  5.764   0.786   1.00 22.11 ? 1089 ILE A CG2 1 
ATOM   1019 C CD1 . ILE A 1 111 ? -6.679  4.279   -0.406  1.00 27.47 ? 1089 ILE A CD1 1 
ATOM   1020 N N   . LYS A 1 112 ? -9.855  9.172   -0.298  1.00 17.00 ? 1090 LYS A N   1 
ATOM   1021 C CA  . LYS A 1 112 ? -10.896 10.119  0.224   1.00 19.64 ? 1090 LYS A CA  1 
ATOM   1022 C C   . LYS A 1 112 ? -11.834 10.513  -0.908  1.00 18.19 ? 1090 LYS A C   1 
ATOM   1023 O O   . LYS A 1 112 ? -13.094 10.567  -0.604  1.00 23.28 ? 1090 LYS A O   1 
ATOM   1024 C CB  . LYS A 1 112 ? -10.206 11.336  0.872   1.00 22.85 ? 1090 LYS A CB  1 
ATOM   1025 C CG  . LYS A 1 112 ? -11.208 12.265  1.587   1.00 29.95 ? 1090 LYS A CG  1 
ATOM   1026 C CD  . LYS A 1 112 ? -10.604 13.453  2.272   1.00 40.80 ? 1090 LYS A CD  1 
ATOM   1027 C CE  . LYS A 1 112 ? -11.637 14.103  3.184   1.00 48.52 ? 1090 LYS A CE  1 
ATOM   1028 N NZ  . LYS A 1 112 ? -11.113 15.381  3.704   1.00 58.45 ? 1090 LYS A NZ  1 
ATOM   1029 N N   . GLU A 1 113 ? -11.405 10.759  -2.109  1.00 17.32 ? 1091 GLU A N   1 
ATOM   1030 C CA  . GLU A 1 113 ? -12.243 11.294  -3.220  1.00 18.85 ? 1091 GLU A CA  1 
ATOM   1031 C C   . GLU A 1 113 ? -13.021 10.121  -3.862  1.00 19.76 ? 1091 GLU A C   1 
ATOM   1032 O O   . GLU A 1 113 ? -14.057 10.446  -4.564  1.00 23.74 ? 1091 GLU A O   1 
ATOM   1033 C CB  . GLU A 1 113 ? -11.474 11.985  -4.322  1.00 25.18 ? 1091 GLU A CB  1 
ATOM   1034 C CG  . GLU A 1 113 ? -10.867 13.341  -3.959  1.00 35.95 ? 1091 GLU A CG  1 
ATOM   1035 C CD  . GLU A 1 113 ? -10.564 14.189  -5.204  1.00 54.00 ? 1091 GLU A CD  1 
ATOM   1036 O OE1 . GLU A 1 113 ? -9.847  13.670  -6.141  1.00 44.66 ? 1091 GLU A OE1 1 
ATOM   1037 O OE2 . GLU A 1 113 ? -11.085 15.361  -5.281  1.00 71.83 ? 1091 GLU A OE2 1 
ATOM   1038 N N   . GLU A 1 114 ? -12.512 8.860   -3.853  1.00 14.51 ? 1092 GLU A N   1 
ATOM   1039 C CA  . GLU A 1 114 ? -13.049 7.820   -4.794  1.00 15.19 ? 1092 GLU A CA  1 
ATOM   1040 C C   . GLU A 1 114 ? -13.572 6.576   -4.067  1.00 16.18 ? 1092 GLU A C   1 
ATOM   1041 O O   . GLU A 1 114 ? -14.261 5.773   -4.732  1.00 18.68 ? 1092 GLU A O   1 
ATOM   1042 C CB  . GLU A 1 114 ? -11.960 7.392   -5.791  1.00 14.08 ? 1092 GLU A CB  1 
ATOM   1043 C CG  . GLU A 1 114 ? -11.438 8.573   -6.644  1.00 14.98 ? 1092 GLU A CG  1 
ATOM   1044 C CD  . GLU A 1 114 ? -10.363 8.222   -7.653  1.00 15.82 ? 1092 GLU A CD  1 
ATOM   1045 O OE1 . GLU A 1 114 ? -10.268 7.072   -8.125  1.00 16.62 ? 1092 GLU A OE1 1 
ATOM   1046 O OE2 . GLU A 1 114 ? -9.572  9.179   -8.032  1.00 16.62 ? 1092 GLU A OE2 1 
ATOM   1047 N N   . LEU A 1 115 ? -13.279 6.340   -2.823  1.00 14.59 ? 1093 LEU A N   1 
ATOM   1048 C CA  . LEU A 1 115 ? -13.822 5.197   -2.035  1.00 15.04 ? 1093 LEU A CA  1 
ATOM   1049 C C   . LEU A 1 115 ? -15.141 5.622   -1.387  1.00 17.84 ? 1093 LEU A C   1 
ATOM   1050 O O   . LEU A 1 115 ? -15.161 6.558   -0.581  1.00 19.07 ? 1093 LEU A O   1 
ATOM   1051 C CB  . LEU A 1 115 ? -12.845 4.781   -0.950  1.00 17.73 ? 1093 LEU A CB  1 
ATOM   1052 C CG  . LEU A 1 115 ? -13.316 3.770   0.105   1.00 20.63 ? 1093 LEU A CG  1 
ATOM   1053 C CD1 . LEU A 1 115 ? -13.611 2.450   -0.558  1.00 19.06 ? 1093 LEU A CD1 1 
ATOM   1054 C CD2 . LEU A 1 115 ? -12.306 3.627   1.256   1.00 21.25 ? 1093 LEU A CD2 1 
ATOM   1055 N N   . ASP A 1 116 ? -16.232 4.889   -1.634  1.00 15.27 ? 1094 ASP A N   1 
ATOM   1056 C CA  . ASP A 1 116 ? -17.472 5.137   -0.869  1.00 17.66 ? 1094 ASP A CA  1 
ATOM   1057 C C   . ASP A 1 116 ? -17.320 4.572   0.541   1.00 16.95 ? 1094 ASP A C   1 
ATOM   1058 O O   . ASP A 1 116 ? -16.975 3.396   0.697   1.00 15.74 ? 1094 ASP A O   1 
ATOM   1059 C CB  . ASP A 1 116 ? -18.584 4.495   -1.670  1.00 18.31 ? 1094 ASP A CB  1 
ATOM   1060 C CG  . ASP A 1 116 ? -19.975 4.855   -1.132  1.00 24.08 ? 1094 ASP A CG  1 
ATOM   1061 O OD1 . ASP A 1 116 ? -20.230 4.633   0.058   1.00 26.35 ? 1094 ASP A OD1 1 
ATOM   1062 O OD2 . ASP A 1 116 ? -20.820 5.313   -1.945  1.00 24.04 ? 1094 ASP A OD2 1 
ATOM   1063 N N   A GLU A 1 117 ? -17.612 5.378   1.562   0.15 17.63 ? 1095 GLU A N   1 
ATOM   1064 N N   B GLU A 1 117 ? -17.625 5.381   1.562   0.19 16.48 ? 1095 GLU A N   1 
ATOM   1065 N N   C GLU A 1 117 ? -17.612 5.378   1.562   0.15 17.63 ? 1095 GLU A N   1 
ATOM   1066 C CA  A GLU A 1 117 ? -17.494 4.979   2.989   0.15 19.66 ? 1095 GLU A CA  1 
ATOM   1067 C CA  B GLU A 1 117 ? -17.505 5.001   2.998   0.19 18.00 ? 1095 GLU A CA  1 
ATOM   1068 C CA  C GLU A 1 117 ? -17.494 4.979   2.989   0.15 19.66 ? 1095 GLU A CA  1 
ATOM   1069 C C   A GLU A 1 117 ? -18.383 3.758   3.273   0.15 17.15 ? 1095 GLU A C   1 
ATOM   1070 C C   B GLU A 1 117 ? -18.392 3.775   3.284   0.19 15.93 ? 1095 GLU A C   1 
ATOM   1071 C C   C GLU A 1 117 ? -18.383 3.758   3.273   0.15 17.15 ? 1095 GLU A C   1 
ATOM   1072 O O   A GLU A 1 117 ? -17.995 2.928   4.110   0.15 16.95 ? 1095 GLU A O   1 
ATOM   1073 O O   B GLU A 1 117 ? -18.005 2.949   4.122   0.19 15.91 ? 1095 GLU A O   1 
ATOM   1074 O O   C GLU A 1 117 ? -17.995 2.928   4.110   0.15 16.95 ? 1095 GLU A O   1 
ATOM   1075 C CB  A GLU A 1 117 ? -17.868 6.143   3.910   0.15 23.24 ? 1095 GLU A CB  1 
ATOM   1076 C CB  B GLU A 1 117 ? -17.831 6.184   3.928   0.19 20.23 ? 1095 GLU A CB  1 
ATOM   1077 C CB  C GLU A 1 117 ? -17.868 6.143   3.910   0.15 23.24 ? 1095 GLU A CB  1 
ATOM   1078 C CG  A GLU A 1 117 ? -16.837 7.257   3.931   0.15 27.32 ? 1095 GLU A CG  1 
ATOM   1079 C CG  B GLU A 1 117 ? -19.265 6.699   3.844   0.19 22.35 ? 1095 GLU A CG  1 
ATOM   1080 C CG  C GLU A 1 117 ? -16.837 7.257   3.931   0.15 27.32 ? 1095 GLU A CG  1 
ATOM   1081 C CD  A GLU A 1 117 ? -17.098 8.317   4.993   0.15 31.92 ? 1095 GLU A CD  1 
ATOM   1082 C CD  B GLU A 1 117 ? -19.655 7.847   4.772   0.19 26.90 ? 1095 GLU A CD  1 
ATOM   1083 C CD  C GLU A 1 117 ? -17.098 8.317   4.993   0.15 31.92 ? 1095 GLU A CD  1 
ATOM   1084 O OE1 A GLU A 1 117 ? -17.810 8.005   5.980   0.15 35.11 ? 1095 GLU A OE1 1 
ATOM   1085 O OE1 B GLU A 1 117 ? -18.762 8.572   5.243   0.19 28.62 ? 1095 GLU A OE1 1 
ATOM   1086 O OE1 C GLU A 1 117 ? -17.810 8.005   5.980   0.15 35.11 ? 1095 GLU A OE1 1 
ATOM   1087 O OE2 A GLU A 1 117 ? -16.592 9.451   4.830   0.15 38.29 ? 1095 GLU A OE2 1 
ATOM   1088 O OE2 B GLU A 1 117 ? -20.867 8.030   5.001   0.19 29.33 ? 1095 GLU A OE2 1 
ATOM   1089 O OE2 C GLU A 1 117 ? -16.592 9.451   4.830   0.15 38.29 ? 1095 GLU A OE2 1 
ATOM   1090 N N   . ASP A 1 118 ? -19.544 3.653   2.614   1.00 18.26 ? 1096 ASP A N   1 
ATOM   1091 C CA  . ASP A 1 118 ? -20.446 2.496   2.863   1.00 16.90 ? 1096 ASP A CA  1 
ATOM   1092 C C   . ASP A 1 118 ? -19.905 1.201   2.232   1.00 15.98 ? 1096 ASP A C   1 
ATOM   1093 O O   . ASP A 1 118 ? -20.161 0.072   2.710   1.00 15.61 ? 1096 ASP A O   1 
ATOM   1094 C CB  . ASP A 1 118 ? -21.883 2.755   2.426   1.00 18.16 ? 1096 ASP A CB  1 
ATOM   1095 C CG  . ASP A 1 118 ? -22.607 3.835   3.226   1.00 21.95 ? 1096 ASP A CG  1 
ATOM   1096 O OD1 . ASP A 1 118 ? -22.250 4.033   4.380   1.00 24.22 ? 1096 ASP A OD1 1 
ATOM   1097 O OD2 . ASP A 1 118 ? -23.369 4.539   2.542   1.00 28.98 ? 1096 ASP A OD2 1 
ATOM   1098 N N   . PHE A 1 119 ? -19.114 1.304   1.149   1.00 14.66 ? 1097 PHE A N   1 
ATOM   1099 C CA  . PHE A 1 119 ? -18.438 0.139   0.528   1.00 12.93 ? 1097 PHE A CA  1 
ATOM   1100 C C   . PHE A 1 119 ? -17.364 -0.337  1.521   1.00 13.83 ? 1097 PHE A C   1 
ATOM   1101 O O   . PHE A 1 119 ? -17.267 -1.574  1.765   1.00 14.07 ? 1097 PHE A O   1 
ATOM   1102 C CB  . PHE A 1 119 ? -17.846 0.498   -0.843  1.00 13.73 ? 1097 PHE A CB  1 
ATOM   1103 C CG  . PHE A 1 119 ? -17.138 -0.653  -1.514  1.00 13.21 ? 1097 PHE A CG  1 
ATOM   1104 C CD1 . PHE A 1 119 ? -17.852 -1.580  -2.265  1.00 14.84 ? 1097 PHE A CD1 1 
ATOM   1105 C CD2 . PHE A 1 119 ? -15.782 -0.883  -1.307  1.00 13.75 ? 1097 PHE A CD2 1 
ATOM   1106 C CE1 . PHE A 1 119 ? -17.222 -2.661  -2.828  1.00 15.94 ? 1097 PHE A CE1 1 
ATOM   1107 C CE2 . PHE A 1 119 ? -15.170 -1.993  -1.884  1.00 14.19 ? 1097 PHE A CE2 1 
ATOM   1108 C CZ  . PHE A 1 119 ? -15.899 -2.877  -2.608  1.00 14.57 ? 1097 PHE A CZ  1 
ATOM   1109 N N   . GLU A 1 120 ? -16.555 0.552   2.061   1.00 13.47 ? 1098 GLU A N   1 
ATOM   1110 C CA  . GLU A 1 120 ? -15.535 0.169   3.065   1.00 14.63 ? 1098 GLU A CA  1 
ATOM   1111 C C   . GLU A 1 120 ? -16.204 -0.485  4.298   1.00 14.89 ? 1098 GLU A C   1 
ATOM   1112 O O   . GLU A 1 120 ? -15.690 -1.488  4.794   1.00 15.65 ? 1098 GLU A O   1 
ATOM   1113 C CB  . GLU A 1 120 ? -14.672 1.371   3.425   1.00 16.30 ? 1098 GLU A CB  1 
ATOM   1114 C CG  . GLU A 1 120 ? -13.674 1.069   4.522   1.00 16.39 ? 1098 GLU A CG  1 
ATOM   1115 C CD  . GLU A 1 120 ? -12.560 0.034   4.273   1.00 17.07 ? 1098 GLU A CD  1 
ATOM   1116 O OE1 . GLU A 1 120 ? -12.460 -0.461  3.152   1.00 18.77 ? 1098 GLU A OE1 1 
ATOM   1117 O OE2 . GLU A 1 120 ? -11.833 -0.326  5.283   1.00 20.30 ? 1098 GLU A OE2 1 
ATOM   1118 N N   . GLN A 1 121 ? -17.307 0.098   4.790   1.00 15.61 ? 1099 GLN A N   1 
ATOM   1119 C CA  . GLN A 1 121 ? -17.954 -0.478  6.011   1.00 15.55 ? 1099 GLN A CA  1 
ATOM   1120 C C   . GLN A 1 121 ? -18.479 -1.883  5.737   1.00 15.64 ? 1099 GLN A C   1 
ATOM   1121 O O   . GLN A 1 121 ? -18.342 -2.800  6.582   1.00 16.35 ? 1099 GLN A O   1 
ATOM   1122 C CB  . GLN A 1 121 ? -19.042 0.499   6.403   1.00 16.75 ? 1099 GLN A CB  1 
ATOM   1123 C CG  . GLN A 1 121 ? -19.754 0.073   7.694   1.00 18.44 ? 1099 GLN A CG  1 
ATOM   1124 C CD  . GLN A 1 121 ? -18.822 0.201   8.868   1.00 24.37 ? 1099 GLN A CD  1 
ATOM   1125 O OE1 . GLN A 1 121 ? -17.978 1.130   8.899   1.00 25.65 ? 1099 GLN A OE1 1 
ATOM   1126 N NE2 . GLN A 1 121 ? -18.958 -0.728  9.806   1.00 25.10 ? 1099 GLN A NE2 1 
ATOM   1127 N N   . LEU A 1 122 ? -19.018 -2.121  4.500   1.00 14.66 ? 1100 LEU A N   1 
ATOM   1128 C CA  . LEU A 1 122 ? -19.433 -3.454  4.084   1.00 14.32 ? 1100 LEU A CA  1 
ATOM   1129 C C   . LEU A 1 122 ? -18.253 -4.442  4.142   1.00 16.98 ? 1100 LEU A C   1 
ATOM   1130 O O   . LEU A 1 122 ? -18.372 -5.545  4.665   1.00 16.84 ? 1100 LEU A O   1 
ATOM   1131 C CB  . LEU A 1 122 ? -20.106 -3.444  2.706   1.00 14.46 ? 1100 LEU A CB  1 
ATOM   1132 C CG  . LEU A 1 122 ? -20.529 -4.775  2.142   1.00 15.53 ? 1100 LEU A CG  1 
ATOM   1133 C CD1 . LEU A 1 122 ? -21.480 -5.553  3.078   1.00 17.82 ? 1100 LEU A CD1 1 
ATOM   1134 C CD2 . LEU A 1 122 ? -21.089 -4.652  0.753   1.00 17.83 ? 1100 LEU A CD2 1 
ATOM   1135 N N   . CYS A 1 123 ? -17.096 -4.069  3.556   1.00 14.63 ? 1101 CYS A N   1 
ATOM   1136 C CA  . CYS A 1 123 ? -15.922 -4.988  3.557   1.00 15.62 ? 1101 CYS A CA  1 
ATOM   1137 C C   . CYS A 1 123 ? -15.533 -5.280  5.026   1.00 15.94 ? 1101 CYS A C   1 
ATOM   1138 O O   . CYS A 1 123 ? -15.221 -6.459  5.285   1.00 15.84 ? 1101 CYS A O   1 
ATOM   1139 C CB  . CYS A 1 123 ? -14.772 -4.274  2.816   1.00 14.82 ? 1101 CYS A CB  1 
ATOM   1140 S SG  . CYS A 1 123 ? -14.941 -4.172  1.015   1.00 15.61 ? 1101 CYS A SG  1 
ATOM   1141 N N   . GLU A 1 124 ? -15.550 -4.289  5.892   1.00 15.86 ? 1102 GLU A N   1 
ATOM   1142 C CA  . GLU A 1 124 ? -15.138 -4.442  7.323   1.00 18.20 ? 1102 GLU A CA  1 
ATOM   1143 C C   . GLU A 1 124 ? -16.104 -5.445  7.981   1.00 21.54 ? 1102 GLU A C   1 
ATOM   1144 O O   . GLU A 1 124 ? -15.666 -6.356  8.726   1.00 22.66 ? 1102 GLU A O   1 
ATOM   1145 C CB  . GLU A 1 124 ? -15.009 -3.094  8.005   1.00 19.44 ? 1102 GLU A CB  1 
ATOM   1146 C CG  . GLU A 1 124 ? -13.792 -2.256  7.536   1.00 23.48 ? 1102 GLU A CG  1 
ATOM   1147 C CD  . GLU A 1 124 ? -13.554 -0.872  8.143   1.00 29.12 ? 1102 GLU A CD  1 
ATOM   1148 O OE1 . GLU A 1 124 ? -14.122 -0.674  9.205   1.00 33.47 ? 1102 GLU A OE1 1 
ATOM   1149 O OE2 . GLU A 1 124 ? -12.826 0.058   7.551   1.00 24.92 ? 1102 GLU A OE2 1 
ATOM   1150 N N   . GLU A 1 125 ? -17.400 -5.304  7.701   1.00 18.43 ? 1103 GLU A N   1 
ATOM   1151 C CA  . GLU A 1 125 ? -18.405 -6.231  8.356   1.00 18.45 ? 1103 GLU A CA  1 
ATOM   1152 C C   . GLU A 1 125 ? -18.301 -7.634  7.804   1.00 22.46 ? 1103 GLU A C   1 
ATOM   1153 O O   . GLU A 1 125 ? -18.402 -8.585  8.648   1.00 26.30 ? 1103 GLU A O   1 
ATOM   1154 C CB  . GLU A 1 125 ? -19.829 -5.621  8.287   1.00 17.40 ? 1103 GLU A CB  1 
ATOM   1155 C CG  . GLU A 1 125 ? -19.948 -4.374  9.121   1.00 18.03 ? 1103 GLU A CG  1 
ATOM   1156 C CD  . GLU A 1 125 ? -21.273 -3.594  9.300   1.00 18.15 ? 1103 GLU A CD  1 
ATOM   1157 O OE1 . GLU A 1 125 ? -22.272 -4.051  8.699   1.00 19.10 ? 1103 GLU A OE1 1 
ATOM   1158 O OE2 . GLU A 1 125 ? -21.271 -2.495  9.895   1.00 21.73 ? 1103 GLU A OE2 1 
ATOM   1159 N N   . ILE A 1 126 ? -18.053 -7.889  6.531   1.00 17.40 ? 1104 ILE A N   1 
ATOM   1160 C CA  . ILE A 1 126 ? -17.827 -9.244  6.020   1.00 18.46 ? 1104 ILE A CA  1 
ATOM   1161 C C   . ILE A 1 126 ? -16.545 -9.776  6.705   1.00 24.23 ? 1104 ILE A C   1 
ATOM   1162 O O   . ILE A 1 126 ? -16.572 -10.902 7.243   1.00 26.18 ? 1104 ILE A O   1 
ATOM   1163 C CB  . ILE A 1 126 ? -17.730 -9.288  4.503   1.00 19.54 ? 1104 ILE A CB  1 
ATOM   1164 C CG1 . ILE A 1 126 ? -18.955 -8.665  3.817   1.00 19.98 ? 1104 ILE A CG1 1 
ATOM   1165 C CG2 . ILE A 1 126 ? -17.474 -10.708 4.049   1.00 21.56 ? 1104 ILE A CG2 1 
ATOM   1166 C CD1 . ILE A 1 126 ? -18.786 -8.423  2.348   1.00 22.31 ? 1104 ILE A CD1 1 
ATOM   1167 N N   . GLN A 1 127 ? -15.425 -9.023  6.696   1.00 23.63 ? 1105 GLN A N   1 
ATOM   1168 C CA  . GLN A 1 127 ? -14.139 -9.478  7.349   1.00 24.53 ? 1105 GLN A CA  1 
ATOM   1169 C C   . GLN A 1 127 ? -14.392 -9.935  8.805   1.00 30.10 ? 1105 GLN A C   1 
ATOM   1170 O O   . GLN A 1 127 ? -13.934 -11.069 9.192   1.00 28.95 ? 1105 GLN A O   1 
ATOM   1171 C CB  . GLN A 1 127 ? -13.067 -8.376  7.242   1.00 22.93 ? 1105 GLN A CB  1 
ATOM   1172 C CG  . GLN A 1 127 ? -11.749 -8.677  8.009   1.00 25.93 ? 1105 GLN A CG  1 
ATOM   1173 C CD  . GLN A 1 127 ? -10.756 -7.536  7.963   1.00 27.52 ? 1105 GLN A CD  1 
ATOM   1174 O OE1 . GLN A 1 127 ? -11.024 -6.431  8.482   1.00 29.56 ? 1105 GLN A OE1 1 
ATOM   1175 N NE2 . GLN A 1 127 ? -9.589  -7.821  7.390   1.00 30.09 ? 1105 GLN A NE2 1 
ATOM   1176 N N   A GLU A 1 128 ? -15.069 -9.105  9.605   0.15 29.28 ? 1106 GLU A N   1 
ATOM   1177 N N   B GLU A 1 128 ? -15.128 -9.125  9.577   0.20 26.67 ? 1106 GLU A N   1 
ATOM   1178 N N   C GLU A 1 128 ? -15.069 -9.105  9.605   0.15 29.28 ? 1106 GLU A N   1 
ATOM   1179 C CA  A GLU A 1 128 ? -15.356 -9.386  11.040  0.15 32.35 ? 1106 GLU A CA  1 
ATOM   1180 C CA  B GLU A 1 128 ? -15.370 -9.333  11.035  0.20 29.30 ? 1106 GLU A CA  1 
ATOM   1181 C CA  C GLU A 1 128 ? -15.356 -9.386  11.040  0.15 32.35 ? 1106 GLU A CA  1 
ATOM   1182 C C   A GLU A 1 128 ? -16.119 -10.712 11.171  0.15 34.12 ? 1106 GLU A C   1 
ATOM   1183 C C   B GLU A 1 128 ? -16.299 -10.534 11.270  0.20 32.98 ? 1106 GLU A C   1 
ATOM   1184 C C   C GLU A 1 128 ? -16.119 -10.712 11.171  0.15 34.12 ? 1106 GLU A C   1 
ATOM   1185 O O   A GLU A 1 128 ? -15.837 -11.487 12.127  0.15 32.78 ? 1106 GLU A O   1 
ATOM   1186 O O   B GLU A 1 128 ? -16.350 -10.995 12.448  0.20 33.33 ? 1106 GLU A O   1 
ATOM   1187 O O   C GLU A 1 128 ? -15.837 -11.487 12.127  0.15 32.78 ? 1106 GLU A O   1 
ATOM   1188 C CB  A GLU A 1 128 ? -16.136 -8.223  11.652  0.15 34.40 ? 1106 GLU A CB  1 
ATOM   1189 C CB  B GLU A 1 128 ? -15.950 -8.068  11.673  0.20 28.99 ? 1106 GLU A CB  1 
ATOM   1190 C CB  C GLU A 1 128 ? -16.136 -8.223  11.652  0.15 34.40 ? 1106 GLU A CB  1 
ATOM   1191 C CG  A GLU A 1 128 ? -15.247 -7.227  12.367  0.15 38.44 ? 1106 GLU A CG  1 
ATOM   1192 C CG  B GLU A 1 128 ? -16.393 -8.261  13.117  0.20 32.13 ? 1106 GLU A CG  1 
ATOM   1193 C CG  C GLU A 1 128 ? -15.247 -7.227  12.367  0.15 38.44 ? 1106 GLU A CG  1 
ATOM   1194 C CD  A GLU A 1 128 ? -15.570 -5.766  12.108  0.15 41.93 ? 1106 GLU A CD  1 
ATOM   1195 C CD  B GLU A 1 128 ? -15.285 -8.711  14.051  0.20 33.96 ? 1106 GLU A CD  1 
ATOM   1196 C CD  C GLU A 1 128 ? -15.570 -5.766  12.108  0.15 41.93 ? 1106 GLU A CD  1 
ATOM   1197 O OE1 A GLU A 1 128 ? -16.761 -5.442  11.895  0.15 42.47 ? 1106 GLU A OE1 1 
ATOM   1198 O OE1 B GLU A 1 128 ? -15.591 -9.394  15.049  0.20 35.55 ? 1106 GLU A OE1 1 
ATOM   1199 O OE1 C GLU A 1 128 ? -16.761 -5.442  11.895  0.15 42.47 ? 1106 GLU A OE1 1 
ATOM   1200 O OE2 A GLU A 1 128 ? -14.625 -4.953  12.109  0.15 46.06 ? 1106 GLU A OE2 1 
ATOM   1201 O OE2 B GLU A 1 128 ? -14.123 -8.384  13.777  0.20 37.40 ? 1106 GLU A OE2 1 
ATOM   1202 O OE2 C GLU A 1 128 ? -14.625 -4.953  12.109  0.15 46.06 ? 1106 GLU A OE2 1 
ATOM   1203 N N   . SER A 1 129 ? -17.026 -10.985 10.234  1.00 34.85 ? 1107 SER A N   1 
ATOM   1204 C CA  . SER A 1 129 ? -17.923 -12.172 10.281  1.00 36.73 ? 1107 SER A CA  1 
ATOM   1205 C C   . SER A 1 129 ? -17.182 -13.475 9.986   1.00 41.96 ? 1107 SER A C   1 
ATOM   1206 O O   . SER A 1 129 ? -17.843 -14.502 10.111  1.00 48.70 ? 1107 SER A O   1 
ATOM   1207 C CB  . SER A 1 129 ? -19.072 -12.023 9.294   1.00 35.90 ? 1107 SER A CB  1 
ATOM   1208 O OG  . SER A 1 129 ? -18.650 -12.419 7.977   1.00 36.42 ? 1107 SER A OG  1 
ATOM   1209 N N   . ARG A 1 130 ? -15.941 -13.454 9.498   1.00 41.96 ? 1108 ARG A N   1 
ATOM   1210 C CA  . ARG A 1 130 ? -15.246 -14.682 9.024   1.00 48.81 ? 1108 ARG A CA  1 
ATOM   1211 C C   . ARG A 1 130 ? -14.467 -15.290 10.204  1.00 57.72 ? 1108 ARG A C   1 
ATOM   1212 O O   . ARG A 1 130 ? -14.276 -14.666 11.280  1.00 55.81 ? 1108 ARG A O   1 
ATOM   1213 C CB  . ARG A 1 130 ? -14.374 -14.382 7.797   1.00 47.54 ? 1108 ARG A CB  1 
ATOM   1214 C CG  . ARG A 1 130 ? -15.179 -13.733 6.683   1.00 52.39 ? 1108 ARG A CG  1 
ATOM   1215 C CD  . ARG A 1 130 ? -14.901 -14.226 5.285   1.00 54.04 ? 1108 ARG A CD  1 
ATOM   1216 N NE  . ARG A 1 130 ? -16.095 -14.188 4.421   1.00 49.38 ? 1108 ARG A NE  1 
ATOM   1217 C CZ  . ARG A 1 130 ? -16.059 -14.237 3.082   1.00 44.30 ? 1108 ARG A CZ  1 
ATOM   1218 N NH1 . ARG A 1 130 ? -14.890 -14.373 2.465   1.00 59.47 ? 1108 ARG A NH1 1 
ATOM   1219 N NH2 . ARG A 1 130 ? -17.164 -14.214 2.352   1.00 39.64 ? 1108 ARG A NH2 1 
ATOM   1220 O OXT . ARG A 1 130 ? -14.035 -16.452 10.056  1.00 64.43 ? 1108 ARG A OXT 1 
HETATM 1221 C C10 . RGD B 2 .   ? 19.613  5.122   -0.442  0.57 28.68 ? 1201 RGD A C10 1 
HETATM 1222 C C17 . RGD B 2 .   ? 14.377  4.826   -1.797  0.57 19.91 ? 1201 RGD A C17 1 
HETATM 1223 C C02 . RGD B 2 .   ? 19.253  2.914   -4.156  0.57 32.54 ? 1201 RGD A C02 1 
HETATM 1224 C C03 . RGD B 2 .   ? 19.468  2.469   -2.702  0.57 28.71 ? 1201 RGD A C03 1 
HETATM 1225 C C04 . RGD B 2 .   ? 18.626  3.305   -1.682  0.57 25.86 ? 1201 RGD A C04 1 
HETATM 1226 C C05 . RGD B 2 .   ? 17.298  3.015   -1.762  0.57 23.79 ? 1201 RGD A C05 1 
HETATM 1227 C C07 . RGD B 2 .   ? 17.758  3.045   0.617   0.57 23.00 ? 1201 RGD A C07 1 
HETATM 1228 C C08 . RGD B 2 .   ? 19.048  2.936   -0.216  0.57 26.00 ? 1201 RGD A C08 1 
HETATM 1229 C C09 . RGD B 2 .   ? 20.069  3.994   0.169   0.57 27.10 ? 1201 RGD A C09 1 
HETATM 1230 C C11 . RGD B 2 .   ? 20.733  6.078   -0.780  0.57 31.07 ? 1201 RGD A C11 1 
HETATM 1231 C C14 . RGD B 2 .   ? 15.308  3.429   0.132   0.57 18.77 ? 1201 RGD A C14 1 
HETATM 1232 C C16 . RGD B 2 .   ? 14.253  3.535   -0.991  0.57 19.04 ? 1201 RGD A C16 1 
HETATM 1233 C C18 . RGD B 2 .   ? 12.855  4.966   -1.670  0.57 20.59 ? 1201 RGD A C18 1 
HETATM 1234 C C19 . RGD B 2 .   ? 12.882  3.990   -0.505  0.57 19.90 ? 1201 RGD A C19 1 
HETATM 1235 N N06 . RGD B 2 .   ? 16.711  3.185   -0.275  0.57 21.90 ? 1201 RGD A N06 1 
HETATM 1236 O O01 . RGD B 2 .   ? 17.955  2.568   -4.567  0.57 37.93 ? 1201 RGD A O01 1 
HETATM 1237 O O12 . RGD B 2 .   ? 20.194  7.328   -1.204  0.57 32.75 ? 1201 RGD A O12 1 
HETATM 1238 O O13 . RGD B 2 .   ? 18.859  4.603   -1.777  0.57 26.49 ? 1201 RGD A O13 1 
HETATM 1239 O O15 . RGD B 2 .   ? 15.025  3.533   1.301   0.57 17.18 ? 1201 RGD A O15 1 
HETATM 1240 S S   . SO4 C 3 .   ? 20.292  22.083  8.803   1.00 24.86 ? 1202 SO4 A S   1 
HETATM 1241 O O1  . SO4 C 3 .   ? 21.518  22.744  8.974   1.00 27.32 ? 1202 SO4 A O1  1 
HETATM 1242 O O2  . SO4 C 3 .   ? 20.566  20.675  8.589   1.00 25.14 ? 1202 SO4 A O2  1 
HETATM 1243 O O3  . SO4 C 3 .   ? 19.408  22.405  9.822   1.00 22.85 ? 1202 SO4 A O3  1 
HETATM 1244 O O4  . SO4 C 3 .   ? 19.687  22.569  7.490   1.00 28.66 ? 1202 SO4 A O4  1 
HETATM 1245 S S   . SO4 D 3 .   ? 1.181   -11.796 5.631   0.50 60.58 ? 1203 SO4 A S   1 
HETATM 1246 O O1  . SO4 D 3 .   ? 2.129   -10.714 5.747   0.50 56.66 ? 1203 SO4 A O1  1 
HETATM 1247 O O2  . SO4 D 3 .   ? 1.098   -12.487 6.901   0.50 62.42 ? 1203 SO4 A O2  1 
HETATM 1248 O O3  . SO4 D 3 .   ? -0.117  -11.263 5.273   0.50 62.46 ? 1203 SO4 A O3  1 
HETATM 1249 O O4  . SO4 D 3 .   ? 1.608   -12.720 4.608   0.50 56.98 ? 1203 SO4 A O4  1 
HETATM 1250 C C1  . EDO E 4 .   ? -14.879 1.857   -4.021  1.00 25.76 ? 1204 EDO A C1  1 
HETATM 1251 O O1  . EDO E 4 .   ? -16.077 2.571   -3.653  1.00 23.53 ? 1204 EDO A O1  1 
HETATM 1252 C C2  . EDO E 4 .   ? -15.200 0.504   -4.652  1.00 17.96 ? 1204 EDO A C2  1 
HETATM 1253 O O2  . EDO E 4 .   ? -15.569 0.680   -6.005  1.00 19.48 ? 1204 EDO A O2  1 
HETATM 1254 C C1  . EDO F 4 .   ? -17.284 7.226   -5.528  1.00 41.05 ? 1205 EDO A C1  1 
HETATM 1255 O O1  . EDO F 4 .   ? -18.603 7.448   -6.041  1.00 47.74 ? 1205 EDO A O1  1 
HETATM 1256 C C2  . EDO F 4 .   ? -17.206 7.341   -4.042  1.00 45.52 ? 1205 EDO A C2  1 
HETATM 1257 O O2  . EDO F 4 .   ? -17.013 8.655   -3.543  1.00 50.38 ? 1205 EDO A O2  1 
HETATM 1258 C C1  . EDO G 4 .   ? 4.362   -10.627 -2.101  1.00 34.01 ? 1206 EDO A C1  1 
HETATM 1259 O O1  . EDO G 4 .   ? 4.667   -10.360 -0.708  1.00 37.77 ? 1206 EDO A O1  1 
HETATM 1260 C C2  . EDO G 4 .   ? 4.081   -12.105 -2.344  1.00 31.77 ? 1206 EDO A C2  1 
HETATM 1261 O O2  . EDO G 4 .   ? 5.334   -12.777 -2.373  1.00 43.85 ? 1206 EDO A O2  1 
HETATM 1262 O O   . HOH H 5 .   ? 21.345  24.255  7.641   1.00 49.38 ? 1301 HOH A O   1 
HETATM 1263 O O   . HOH H 5 .   ? 22.327  1.498   8.075   1.00 42.72 ? 1302 HOH A O   1 
HETATM 1264 O O   . HOH H 5 .   ? -2.155  2.283   8.490   1.00 38.99 ? 1303 HOH A O   1 
HETATM 1265 O O   . HOH H 5 .   ? 24.405  -1.395  2.835   0.57 34.31 ? 1304 HOH A O   1 
HETATM 1266 O O   . HOH H 5 .   ? -12.609 -13.415 -2.447  1.00 47.93 ? 1305 HOH A O   1 
HETATM 1267 O O   . HOH H 5 .   ? -12.474 -9.305  -15.292 1.00 31.86 ? 1306 HOH A O   1 
HETATM 1268 O O   . HOH H 5 .   ? -9.588  11.762  -7.684  1.00 35.97 ? 1307 HOH A O   1 
HETATM 1269 O O   . HOH H 5 .   ? 5.888   -4.483  10.373  1.00 32.82 ? 1308 HOH A O   1 
HETATM 1270 O O   . HOH H 5 .   ? -13.528 -13.811 -7.044  1.00 51.90 ? 1309 HOH A O   1 
HETATM 1271 O O   . HOH H 5 .   ? -20.837 -11.863 6.419   1.00 39.09 ? 1310 HOH A O   1 
HETATM 1272 O O   . HOH H 5 .   ? 20.376  11.402  11.366  1.00 48.61 ? 1311 HOH A O   1 
HETATM 1273 O O   . HOH H 5 .   ? 9.344   5.901   10.465  1.00 38.81 ? 1312 HOH A O   1 
HETATM 1274 O O   . HOH H 5 .   ? -2.161  -8.048  -11.353 1.00 39.48 ? 1313 HOH A O   1 
HETATM 1275 O O   . HOH H 5 .   ? -4.956  3.112   -12.860 1.00 42.29 ? 1314 HOH A O   1 
HETATM 1276 O O   . HOH H 5 .   ? 5.562   -8.847  4.871   1.00 25.73 ? 1315 HOH A O   1 
HETATM 1277 O O   . HOH H 5 .   ? 22.873  13.654  -0.122  1.00 40.88 ? 1316 HOH A O   1 
HETATM 1278 O O   . HOH H 5 .   ? -24.416 -12.206 1.300   1.00 49.60 ? 1317 HOH A O   1 
HETATM 1279 O O   . HOH H 5 .   ? -19.140 -6.323  12.348  1.00 39.38 ? 1318 HOH A O   1 
HETATM 1280 O O   . HOH H 5 .   ? 16.142  6.080   11.843  1.00 33.32 ? 1319 HOH A O   1 
HETATM 1281 O O   . HOH H 5 .   ? -12.987 -5.671  9.999   1.00 37.59 ? 1320 HOH A O   1 
HETATM 1282 O O   . HOH H 5 .   ? 7.162   3.023   12.481  1.00 61.66 ? 1321 HOH A O   1 
HETATM 1283 O O   . HOH H 5 .   ? 23.745  13.598  6.076   1.00 48.52 ? 1322 HOH A O   1 
HETATM 1284 O O   . HOH H 5 .   ? -19.926 -8.734  10.755  1.00 30.40 ? 1323 HOH A O   1 
HETATM 1285 O O   . HOH H 5 .   ? 21.298  8.067   5.937   1.00 32.39 ? 1324 HOH A O   1 
HETATM 1286 O O   . HOH H 5 .   ? 11.828  9.365   -11.412 1.00 41.98 ? 1325 HOH A O   1 
HETATM 1287 O O   . HOH H 5 .   ? -1.941  -5.063  5.835   1.00 35.39 ? 1326 HOH A O   1 
HETATM 1288 O O   . HOH H 5 .   ? 10.755  -1.094  2.156   1.00 17.96 ? 1327 HOH A O   1 
HETATM 1289 O O   . HOH H 5 .   ? -18.443 -14.325 5.642   1.00 49.15 ? 1328 HOH A O   1 
HETATM 1290 O O   . HOH H 5 .   ? 0.297   -10.997 -9.293  1.00 25.42 ? 1329 HOH A O   1 
HETATM 1291 O O   . HOH H 5 .   ? 4.150   -13.540 4.359   1.00 23.05 ? 1330 HOH A O   1 
HETATM 1292 O O   . HOH H 5 .   ? 6.074   -14.306 -0.287  1.00 27.09 ? 1331 HOH A O   1 
HETATM 1293 O O   . HOH H 5 .   ? 16.935  17.196  -1.268  1.00 22.17 ? 1332 HOH A O   1 
HETATM 1294 O O   . HOH H 5 .   ? 9.936   -4.787  -0.603  1.00 21.17 ? 1333 HOH A O   1 
HETATM 1295 O O   . HOH H 5 .   ? -21.175 -2.118  12.572  1.00 33.17 ? 1334 HOH A O   1 
HETATM 1296 O O   . HOH H 5 .   ? 3.193   15.582  4.090   1.00 51.38 ? 1335 HOH A O   1 
HETATM 1297 O O   . HOH H 5 .   ? 12.889  2.374   2.503   1.00 18.82 ? 1336 HOH A O   1 
HETATM 1298 O O   . HOH H 5 .   ? -13.262 -13.478 -12.907 1.00 46.09 ? 1337 HOH A O   1 
HETATM 1299 O O   . HOH H 5 .   ? -9.576  -3.919  8.353   1.00 30.03 ? 1338 HOH A O   1 
HETATM 1300 O O   . HOH H 5 .   ? 7.311   5.488   -11.278 1.00 22.55 ? 1339 HOH A O   1 
HETATM 1301 O O   . HOH H 5 .   ? 16.772  22.391  10.492  1.00 58.41 ? 1340 HOH A O   1 
HETATM 1302 O O   . HOH H 5 .   ? -15.662 1.853   7.659   1.00 42.85 ? 1341 HOH A O   1 
HETATM 1303 O O   . HOH H 5 .   ? 20.300  6.886   3.189   1.00 30.23 ? 1342 HOH A O   1 
HETATM 1304 O O   . HOH H 5 .   ? -3.399  -16.073 -0.065  1.00 46.10 ? 1343 HOH A O   1 
HETATM 1305 O O   . HOH H 5 .   ? 21.692  10.177  0.831   0.57 39.84 ? 1344 HOH A O   1 
HETATM 1306 O O   . HOH H 5 .   ? 14.516  2.208   -4.686  0.57 33.99 ? 1345 HOH A O   1 
HETATM 1307 O O   . HOH H 5 .   ? 14.640  12.385  10.209  1.00 35.78 ? 1346 HOH A O   1 
HETATM 1308 O O   . HOH H 5 .   ? 8.831   1.114   9.371   1.00 22.15 ? 1347 HOH A O   1 
HETATM 1309 O O   . HOH H 5 .   ? -19.608 0.236   -5.471  1.00 19.75 ? 1348 HOH A O   1 
HETATM 1310 O O   . HOH H 5 .   ? -14.209 2.015   -7.972  1.00 15.90 ? 1349 HOH A O   1 
HETATM 1311 O O   . HOH H 5 .   ? -20.865 -5.111  -3.091  1.00 33.27 ? 1350 HOH A O   1 
HETATM 1312 O O   . HOH H 5 .   ? 1.936   0.264   8.753   1.00 21.66 ? 1351 HOH A O   1 
HETATM 1313 O O   . HOH H 5 .   ? 11.542  0.474   -2.757  1.00 27.49 ? 1352 HOH A O   1 
HETATM 1314 O O   . HOH H 5 .   ? 14.308  -7.679  6.743   1.00 34.79 ? 1353 HOH A O   1 
HETATM 1315 O O   . HOH H 5 .   ? 0.093   13.831  -5.910  1.00 27.08 ? 1354 HOH A O   1 
HETATM 1316 O O   . HOH H 5 .   ? -20.956 3.486   6.748   1.00 34.71 ? 1355 HOH A O   1 
HETATM 1317 O O   . HOH H 5 .   ? 13.061  -8.999  2.143   1.00 49.87 ? 1356 HOH A O   1 
HETATM 1318 O O   . HOH H 5 .   ? 9.977   0.037   -11.944 1.00 46.56 ? 1357 HOH A O   1 
HETATM 1319 O O   . HOH H 5 .   ? -17.283 -9.626  -10.146 0.50 35.14 ? 1358 HOH A O   1 
HETATM 1320 O O   . HOH H 5 .   ? 9.778   0.807   -0.821  1.00 20.26 ? 1359 HOH A O   1 
HETATM 1321 O O   . HOH H 5 .   ? 3.214   -7.245  10.033  1.00 56.38 ? 1360 HOH A O   1 
HETATM 1322 O O   . HOH H 5 .   ? 10.265  2.086   1.558   1.00 18.92 ? 1361 HOH A O   1 
HETATM 1323 O O   . HOH H 5 .   ? 2.438   -6.516  5.554   1.00 23.77 ? 1362 HOH A O   1 
HETATM 1324 O O   . HOH H 5 .   ? -3.822  13.194  1.888   1.00 25.90 ? 1363 HOH A O   1 
HETATM 1325 O O   . HOH H 5 .   ? -0.260  8.859   -11.979 1.00 30.11 ? 1364 HOH A O   1 
HETATM 1326 O O   . HOH H 5 .   ? -14.349 4.742   -7.302  1.00 21.25 ? 1365 HOH A O   1 
HETATM 1327 O O   . HOH H 5 .   ? 6.086   -9.704  -5.591  1.00 34.45 ? 1366 HOH A O   1 
HETATM 1328 O O   . HOH H 5 .   ? 18.429  -3.528  13.397  1.00 34.75 ? 1367 HOH A O   1 
HETATM 1329 O O   . HOH H 5 .   ? -8.044  -2.443  -11.739 1.00 12.98 ? 1368 HOH A O   1 
HETATM 1330 O O   . HOH H 5 .   ? 16.621  -8.496  9.969   1.00 53.59 ? 1369 HOH A O   1 
HETATM 1331 O O   . HOH H 5 .   ? -8.782  -10.498 7.392   1.00 53.54 ? 1370 HOH A O   1 
HETATM 1332 O O   . HOH H 5 .   ? 4.031   1.919   9.335   1.00 24.55 ? 1371 HOH A O   1 
HETATM 1333 O O   . HOH H 5 .   ? 16.655  16.870  8.195   1.00 31.34 ? 1372 HOH A O   1 
HETATM 1334 O O   . HOH H 5 .   ? -23.384 -6.535  7.981   1.00 20.05 ? 1373 HOH A O   1 
HETATM 1335 O O   . HOH H 5 .   ? -9.708  2.953   -8.371  1.00 24.98 ? 1374 HOH A O   1 
HETATM 1336 O O   . HOH H 5 .   ? 4.982   13.278  -11.261 1.00 49.45 ? 1375 HOH A O   1 
HETATM 1337 O O   . HOH H 5 .   ? -20.446 5.192   -4.737  1.00 34.50 ? 1376 HOH A O   1 
HETATM 1338 O O   . HOH H 5 .   ? -1.047  -8.580  4.981   1.00 37.76 ? 1377 HOH A O   1 
HETATM 1339 O O   . HOH H 5 .   ? 13.085  10.229  9.857   1.00 27.98 ? 1378 HOH A O   1 
HETATM 1340 O O   . HOH H 5 .   ? 24.389  17.846  4.076   1.00 25.43 ? 1379 HOH A O   1 
HETATM 1341 O O   . HOH H 5 .   ? -9.155  13.816  -1.288  1.00 38.32 ? 1380 HOH A O   1 
HETATM 1342 O O   . HOH H 5 .   ? 16.322  -1.850  13.195  1.00 46.41 ? 1381 HOH A O   1 
HETATM 1343 O O   . HOH H 5 .   ? 13.213  -9.340  9.107   1.00 27.29 ? 1382 HOH A O   1 
HETATM 1344 O O   . HOH H 5 .   ? 6.138   1.908   -13.095 1.00 42.42 ? 1383 HOH A O   1 
HETATM 1345 O O   . HOH H 5 .   ? 11.489  8.054   -7.362  1.00 25.65 ? 1384 HOH A O   1 
HETATM 1346 O O   . HOH H 5 .   ? -1.639  5.983   9.548   1.00 50.38 ? 1385 HOH A O   1 
HETATM 1347 O O   . HOH H 5 .   ? 1.150   -3.559  7.187   1.00 35.79 ? 1386 HOH A O   1 
HETATM 1348 O O   . HOH H 5 .   ? -8.583  -14.090 1.300   1.00 46.96 ? 1387 HOH A O   1 
HETATM 1349 O O   . HOH H 5 .   ? 5.761   15.556  0.499   1.00 25.33 ? 1388 HOH A O   1 
HETATM 1350 O O   . HOH H 5 .   ? -13.619 -12.663 -4.271  1.00 27.20 ? 1389 HOH A O   1 
HETATM 1351 O O   . HOH H 5 .   ? -8.325  9.009   3.136   1.00 32.56 ? 1390 HOH A O   1 
HETATM 1352 O O   . HOH H 5 .   ? -4.712  1.578   7.896   1.00 32.22 ? 1391 HOH A O   1 
HETATM 1353 O O   . HOH H 5 .   ? -4.791  -11.658 4.730   1.00 38.94 ? 1392 HOH A O   1 
HETATM 1354 O O   . HOH H 5 .   ? 3.932   -7.501  -8.934  1.00 29.97 ? 1393 HOH A O   1 
HETATM 1355 O O   . HOH H 5 .   ? 19.400  -5.833  2.427   1.00 34.62 ? 1394 HOH A O   1 
HETATM 1356 O O   . HOH H 5 .   ? 19.580  18.964  2.503   1.00 22.94 ? 1395 HOH A O   1 
HETATM 1357 O O   . HOH H 5 .   ? 9.939   -2.583  8.781   1.00 18.42 ? 1396 HOH A O   1 
HETATM 1358 O O   . HOH H 5 .   ? -23.095 5.627   -0.113  1.00 38.69 ? 1397 HOH A O   1 
HETATM 1359 O O   . HOH H 5 .   ? 2.978   15.475  0.323   1.00 43.67 ? 1398 HOH A O   1 
HETATM 1360 O O   . HOH H 5 .   ? -5.054  10.579  -9.677  1.00 41.51 ? 1399 HOH A O   1 
HETATM 1361 O O   . HOH H 5 .   ? -18.238 -16.843 0.185   1.00 49.72 ? 1400 HOH A O   1 
HETATM 1362 O O   . HOH H 5 .   ? -18.425 0.407   -9.111  1.00 14.46 ? 1401 HOH A O   1 
HETATM 1363 O O   . HOH H 5 .   ? -16.032 3.482   6.171   1.00 33.80 ? 1402 HOH A O   1 
HETATM 1364 O O   . HOH H 5 .   ? 2.945   -11.435 1.356   1.00 29.00 ? 1403 HOH A O   1 
HETATM 1365 O O   . HOH H 5 .   ? 14.655  9.448   -3.937  0.57 27.19 ? 1404 HOH A O   1 
HETATM 1366 O O   . HOH H 5 .   ? -18.515 2.889   -5.203  1.00 33.80 ? 1405 HOH A O   1 
HETATM 1367 O O   . HOH H 5 .   ? -18.462 8.098   0.930   1.00 30.60 ? 1406 HOH A O   1 
HETATM 1368 O O   . HOH H 5 .   ? -2.285  -14.995 4.083   1.00 51.92 ? 1407 HOH A O   1 
HETATM 1369 O O   . HOH H 5 .   ? 21.026  5.426   5.395   1.00 40.60 ? 1408 HOH A O   1 
HETATM 1370 O O   . HOH H 5 .   ? 6.459   6.304   -15.273 1.00 52.54 ? 1409 HOH A O   1 
HETATM 1371 O O   . HOH H 5 .   ? 3.624   6.031   7.551   1.00 30.94 ? 1410 HOH A O   1 
HETATM 1372 O O   . HOH H 5 .   ? 14.877  -5.080  -6.647  1.00 48.35 ? 1411 HOH A O   1 
HETATM 1373 O O   . HOH H 5 .   ? 1.765   16.140  -4.126  1.00 44.86 ? 1412 HOH A O   1 
HETATM 1374 O O   . HOH H 5 .   ? 17.463  10.605  -3.122  1.00 30.80 ? 1413 HOH A O   1 
HETATM 1375 O O   . HOH H 5 .   ? 17.739  15.048  9.856   1.00 38.76 ? 1414 HOH A O   1 
HETATM 1376 O O   . HOH H 5 .   ? -2.691  -12.662 5.579   1.00 42.34 ? 1415 HOH A O   1 
HETATM 1377 O O   . HOH H 5 .   ? -5.152  -13.948 -8.724  1.00 30.29 ? 1416 HOH A O   1 
HETATM 1378 O O   . HOH H 5 .   ? -6.470  -8.525  -1.924  1.00 15.58 ? 1417 HOH A O   1 
HETATM 1379 O O   . HOH H 5 .   ? -8.155  14.726  -3.956  1.00 61.55 ? 1418 HOH A O   1 
HETATM 1380 O O   . HOH H 5 .   ? 14.430  -0.313  -5.594  0.57 32.13 ? 1419 HOH A O   1 
HETATM 1381 O O   . HOH H 5 .   ? -9.465  -10.200 -1.699  1.00 19.33 ? 1420 HOH A O   1 
HETATM 1382 O O   . HOH H 5 .   ? 5.344   -1.379  -9.319  1.00 36.88 ? 1421 HOH A O   1 
HETATM 1383 O O   . HOH H 5 .   ? 18.019  -0.756  -4.482  1.00 36.10 ? 1422 HOH A O   1 
HETATM 1384 O O   . HOH H 5 .   ? 0.319   -12.610 -6.863  1.00 22.48 ? 1423 HOH A O   1 
HETATM 1385 O O   . HOH H 5 .   ? 11.892  16.265  3.294   1.00 38.76 ? 1424 HOH A O   1 
HETATM 1386 O O   . HOH H 5 .   ? -4.068  9.411   -11.291 1.00 34.33 ? 1425 HOH A O   1 
HETATM 1387 O O   . HOH H 5 .   ? -5.377  3.810   7.611   1.00 36.31 ? 1426 HOH A O   1 
HETATM 1388 O O   . HOH H 5 .   ? 7.759   -8.094  -5.554  1.00 37.20 ? 1427 HOH A O   1 
HETATM 1389 O O   . HOH H 5 .   ? -5.298  -15.929 -5.139  1.00 36.14 ? 1428 HOH A O   1 
HETATM 1390 O O   . HOH H 5 .   ? 4.572   11.470  -13.503 1.00 33.49 ? 1429 HOH A O   1 
HETATM 1391 O O   . HOH H 5 .   ? 11.923  -2.070  10.710  1.00 25.44 ? 1430 HOH A O   1 
HETATM 1392 O O   . HOH H 5 .   ? 22.022  19.913  11.139  1.00 33.10 ? 1431 HOH A O   1 
HETATM 1393 O O   . HOH H 5 .   ? 16.003  -9.254  13.780  1.00 37.80 ? 1432 HOH A O   1 
HETATM 1394 O O   . HOH H 5 .   ? -2.330  11.912  4.565   1.00 42.86 ? 1433 HOH A O   1 
HETATM 1395 O O   . HOH H 5 .   ? -23.460 -14.140 4.470   1.00 46.45 ? 1434 HOH A O   1 
HETATM 1396 O O   . HOH H 5 .   ? -9.785  -14.487 -8.008  1.00 46.04 ? 1435 HOH A O   1 
HETATM 1397 O O   . HOH H 5 .   ? 5.903   16.219  -4.554  1.00 21.71 ? 1436 HOH A O   1 
HETATM 1398 O O   . HOH H 5 .   ? -24.350 -17.436 -2.539  1.00 51.35 ? 1437 HOH A O   1 
HETATM 1399 O O   . HOH H 5 .   ? 11.930  -2.949  -0.165  1.00 23.51 ? 1438 HOH A O   1 
HETATM 1400 O O   . HOH H 5 .   ? -20.965 -13.347 -9.853  1.00 63.40 ? 1439 HOH A O   1 
HETATM 1401 O O   . HOH H 5 .   ? -22.073 -8.363  0.011   1.00 25.72 ? 1440 HOH A O   1 
HETATM 1402 O O   . HOH H 5 .   ? -3.209  -7.835  5.066   1.00 36.57 ? 1441 HOH A O   1 
HETATM 1403 O O   . HOH H 5 .   ? 0.037   9.532   -8.553  1.00 33.40 ? 1442 HOH A O   1 
HETATM 1404 O O   . HOH H 5 .   ? -17.275 2.632   11.552  1.00 63.22 ? 1443 HOH A O   1 
HETATM 1405 O O   . HOH H 5 .   ? 17.404  6.057   -4.176  0.57 38.79 ? 1444 HOH A O   1 
HETATM 1406 O O   . HOH H 5 .   ? -13.523 7.381   2.006   1.00 49.34 ? 1445 HOH A O   1 
HETATM 1407 O O   . HOH H 5 .   ? 17.351  4.969   -6.586  0.57 47.33 ? 1446 HOH A O   1 
HETATM 1408 O O   . HOH H 5 .   ? -10.015 -15.855 -0.905  1.00 66.55 ? 1447 HOH A O   1 
HETATM 1409 O O   . HOH H 5 .   ? 0.190   -16.094 5.052   1.00 39.21 ? 1448 HOH A O   1 
HETATM 1410 O O   . HOH H 5 .   ? 4.539   14.504  7.053   1.00 64.68 ? 1449 HOH A O   1 
HETATM 1411 O O   . HOH H 5 .   ? 15.968  11.671  -8.868  1.00 38.35 ? 1450 HOH A O   1 
HETATM 1412 O O   . HOH H 5 .   ? 22.226  14.358  9.916   1.00 22.02 ? 1451 HOH A O   1 
HETATM 1413 O O   . HOH H 5 .   ? 2.423   -4.878  8.856   1.00 56.52 ? 1452 HOH A O   1 
HETATM 1414 O O   . HOH H 5 .   ? 6.813   -12.369 -5.269  1.00 37.80 ? 1453 HOH A O   1 
HETATM 1415 O O   . HOH H 5 .   ? 3.072   -1.929  -9.019  1.00 37.32 ? 1454 HOH A O   1 
HETATM 1416 O O   . HOH H 5 .   ? -22.581 -7.321  -3.638  1.00 47.96 ? 1455 HOH A O   1 
HETATM 1417 O O   . HOH H 5 .   ? -0.717  7.994   7.747   1.00 42.31 ? 1456 HOH A O   1 
HETATM 1418 O O   . HOH H 5 .   ? -0.237  1.633   9.999   1.00 31.18 ? 1457 HOH A O   1 
HETATM 1419 O O   . HOH H 5 .   ? 10.337  13.718  7.217   1.00 50.14 ? 1458 HOH A O   1 
HETATM 1420 O O   . HOH H 5 .   ? 1.132   14.774  -2.129  1.00 47.54 ? 1459 HOH A O   1 
HETATM 1421 O O   . HOH H 5 .   ? 12.162  15.732  8.382   1.00 65.40 ? 1460 HOH A O   1 
HETATM 1422 O O   . HOH H 5 .   ? -12.203 -14.704 4.668   1.00 50.99 ? 1461 HOH A O   1 
HETATM 1423 O O   . HOH H 5 .   ? -5.516  -1.362  -12.720 1.00 25.25 ? 1462 HOH A O   1 
HETATM 1424 O O   . HOH H 5 .   ? 2.378   -9.451  -9.849  1.00 39.87 ? 1463 HOH A O   1 
HETATM 1425 O O   . HOH H 5 .   ? 8.488   6.018   -13.611 1.00 37.95 ? 1464 HOH A O   1 
HETATM 1426 O O   . HOH H 5 .   ? -1.613  -14.485 -7.554  1.00 23.34 ? 1465 HOH A O   1 
HETATM 1427 O O   . HOH H 5 .   ? -10.830 -12.578 -0.789  1.00 30.15 ? 1466 HOH A O   1 
HETATM 1428 O O   . HOH H 5 .   ? -6.410  12.902  -5.417  1.00 52.08 ? 1467 HOH A O   1 
HETATM 1429 O O   . HOH H 5 .   ? 2.952   17.510  -7.653  1.00 48.80 ? 1468 HOH A O   1 
HETATM 1430 O O   . HOH H 5 .   ? 9.637   15.359  4.215   1.00 48.91 ? 1469 HOH A O   1 
HETATM 1431 O O   . HOH H 5 .   ? -9.532  13.210  -9.763  1.00 40.23 ? 1470 HOH A O   1 
HETATM 1432 O O   . HOH H 5 .   ? -1.767  14.795  -1.992  1.00 41.33 ? 1471 HOH A O   1 
HETATM 1433 O O   . HOH H 5 .   ? 13.580  8.453   11.957  1.00 49.47 ? 1472 HOH A O   1 
HETATM 1434 O O   . HOH H 5 .   ? -11.181 8.317   3.044   1.00 61.33 ? 1473 HOH A O   1 
HETATM 1435 O O   . HOH H 5 .   ? -6.572  13.134  2.154   1.00 30.26 ? 1474 HOH A O   1 
HETATM 1436 O O   . HOH H 5 .   ? 14.025  8.071   -9.100  0.57 37.90 ? 1475 HOH A O   1 
HETATM 1437 O O   . HOH H 5 .   ? 1.565   10.093  -13.955 1.00 49.14 ? 1476 HOH A O   1 
HETATM 1438 O O   . HOH H 5 .   ? 25.308  14.232  1.426   1.00 62.06 ? 1477 HOH A O   1 
HETATM 1439 O O   . HOH H 5 .   ? -12.026 14.400  -0.938  1.00 50.54 ? 1478 HOH A O   1 
HETATM 1440 O O   . HOH H 5 .   ? 3.590   -5.153  -10.873 1.00 54.26 ? 1479 HOH A O   1 
HETATM 1441 O O   . HOH H 5 .   ? 14.460  4.490   -8.994  0.57 40.66 ? 1480 HOH A O   1 
HETATM 1442 O O   . HOH H 5 .   ? 1.205   17.562  -5.888  1.00 69.83 ? 1481 HOH A O   1 
HETATM 1443 O O   . HOH H 5 .   ? 4.545   16.979  -2.376  1.00 32.43 ? 1482 HOH A O   1 
HETATM 1444 O O   . HOH H 5 .   ? 5.288   7.577   8.237   1.00 39.66 ? 1483 HOH A O   1 
HETATM 1445 O O   . HOH H 5 .   ? -20.326 7.649   -9.617  1.00 56.95 ? 1484 HOH A O   1 
HETATM 1446 O O   . HOH H 5 .   ? -2.821  14.479  -3.766  1.00 59.44 ? 1485 HOH A O   1 
HETATM 1447 O O   . HOH H 5 .   ? 5.335   0.084   11.253  1.00 46.61 ? 1486 HOH A O   1 
HETATM 1448 O O   . HOH H 5 .   ? -3.196  15.562  0.904   1.00 44.10 ? 1487 HOH A O   1 
HETATM 1449 O O   . HOH H 5 .   ? 5.742   16.872  2.783   1.00 65.89 ? 1488 HOH A O   1 
HETATM 1450 O O   . HOH H 5 .   ? -20.979 0.435   13.104  1.00 49.59 ? 1489 HOH A O   1 
HETATM 1451 O O   . HOH H 5 .   ? -11.808 1.351   -9.449  1.00 17.85 ? 1490 HOH A O   1 
HETATM 1452 O O   . HOH H 5 .   ? 20.230  9.686   13.150  1.00 56.65 ? 1491 HOH A O   1 
HETATM 1453 O O   . HOH H 5 .   ? -11.898 -15.731 -6.666  1.00 52.41 ? 1492 HOH A O   1 
HETATM 1454 O O   . HOH H 5 .   ? 3.143   4.463   10.044  1.00 48.83 ? 1493 HOH A O   1 
HETATM 1455 O O   . HOH H 5 .   ? -7.654  11.458  4.276   1.00 42.47 ? 1494 HOH A O   1 
HETATM 1456 O O   . HOH H 5 .   ? 2.450   -2.276  9.487   1.00 50.17 ? 1495 HOH A O   1 
HETATM 1457 O O   . HOH H 5 .   ? 0.664   -1.192  -12.257 1.00 44.49 ? 1496 HOH A O   1 
HETATM 1458 O O   . HOH H 5 .   ? -20.056 -3.838  13.912  1.00 57.88 ? 1497 HOH A O   1 
HETATM 1459 O O   . HOH H 5 .   ? 0.411   -7.916  -12.348 1.00 54.61 ? 1498 HOH A O   1 
HETATM 1460 O O   . HOH H 5 .   ? 8.146   -3.228  10.697  1.00 28.67 ? 1499 HOH A O   1 
HETATM 1461 O O   . HOH H 5 .   ? 10.803  11.761  9.514   1.00 42.81 ? 1500 HOH A O   1 
HETATM 1462 O O   . HOH H 5 .   ? -1.704  13.072  -7.946  1.00 50.65 ? 1501 HOH A O   1 
HETATM 1463 O O   . HOH H 5 .   ? 11.784  -2.443  13.277  1.00 55.35 ? 1502 HOH A O   1 
HETATM 1464 O O   . HOH H 5 .   ? 6.362   -0.648  -11.863 1.00 48.61 ? 1503 HOH A O   1 
HETATM 1465 O O   . HOH H 5 .   ? 7.439   -0.463  11.243  1.00 32.72 ? 1504 HOH A O   1 
HETATM 1466 O O   . HOH H 5 .   ? 7.104   7.049   10.506  1.00 45.83 ? 1505 HOH A O   1 
HETATM 1467 O O   . HOH H 5 .   ? -2.385  -16.821 -6.734  1.00 33.27 ? 1506 HOH A O   1 
HETATM 1468 O O   . HOH H 5 .   ? 5.146   -5.300  12.947  1.00 42.29 ? 1507 HOH A O   1 
HETATM 1469 O O   . HOH H 5 .   ? 4.389   -2.598  10.943  1.00 54.91 ? 1508 HOH A O   1 
HETATM 1470 O O   . HOH H 5 .   ? -22.593 5.166   -6.022  1.00 51.21 ? 1509 HOH A O   1 
HETATM 1471 O O   . HOH H 5 .   ? -2.562  10.605  6.117   1.00 59.46 ? 1510 HOH A O   1 
HETATM 1472 O O   . HOH H 5 .   ? -14.027 5.066   4.407   1.00 35.50 ? 1511 HOH A O   1 
HETATM 1473 O O   . HOH H 5 .   ? 5.324   5.389   12.090  1.00 54.06 ? 1512 HOH A O   1 
HETATM 1474 O O   . HOH H 5 .   ? 17.336  19.097  0.963   1.00 24.93 ? 1513 HOH A O   1 
HETATM 1475 O O   . HOH H 5 .   ? -4.561  13.173  -5.883  1.00 50.71 ? 1514 HOH A O   1 
HETATM 1476 O O   . HOH H 5 .   ? -7.693  14.983  0.646   1.00 38.14 ? 1515 HOH A O   1 
HETATM 1477 O O   . HOH H 5 .   ? 23.511  2.391   -0.259  0.57 43.85 ? 1516 HOH A O   1 
HETATM 1478 O O   . HOH H 5 .   ? -2.145  -4.710  -11.360 1.00 40.23 ? 1517 HOH A O   1 
HETATM 1479 O O   . HOH H 5 .   ? -10.592 -13.714 7.014   1.00 59.37 ? 1518 HOH A O   1 
HETATM 1480 O O   . HOH H 5 .   ? -2.366  10.744  -8.723  1.00 41.68 ? 1519 HOH A O   1 
HETATM 1481 O O   . HOH H 5 .   ? 9.468   -4.118  13.035  1.00 43.83 ? 1520 HOH A O   1 
HETATM 1482 O O   . HOH H 5 .   ? 8.094   13.308  8.215   1.00 52.66 ? 1521 HOH A O   1 
HETATM 1483 O O   . HOH H 5 .   ? -5.609  16.569  -0.147  1.00 51.96 ? 1522 HOH A O   1 
HETATM 1484 O O   . HOH H 5 .   ? -5.477  16.374  -2.832  1.00 58.43 ? 1523 HOH A O   1 
HETATM 1485 O O   . HOH H 5 .   ? 1.447   -4.780  -12.292 1.00 53.37 ? 1524 HOH A O   1 
# 
